data_1M8U
# 
_entry.id   1M8U 
# 
_audit_conform.dict_name       mmcif_pdbx.dic 
_audit_conform.dict_version    5.386 
_audit_conform.dict_location   http://mmcif.pdb.org/dictionaries/ascii/mmcif_pdbx.dic 
# 
loop_
_database_2.database_id 
_database_2.database_code 
_database_2.pdbx_database_accession 
_database_2.pdbx_DOI 
PDB   1M8U         pdb_00001m8u 10.2210/pdb1m8u/pdb 
RCSB  RCSB016740   ?            ?                   
WWPDB D_1000016740 ?            ?                   
# 
loop_
_pdbx_audit_revision_history.ordinal 
_pdbx_audit_revision_history.data_content_type 
_pdbx_audit_revision_history.major_revision 
_pdbx_audit_revision_history.minor_revision 
_pdbx_audit_revision_history.revision_date 
1 'Structure model' 1 0 2003-08-05 
2 'Structure model' 1 1 2008-04-28 
3 'Structure model' 1 2 2011-07-13 
4 'Structure model' 1 3 2024-02-14 
# 
_pdbx_audit_revision_details.ordinal             1 
_pdbx_audit_revision_details.revision_ordinal    1 
_pdbx_audit_revision_details.data_content_type   'Structure model' 
_pdbx_audit_revision_details.provider            repository 
_pdbx_audit_revision_details.type                'Initial release' 
_pdbx_audit_revision_details.description         ? 
_pdbx_audit_revision_details.details             ? 
# 
loop_
_pdbx_audit_revision_group.ordinal 
_pdbx_audit_revision_group.revision_ordinal 
_pdbx_audit_revision_group.data_content_type 
_pdbx_audit_revision_group.group 
1 2 'Structure model' 'Version format compliance' 
2 3 'Structure model' 'Version format compliance' 
3 4 'Structure model' 'Data collection'           
4 4 'Structure model' 'Database references'       
5 4 'Structure model' 'Refinement description'    
# 
loop_
_pdbx_audit_revision_category.ordinal 
_pdbx_audit_revision_category.revision_ordinal 
_pdbx_audit_revision_category.data_content_type 
_pdbx_audit_revision_category.category 
1 4 'Structure model' chem_comp_atom                
2 4 'Structure model' chem_comp_bond                
3 4 'Structure model' database_2                    
4 4 'Structure model' pdbx_initial_refinement_model 
# 
loop_
_pdbx_audit_revision_item.ordinal 
_pdbx_audit_revision_item.revision_ordinal 
_pdbx_audit_revision_item.data_content_type 
_pdbx_audit_revision_item.item 
1 4 'Structure model' '_database_2.pdbx_DOI'                
2 4 'Structure model' '_database_2.pdbx_database_accession' 
# 
_pdbx_database_status.status_code                     REL 
_pdbx_database_status.entry_id                        1M8U 
_pdbx_database_status.recvd_initial_deposition_date   2002-07-26 
_pdbx_database_status.deposit_site                    RCSB 
_pdbx_database_status.process_site                    RCSB 
_pdbx_database_status.status_code_sf                  REL 
_pdbx_database_status.SG_entry                        . 
_pdbx_database_status.pdb_format_compatible           Y 
_pdbx_database_status.status_code_mr                  ? 
_pdbx_database_status.status_code_cs                  ? 
_pdbx_database_status.status_code_nmr_data            ? 
_pdbx_database_status.methods_development_category    ? 
# 
loop_
_audit_author.name 
_audit_author.pdbx_ordinal 
'Mayer, C.'           1 
'Agueznay, N.'        2 
'Skouri-Panet, F.'    3 
'Prat, K.'            4 
'Putilina, T.'        5 
'Biarrotte-Sorin, S.' 6 
'Tardieu, A.'         7 
# 
_citation.id                        primary 
_citation.title                     'Crystal Structure of Bovine gamma-E' 
_citation.journal_abbrev            'To be Published' 
_citation.journal_volume            ? 
_citation.page_first                ? 
_citation.page_last                 ? 
_citation.year                      ? 
_citation.journal_id_ASTM           ? 
_citation.country                   ? 
_citation.journal_id_ISSN           ? 
_citation.journal_id_CSD            0353 
_citation.book_publisher            ? 
_citation.pdbx_database_id_PubMed   ? 
_citation.pdbx_database_id_DOI      ? 
# 
loop_
_citation_author.citation_id 
_citation_author.name 
_citation_author.ordinal 
_citation_author.identifier_ORCID 
primary 'Mayer, C.'           1 ? 
primary 'Agueznay, N.'        2 ? 
primary 'Skouri-Panet, F.'    3 ? 
primary 'Prat, K.'            4 ? 
primary 'Putilina, T.'        5 ? 
primary 'Biarrotte-Sorin, S.' 6 ? 
primary 'Tardieu, A.'         7 ? 
# 
loop_
_entity.id 
_entity.type 
_entity.src_method 
_entity.pdbx_description 
_entity.formula_weight 
_entity.pdbx_number_of_molecules 
_entity.pdbx_ec 
_entity.pdbx_mutation 
_entity.pdbx_fragment 
_entity.details 
1 polymer nat gamma-E 21062.420 1   ? ? ? ? 
2 water   nat water   18.015    315 ? ? ? ? 
# 
_entity_poly.entity_id                      1 
_entity_poly.type                           'polypeptide(L)' 
_entity_poly.nstd_linkage                   no 
_entity_poly.nstd_monomer                   no 
_entity_poly.pdbx_seq_one_letter_code       
;GKITFYEDRGFQGRHYECSSDHSNLQPYFSRCNSIRVDSGCWMIYEQPNFQGPQYFLRRGDYPDYQQWMGLNDSIRSCRL
IPHTSSHRLRIYEREDYRGQMVEITEDCSSLHERFHFSEIHSFHVLEGWWVLYEMPNYRGRQYLLRPGDYRRYHEWGAVD
ARVGSLRRAVDFY
;
_entity_poly.pdbx_seq_one_letter_code_can   
;GKITFYEDRGFQGRHYECSSDHSNLQPYFSRCNSIRVDSGCWMIYEQPNFQGPQYFLRRGDYPDYQQWMGLNDSIRSCRL
IPHTSSHRLRIYEREDYRGQMVEITEDCSSLHERFHFSEIHSFHVLEGWWVLYEMPNYRGRQYLLRPGDYRRYHEWGAVD
ARVGSLRRAVDFY
;
_entity_poly.pdbx_strand_id                 A 
_entity_poly.pdbx_target_identifier         ? 
# 
_pdbx_entity_nonpoly.entity_id   2 
_pdbx_entity_nonpoly.name        water 
_pdbx_entity_nonpoly.comp_id     HOH 
# 
loop_
_entity_poly_seq.entity_id 
_entity_poly_seq.num 
_entity_poly_seq.mon_id 
_entity_poly_seq.hetero 
1 1   GLY n 
1 2   LYS n 
1 3   ILE n 
1 4   THR n 
1 5   PHE n 
1 6   TYR n 
1 7   GLU n 
1 8   ASP n 
1 9   ARG n 
1 10  GLY n 
1 11  PHE n 
1 12  GLN n 
1 13  GLY n 
1 14  ARG n 
1 15  HIS n 
1 16  TYR n 
1 17  GLU n 
1 18  CYS n 
1 19  SER n 
1 20  SER n 
1 21  ASP n 
1 22  HIS n 
1 23  SER n 
1 24  ASN n 
1 25  LEU n 
1 26  GLN n 
1 27  PRO n 
1 28  TYR n 
1 29  PHE n 
1 30  SER n 
1 31  ARG n 
1 32  CYS n 
1 33  ASN n 
1 34  SER n 
1 35  ILE n 
1 36  ARG n 
1 37  VAL n 
1 38  ASP n 
1 39  SER n 
1 40  GLY n 
1 41  CYS n 
1 42  TRP n 
1 43  MET n 
1 44  ILE n 
1 45  TYR n 
1 46  GLU n 
1 47  GLN n 
1 48  PRO n 
1 49  ASN n 
1 50  PHE n 
1 51  GLN n 
1 52  GLY n 
1 53  PRO n 
1 54  GLN n 
1 55  TYR n 
1 56  PHE n 
1 57  LEU n 
1 58  ARG n 
1 59  ARG n 
1 60  GLY n 
1 61  ASP n 
1 62  TYR n 
1 63  PRO n 
1 64  ASP n 
1 65  TYR n 
1 66  GLN n 
1 67  GLN n 
1 68  TRP n 
1 69  MET n 
1 70  GLY n 
1 71  LEU n 
1 72  ASN n 
1 73  ASP n 
1 74  SER n 
1 75  ILE n 
1 76  ARG n 
1 77  SER n 
1 78  CYS n 
1 79  ARG n 
1 80  LEU n 
1 81  ILE n 
1 82  PRO n 
1 83  HIS n 
1 84  THR n 
1 85  SER n 
1 86  SER n 
1 87  HIS n 
1 88  ARG n 
1 89  LEU n 
1 90  ARG n 
1 91  ILE n 
1 92  TYR n 
1 93  GLU n 
1 94  ARG n 
1 95  GLU n 
1 96  ASP n 
1 97  TYR n 
1 98  ARG n 
1 99  GLY n 
1 100 GLN n 
1 101 MET n 
1 102 VAL n 
1 103 GLU n 
1 104 ILE n 
1 105 THR n 
1 106 GLU n 
1 107 ASP n 
1 108 CYS n 
1 109 SER n 
1 110 SER n 
1 111 LEU n 
1 112 HIS n 
1 113 GLU n 
1 114 ARG n 
1 115 PHE n 
1 116 HIS n 
1 117 PHE n 
1 118 SER n 
1 119 GLU n 
1 120 ILE n 
1 121 HIS n 
1 122 SER n 
1 123 PHE n 
1 124 HIS n 
1 125 VAL n 
1 126 LEU n 
1 127 GLU n 
1 128 GLY n 
1 129 TRP n 
1 130 TRP n 
1 131 VAL n 
1 132 LEU n 
1 133 TYR n 
1 134 GLU n 
1 135 MET n 
1 136 PRO n 
1 137 ASN n 
1 138 TYR n 
1 139 ARG n 
1 140 GLY n 
1 141 ARG n 
1 142 GLN n 
1 143 TYR n 
1 144 LEU n 
1 145 LEU n 
1 146 ARG n 
1 147 PRO n 
1 148 GLY n 
1 149 ASP n 
1 150 TYR n 
1 151 ARG n 
1 152 ARG n 
1 153 TYR n 
1 154 HIS n 
1 155 GLU n 
1 156 TRP n 
1 157 GLY n 
1 158 ALA n 
1 159 VAL n 
1 160 ASP n 
1 161 ALA n 
1 162 ARG n 
1 163 VAL n 
1 164 GLY n 
1 165 SER n 
1 166 LEU n 
1 167 ARG n 
1 168 ARG n 
1 169 ALA n 
1 170 VAL n 
1 171 ASP n 
1 172 PHE n 
1 173 TYR n 
# 
_entity_src_nat.entity_id                  1 
_entity_src_nat.pdbx_src_id                1 
_entity_src_nat.pdbx_alt_source_flag       sample 
_entity_src_nat.pdbx_beg_seq_num           ? 
_entity_src_nat.pdbx_end_seq_num           ? 
_entity_src_nat.common_name                cattle 
_entity_src_nat.pdbx_organism_scientific   'Bos taurus' 
_entity_src_nat.pdbx_ncbi_taxonomy_id      9913 
_entity_src_nat.genus                      Bos 
_entity_src_nat.species                    ? 
_entity_src_nat.strain                     ? 
_entity_src_nat.tissue                     ? 
_entity_src_nat.tissue_fraction            ? 
_entity_src_nat.pdbx_secretion             ? 
_entity_src_nat.pdbx_fragment              ? 
_entity_src_nat.pdbx_variant               ? 
_entity_src_nat.pdbx_cell_line             ? 
_entity_src_nat.pdbx_atcc                  ? 
_entity_src_nat.pdbx_cellular_location     ? 
_entity_src_nat.pdbx_organ                 ? 
_entity_src_nat.pdbx_organelle             ? 
_entity_src_nat.pdbx_cell                  ? 
_entity_src_nat.pdbx_plasmid_name          ? 
_entity_src_nat.pdbx_plasmid_details       ? 
_entity_src_nat.details                    'extracted from calf eye lens' 
# 
loop_
_chem_comp.id 
_chem_comp.type 
_chem_comp.mon_nstd_flag 
_chem_comp.name 
_chem_comp.pdbx_synonyms 
_chem_comp.formula 
_chem_comp.formula_weight 
ALA 'L-peptide linking' y ALANINE         ? 'C3 H7 N O2'     89.093  
ARG 'L-peptide linking' y ARGININE        ? 'C6 H15 N4 O2 1' 175.209 
ASN 'L-peptide linking' y ASPARAGINE      ? 'C4 H8 N2 O3'    132.118 
ASP 'L-peptide linking' y 'ASPARTIC ACID' ? 'C4 H7 N O4'     133.103 
CYS 'L-peptide linking' y CYSTEINE        ? 'C3 H7 N O2 S'   121.158 
GLN 'L-peptide linking' y GLUTAMINE       ? 'C5 H10 N2 O3'   146.144 
GLU 'L-peptide linking' y 'GLUTAMIC ACID' ? 'C5 H9 N O4'     147.129 
GLY 'peptide linking'   y GLYCINE         ? 'C2 H5 N O2'     75.067  
HIS 'L-peptide linking' y HISTIDINE       ? 'C6 H10 N3 O2 1' 156.162 
HOH non-polymer         . WATER           ? 'H2 O'           18.015  
ILE 'L-peptide linking' y ISOLEUCINE      ? 'C6 H13 N O2'    131.173 
LEU 'L-peptide linking' y LEUCINE         ? 'C6 H13 N O2'    131.173 
LYS 'L-peptide linking' y LYSINE          ? 'C6 H15 N2 O2 1' 147.195 
MET 'L-peptide linking' y METHIONINE      ? 'C5 H11 N O2 S'  149.211 
PHE 'L-peptide linking' y PHENYLALANINE   ? 'C9 H11 N O2'    165.189 
PRO 'L-peptide linking' y PROLINE         ? 'C5 H9 N O2'     115.130 
SER 'L-peptide linking' y SERINE          ? 'C3 H7 N O3'     105.093 
THR 'L-peptide linking' y THREONINE       ? 'C4 H9 N O3'     119.119 
TRP 'L-peptide linking' y TRYPTOPHAN      ? 'C11 H12 N2 O2'  204.225 
TYR 'L-peptide linking' y TYROSINE        ? 'C9 H11 N O3'    181.189 
VAL 'L-peptide linking' y VALINE          ? 'C5 H11 N O2'    117.146 
# 
loop_
_pdbx_poly_seq_scheme.asym_id 
_pdbx_poly_seq_scheme.entity_id 
_pdbx_poly_seq_scheme.seq_id 
_pdbx_poly_seq_scheme.mon_id 
_pdbx_poly_seq_scheme.ndb_seq_num 
_pdbx_poly_seq_scheme.pdb_seq_num 
_pdbx_poly_seq_scheme.auth_seq_num 
_pdbx_poly_seq_scheme.pdb_mon_id 
_pdbx_poly_seq_scheme.auth_mon_id 
_pdbx_poly_seq_scheme.pdb_strand_id 
_pdbx_poly_seq_scheme.pdb_ins_code 
_pdbx_poly_seq_scheme.hetero 
A 1 1   GLY 1   1   1   GLY GLY A . n 
A 1 2   LYS 2   2   2   LYS LYS A . n 
A 1 3   ILE 3   3   3   ILE ILE A . n 
A 1 4   THR 4   4   4   THR THR A . n 
A 1 5   PHE 5   5   5   PHE PHE A . n 
A 1 6   TYR 6   6   6   TYR TYR A . n 
A 1 7   GLU 7   7   7   GLU GLU A . n 
A 1 8   ASP 8   8   8   ASP ASP A . n 
A 1 9   ARG 9   9   9   ARG ARG A . n 
A 1 10  GLY 10  10  10  GLY GLY A . n 
A 1 11  PHE 11  11  11  PHE PHE A . n 
A 1 12  GLN 12  12  12  GLN GLN A . n 
A 1 13  GLY 13  13  13  GLY GLY A . n 
A 1 14  ARG 14  14  14  ARG ARG A . n 
A 1 15  HIS 15  15  15  HIS HIS A . n 
A 1 16  TYR 16  16  16  TYR TYR A . n 
A 1 17  GLU 17  17  17  GLU GLU A . n 
A 1 18  CYS 18  18  18  CYS CYS A . n 
A 1 19  SER 19  19  19  SER SER A . n 
A 1 20  SER 20  20  20  SER SER A . n 
A 1 21  ASP 21  21  21  ASP ASP A . n 
A 1 22  HIS 22  22  22  HIS HIS A . n 
A 1 23  SER 23  23  23  SER SER A . n 
A 1 24  ASN 24  24  24  ASN ASN A . n 
A 1 25  LEU 25  25  25  LEU LEU A . n 
A 1 26  GLN 26  26  26  GLN GLN A . n 
A 1 27  PRO 27  27  27  PRO PRO A . n 
A 1 28  TYR 28  28  28  TYR TYR A . n 
A 1 29  PHE 29  29  29  PHE PHE A . n 
A 1 30  SER 30  30  30  SER SER A . n 
A 1 31  ARG 31  31  31  ARG ARG A . n 
A 1 32  CYS 32  32  32  CYS CYS A . n 
A 1 33  ASN 33  33  33  ASN ASN A . n 
A 1 34  SER 34  34  34  SER SER A . n 
A 1 35  ILE 35  35  35  ILE ILE A . n 
A 1 36  ARG 36  36  36  ARG ARG A . n 
A 1 37  VAL 37  37  37  VAL VAL A . n 
A 1 38  ASP 38  38  38  ASP ASP A . n 
A 1 39  SER 39  39  39  SER SER A . n 
A 1 40  GLY 40  40  40  GLY GLY A . n 
A 1 41  CYS 41  41  41  CYS CYS A . n 
A 1 42  TRP 42  42  42  TRP TRP A . n 
A 1 43  MET 43  43  43  MET MET A . n 
A 1 44  ILE 44  44  44  ILE ILE A . n 
A 1 45  TYR 45  45  45  TYR TYR A . n 
A 1 46  GLU 46  46  46  GLU GLU A . n 
A 1 47  GLN 47  47  47  GLN GLN A . n 
A 1 48  PRO 48  48  48  PRO PRO A . n 
A 1 49  ASN 49  49  49  ASN ASN A . n 
A 1 50  PHE 50  50  50  PHE PHE A . n 
A 1 51  GLN 51  51  51  GLN GLN A . n 
A 1 52  GLY 52  52  52  GLY GLY A . n 
A 1 53  PRO 53  53  53  PRO PRO A . n 
A 1 54  GLN 54  54  54  GLN GLN A . n 
A 1 55  TYR 55  55  55  TYR TYR A . n 
A 1 56  PHE 56  56  56  PHE PHE A . n 
A 1 57  LEU 57  57  57  LEU LEU A . n 
A 1 58  ARG 58  58  58  ARG ARG A . n 
A 1 59  ARG 59  59  59  ARG ARG A . n 
A 1 60  GLY 60  60  60  GLY GLY A . n 
A 1 61  ASP 61  61  61  ASP ASP A . n 
A 1 62  TYR 62  62  62  TYR TYR A . n 
A 1 63  PRO 63  63  63  PRO PRO A . n 
A 1 64  ASP 64  64  64  ASP ASP A . n 
A 1 65  TYR 65  65  65  TYR TYR A . n 
A 1 66  GLN 66  66  66  GLN GLN A . n 
A 1 67  GLN 67  67  67  GLN GLN A . n 
A 1 68  TRP 68  68  68  TRP TRP A . n 
A 1 69  MET 69  69  69  MET MET A . n 
A 1 70  GLY 70  70  70  GLY GLY A . n 
A 1 71  LEU 71  71  71  LEU LEU A . n 
A 1 72  ASN 72  72  72  ASN ASN A . n 
A 1 73  ASP 73  73  73  ASP ASP A . n 
A 1 74  SER 74  74  74  SER SER A . n 
A 1 75  ILE 75  75  75  ILE ILE A . n 
A 1 76  ARG 76  76  76  ARG ARG A . n 
A 1 77  SER 77  77  77  SER SER A . n 
A 1 78  CYS 78  78  78  CYS CYS A . n 
A 1 79  ARG 79  79  79  ARG ARG A . n 
A 1 80  LEU 80  80  80  LEU LEU A . n 
A 1 81  ILE 81  81  81  ILE ILE A . n 
A 1 82  PRO 82  82  82  PRO PRO A . n 
A 1 83  HIS 83  83  83  HIS HIS A . n 
A 1 84  THR 84  84  84  THR THR A . n 
A 1 85  SER 85  85  85  SER SER A . n 
A 1 86  SER 86  87  87  SER SER A . n 
A 1 87  HIS 87  88  88  HIS HIS A . n 
A 1 88  ARG 88  89  89  ARG ARG A . n 
A 1 89  LEU 89  90  90  LEU LEU A . n 
A 1 90  ARG 90  91  91  ARG ARG A . n 
A 1 91  ILE 91  92  92  ILE ILE A . n 
A 1 92  TYR 92  93  93  TYR TYR A . n 
A 1 93  GLU 93  94  94  GLU GLU A . n 
A 1 94  ARG 94  95  95  ARG ARG A . n 
A 1 95  GLU 95  96  96  GLU GLU A . n 
A 1 96  ASP 96  97  97  ASP ASP A . n 
A 1 97  TYR 97  98  98  TYR TYR A . n 
A 1 98  ARG 98  99  99  ARG ARG A . n 
A 1 99  GLY 99  100 100 GLY GLY A . n 
A 1 100 GLN 100 101 101 GLN GLN A . n 
A 1 101 MET 101 102 102 MET MET A . n 
A 1 102 VAL 102 103 103 VAL VAL A . n 
A 1 103 GLU 103 104 104 GLU GLU A . n 
A 1 104 ILE 104 105 105 ILE ILE A . n 
A 1 105 THR 105 106 106 THR THR A . n 
A 1 106 GLU 106 107 107 GLU GLU A . n 
A 1 107 ASP 107 108 108 ASP ASP A . n 
A 1 108 CYS 108 109 109 CYS CYS A . n 
A 1 109 SER 109 110 110 SER SER A . n 
A 1 110 SER 110 111 111 SER SER A . n 
A 1 111 LEU 111 112 112 LEU LEU A . n 
A 1 112 HIS 112 113 113 HIS HIS A . n 
A 1 113 GLU 113 114 114 GLU GLU A . n 
A 1 114 ARG 114 115 115 ARG ARG A . n 
A 1 115 PHE 115 116 116 PHE PHE A . n 
A 1 116 HIS 116 117 117 HIS HIS A . n 
A 1 117 PHE 117 118 118 PHE PHE A . n 
A 1 118 SER 118 119 119 SER SER A . n 
A 1 119 GLU 119 120 120 GLU GLU A . n 
A 1 120 ILE 120 121 121 ILE ILE A . n 
A 1 121 HIS 121 122 122 HIS HIS A . n 
A 1 122 SER 122 123 123 SER SER A . n 
A 1 123 PHE 123 124 124 PHE PHE A . n 
A 1 124 HIS 124 125 125 HIS HIS A . n 
A 1 125 VAL 125 126 126 VAL VAL A . n 
A 1 126 LEU 126 127 127 LEU LEU A . n 
A 1 127 GLU 127 128 128 GLU GLU A . n 
A 1 128 GLY 128 129 129 GLY GLY A . n 
A 1 129 TRP 129 130 130 TRP TRP A . n 
A 1 130 TRP 130 131 131 TRP TRP A . n 
A 1 131 VAL 131 132 132 VAL VAL A . n 
A 1 132 LEU 132 133 133 LEU LEU A . n 
A 1 133 TYR 133 134 134 TYR TYR A . n 
A 1 134 GLU 134 135 135 GLU GLU A . n 
A 1 135 MET 135 136 136 MET MET A . n 
A 1 136 PRO 136 137 137 PRO PRO A . n 
A 1 137 ASN 137 138 138 ASN ASN A . n 
A 1 138 TYR 138 139 139 TYR TYR A . n 
A 1 139 ARG 139 140 140 ARG ARG A . n 
A 1 140 GLY 140 141 141 GLY GLY A . n 
A 1 141 ARG 141 142 142 ARG ARG A . n 
A 1 142 GLN 142 143 143 GLN GLN A . n 
A 1 143 TYR 143 144 144 TYR TYR A . n 
A 1 144 LEU 144 145 145 LEU LEU A . n 
A 1 145 LEU 145 146 146 LEU LEU A . n 
A 1 146 ARG 146 147 147 ARG ARG A . n 
A 1 147 PRO 147 148 148 PRO PRO A . n 
A 1 148 GLY 148 149 149 GLY GLY A . n 
A 1 149 ASP 149 150 150 ASP ASP A . n 
A 1 150 TYR 150 151 151 TYR TYR A . n 
A 1 151 ARG 151 152 152 ARG ARG A . n 
A 1 152 ARG 152 153 153 ARG ARG A . n 
A 1 153 TYR 153 154 154 TYR TYR A . n 
A 1 154 HIS 154 155 155 HIS HIS A . n 
A 1 155 GLU 155 156 156 GLU GLU A . n 
A 1 156 TRP 156 157 157 TRP TRP A . n 
A 1 157 GLY 157 158 158 GLY GLY A . n 
A 1 158 ALA 158 159 159 ALA ALA A . n 
A 1 159 VAL 159 160 160 VAL VAL A . n 
A 1 160 ASP 160 161 161 ASP ASP A . n 
A 1 161 ALA 161 162 162 ALA ALA A . n 
A 1 162 ARG 162 163 163 ARG ARG A . n 
A 1 163 VAL 163 164 164 VAL VAL A . n 
A 1 164 GLY 164 165 165 GLY GLY A . n 
A 1 165 SER 165 166 166 SER SER A . n 
A 1 166 LEU 166 167 167 LEU LEU A . n 
A 1 167 ARG 167 168 168 ARG ARG A . n 
A 1 168 ARG 168 169 169 ARG ARG A . n 
A 1 169 ALA 169 170 170 ALA ALA A . n 
A 1 170 VAL 170 171 171 VAL VAL A . n 
A 1 171 ASP 171 172 172 ASP ASP A . n 
A 1 172 PHE 172 173 173 PHE PHE A . n 
A 1 173 TYR 173 174 174 TYR TYR A . n 
# 
loop_
_pdbx_nonpoly_scheme.asym_id 
_pdbx_nonpoly_scheme.entity_id 
_pdbx_nonpoly_scheme.mon_id 
_pdbx_nonpoly_scheme.ndb_seq_num 
_pdbx_nonpoly_scheme.pdb_seq_num 
_pdbx_nonpoly_scheme.auth_seq_num 
_pdbx_nonpoly_scheme.pdb_mon_id 
_pdbx_nonpoly_scheme.auth_mon_id 
_pdbx_nonpoly_scheme.pdb_strand_id 
_pdbx_nonpoly_scheme.pdb_ins_code 
B 2 HOH 1   175 1   HOH TIP A . 
B 2 HOH 2   176 2   HOH TIP A . 
B 2 HOH 3   177 3   HOH TIP A . 
B 2 HOH 4   178 4   HOH TIP A . 
B 2 HOH 5   179 5   HOH TIP A . 
B 2 HOH 6   180 6   HOH TIP A . 
B 2 HOH 7   181 7   HOH TIP A . 
B 2 HOH 8   182 8   HOH TIP A . 
B 2 HOH 9   183 9   HOH TIP A . 
B 2 HOH 10  184 10  HOH TIP A . 
B 2 HOH 11  185 11  HOH TIP A . 
B 2 HOH 12  186 12  HOH TIP A . 
B 2 HOH 13  187 13  HOH TIP A . 
B 2 HOH 14  188 14  HOH TIP A . 
B 2 HOH 15  189 15  HOH TIP A . 
B 2 HOH 16  190 16  HOH TIP A . 
B 2 HOH 17  191 17  HOH TIP A . 
B 2 HOH 18  192 18  HOH TIP A . 
B 2 HOH 19  193 19  HOH TIP A . 
B 2 HOH 20  194 20  HOH TIP A . 
B 2 HOH 21  195 22  HOH TIP A . 
B 2 HOH 22  196 23  HOH TIP A . 
B 2 HOH 23  197 24  HOH TIP A . 
B 2 HOH 24  198 25  HOH TIP A . 
B 2 HOH 25  199 26  HOH TIP A . 
B 2 HOH 26  200 27  HOH TIP A . 
B 2 HOH 27  201 28  HOH TIP A . 
B 2 HOH 28  202 29  HOH TIP A . 
B 2 HOH 29  203 30  HOH TIP A . 
B 2 HOH 30  204 31  HOH TIP A . 
B 2 HOH 31  205 32  HOH TIP A . 
B 2 HOH 32  206 33  HOH TIP A . 
B 2 HOH 33  207 34  HOH TIP A . 
B 2 HOH 34  208 35  HOH TIP A . 
B 2 HOH 35  209 36  HOH TIP A . 
B 2 HOH 36  210 37  HOH TIP A . 
B 2 HOH 37  211 39  HOH TIP A . 
B 2 HOH 38  212 40  HOH TIP A . 
B 2 HOH 39  213 41  HOH TIP A . 
B 2 HOH 40  214 42  HOH TIP A . 
B 2 HOH 41  215 43  HOH TIP A . 
B 2 HOH 42  216 44  HOH TIP A . 
B 2 HOH 43  217 45  HOH TIP A . 
B 2 HOH 44  218 46  HOH TIP A . 
B 2 HOH 45  219 47  HOH TIP A . 
B 2 HOH 46  220 48  HOH TIP A . 
B 2 HOH 47  221 49  HOH TIP A . 
B 2 HOH 48  222 50  HOH TIP A . 
B 2 HOH 49  223 51  HOH TIP A . 
B 2 HOH 50  224 52  HOH TIP A . 
B 2 HOH 51  225 53  HOH TIP A . 
B 2 HOH 52  226 54  HOH TIP A . 
B 2 HOH 53  227 55  HOH TIP A . 
B 2 HOH 54  228 56  HOH TIP A . 
B 2 HOH 55  229 57  HOH TIP A . 
B 2 HOH 56  230 58  HOH TIP A . 
B 2 HOH 57  231 59  HOH TIP A . 
B 2 HOH 58  232 60  HOH TIP A . 
B 2 HOH 59  233 61  HOH TIP A . 
B 2 HOH 60  234 62  HOH TIP A . 
B 2 HOH 61  235 63  HOH TIP A . 
B 2 HOH 62  236 65  HOH TIP A . 
B 2 HOH 63  237 66  HOH TIP A . 
B 2 HOH 64  238 67  HOH TIP A . 
B 2 HOH 65  239 68  HOH TIP A . 
B 2 HOH 66  240 69  HOH TIP A . 
B 2 HOH 67  241 70  HOH TIP A . 
B 2 HOH 68  242 71  HOH TIP A . 
B 2 HOH 69  243 72  HOH TIP A . 
B 2 HOH 70  244 73  HOH TIP A . 
B 2 HOH 71  245 74  HOH TIP A . 
B 2 HOH 72  246 75  HOH TIP A . 
B 2 HOH 73  247 76  HOH TIP A . 
B 2 HOH 74  248 78  HOH TIP A . 
B 2 HOH 75  249 79  HOH TIP A . 
B 2 HOH 76  250 80  HOH TIP A . 
B 2 HOH 77  251 81  HOH TIP A . 
B 2 HOH 78  252 82  HOH TIP A . 
B 2 HOH 79  253 83  HOH TIP A . 
B 2 HOH 80  254 84  HOH TIP A . 
B 2 HOH 81  255 85  HOH TIP A . 
B 2 HOH 82  256 86  HOH TIP A . 
B 2 HOH 83  257 87  HOH TIP A . 
B 2 HOH 84  258 88  HOH TIP A . 
B 2 HOH 85  259 89  HOH TIP A . 
B 2 HOH 86  260 90  HOH TIP A . 
B 2 HOH 87  261 91  HOH TIP A . 
B 2 HOH 88  262 92  HOH TIP A . 
B 2 HOH 89  263 93  HOH TIP A . 
B 2 HOH 90  264 94  HOH TIP A . 
B 2 HOH 91  265 95  HOH TIP A . 
B 2 HOH 92  266 96  HOH TIP A . 
B 2 HOH 93  267 97  HOH TIP A . 
B 2 HOH 94  268 98  HOH TIP A . 
B 2 HOH 95  269 100 HOH TIP A . 
B 2 HOH 96  270 101 HOH TIP A . 
B 2 HOH 97  271 102 HOH TIP A . 
B 2 HOH 98  272 103 HOH TIP A . 
B 2 HOH 99  273 104 HOH TIP A . 
B 2 HOH 100 274 105 HOH TIP A . 
B 2 HOH 101 275 106 HOH TIP A . 
B 2 HOH 102 276 107 HOH TIP A . 
B 2 HOH 103 277 108 HOH TIP A . 
B 2 HOH 104 278 109 HOH TIP A . 
B 2 HOH 105 279 110 HOH TIP A . 
B 2 HOH 106 280 111 HOH TIP A . 
B 2 HOH 107 281 112 HOH TIP A . 
B 2 HOH 108 282 113 HOH TIP A . 
B 2 HOH 109 283 114 HOH TIP A . 
B 2 HOH 110 284 115 HOH TIP A . 
B 2 HOH 111 285 116 HOH TIP A . 
B 2 HOH 112 286 117 HOH TIP A . 
B 2 HOH 113 287 118 HOH TIP A . 
B 2 HOH 114 288 119 HOH TIP A . 
B 2 HOH 115 289 120 HOH TIP A . 
B 2 HOH 116 290 121 HOH TIP A . 
B 2 HOH 117 291 122 HOH TIP A . 
B 2 HOH 118 292 123 HOH TIP A . 
B 2 HOH 119 293 124 HOH TIP A . 
B 2 HOH 120 294 125 HOH TIP A . 
B 2 HOH 121 295 126 HOH TIP A . 
B 2 HOH 122 296 127 HOH TIP A . 
B 2 HOH 123 297 128 HOH TIP A . 
B 2 HOH 124 298 129 HOH TIP A . 
B 2 HOH 125 299 130 HOH TIP A . 
B 2 HOH 126 300 131 HOH TIP A . 
B 2 HOH 127 301 132 HOH TIP A . 
B 2 HOH 128 302 133 HOH TIP A . 
B 2 HOH 129 303 134 HOH TIP A . 
B 2 HOH 130 304 135 HOH TIP A . 
B 2 HOH 131 305 136 HOH TIP A . 
B 2 HOH 132 306 137 HOH TIP A . 
B 2 HOH 133 307 138 HOH TIP A . 
B 2 HOH 134 308 139 HOH TIP A . 
B 2 HOH 135 309 140 HOH TIP A . 
B 2 HOH 136 310 141 HOH TIP A . 
B 2 HOH 137 311 142 HOH TIP A . 
B 2 HOH 138 312 143 HOH TIP A . 
B 2 HOH 139 313 144 HOH TIP A . 
B 2 HOH 140 314 145 HOH TIP A . 
B 2 HOH 141 315 146 HOH TIP A . 
B 2 HOH 142 316 147 HOH TIP A . 
B 2 HOH 143 317 148 HOH TIP A . 
B 2 HOH 144 318 149 HOH TIP A . 
B 2 HOH 145 319 150 HOH TIP A . 
B 2 HOH 146 320 151 HOH TIP A . 
B 2 HOH 147 321 152 HOH TIP A . 
B 2 HOH 148 322 153 HOH TIP A . 
B 2 HOH 149 323 154 HOH TIP A . 
B 2 HOH 150 324 155 HOH TIP A . 
B 2 HOH 151 325 156 HOH TIP A . 
B 2 HOH 152 326 157 HOH TIP A . 
B 2 HOH 153 327 158 HOH TIP A . 
B 2 HOH 154 328 160 HOH TIP A . 
B 2 HOH 155 329 161 HOH TIP A . 
B 2 HOH 156 330 162 HOH TIP A . 
B 2 HOH 157 331 163 HOH TIP A . 
B 2 HOH 158 332 164 HOH TIP A . 
B 2 HOH 159 333 165 HOH TIP A . 
B 2 HOH 160 334 166 HOH TIP A . 
B 2 HOH 161 335 167 HOH TIP A . 
B 2 HOH 162 336 168 HOH TIP A . 
B 2 HOH 163 337 169 HOH TIP A . 
B 2 HOH 164 338 170 HOH TIP A . 
B 2 HOH 165 339 171 HOH TIP A . 
B 2 HOH 166 340 172 HOH TIP A . 
B 2 HOH 167 341 173 HOH TIP A . 
B 2 HOH 168 342 174 HOH TIP A . 
B 2 HOH 169 343 175 HOH TIP A . 
B 2 HOH 170 344 176 HOH TIP A . 
B 2 HOH 171 345 177 HOH TIP A . 
B 2 HOH 172 346 178 HOH TIP A . 
B 2 HOH 173 347 179 HOH TIP A . 
B 2 HOH 174 348 180 HOH TIP A . 
B 2 HOH 175 349 181 HOH TIP A . 
B 2 HOH 176 350 182 HOH TIP A . 
B 2 HOH 177 351 183 HOH TIP A . 
B 2 HOH 178 352 185 HOH TIP A . 
B 2 HOH 179 353 186 HOH TIP A . 
B 2 HOH 180 354 187 HOH TIP A . 
B 2 HOH 181 355 188 HOH TIP A . 
B 2 HOH 182 356 189 HOH TIP A . 
B 2 HOH 183 357 191 HOH TIP A . 
B 2 HOH 184 358 192 HOH TIP A . 
B 2 HOH 185 359 193 HOH TIP A . 
B 2 HOH 186 360 196 HOH TIP A . 
B 2 HOH 187 361 197 HOH TIP A . 
B 2 HOH 188 362 198 HOH TIP A . 
B 2 HOH 189 363 199 HOH TIP A . 
B 2 HOH 190 364 200 HOH TIP A . 
B 2 HOH 191 365 201 HOH TIP A . 
B 2 HOH 192 366 202 HOH TIP A . 
B 2 HOH 193 367 203 HOH TIP A . 
B 2 HOH 194 368 204 HOH TIP A . 
B 2 HOH 195 369 205 HOH TIP A . 
B 2 HOH 196 370 206 HOH TIP A . 
B 2 HOH 197 371 207 HOH TIP A . 
B 2 HOH 198 372 208 HOH TIP A . 
B 2 HOH 199 373 209 HOH TIP A . 
B 2 HOH 200 374 210 HOH TIP A . 
B 2 HOH 201 375 211 HOH TIP A . 
B 2 HOH 202 376 212 HOH TIP A . 
B 2 HOH 203 377 213 HOH TIP A . 
B 2 HOH 204 378 214 HOH TIP A . 
B 2 HOH 205 379 215 HOH TIP A . 
B 2 HOH 206 380 216 HOH TIP A . 
B 2 HOH 207 381 217 HOH TIP A . 
B 2 HOH 208 382 219 HOH TIP A . 
B 2 HOH 209 383 220 HOH TIP A . 
B 2 HOH 210 384 221 HOH TIP A . 
B 2 HOH 211 385 222 HOH TIP A . 
B 2 HOH 212 386 223 HOH TIP A . 
B 2 HOH 213 387 224 HOH TIP A . 
B 2 HOH 214 388 225 HOH TIP A . 
B 2 HOH 215 389 226 HOH TIP A . 
B 2 HOH 216 390 227 HOH TIP A . 
B 2 HOH 217 391 228 HOH TIP A . 
B 2 HOH 218 392 229 HOH TIP A . 
B 2 HOH 219 393 230 HOH TIP A . 
B 2 HOH 220 394 231 HOH TIP A . 
B 2 HOH 221 395 232 HOH TIP A . 
B 2 HOH 222 396 233 HOH TIP A . 
B 2 HOH 223 397 234 HOH TIP A . 
B 2 HOH 224 398 235 HOH TIP A . 
B 2 HOH 225 399 236 HOH TIP A . 
B 2 HOH 226 400 237 HOH TIP A . 
B 2 HOH 227 401 238 HOH TIP A . 
B 2 HOH 228 402 239 HOH TIP A . 
B 2 HOH 229 403 240 HOH TIP A . 
B 2 HOH 230 404 241 HOH TIP A . 
B 2 HOH 231 405 242 HOH TIP A . 
B 2 HOH 232 406 243 HOH TIP A . 
B 2 HOH 233 407 244 HOH TIP A . 
B 2 HOH 234 408 245 HOH TIP A . 
B 2 HOH 235 409 246 HOH TIP A . 
B 2 HOH 236 410 247 HOH TIP A . 
B 2 HOH 237 411 248 HOH TIP A . 
B 2 HOH 238 412 249 HOH TIP A . 
B 2 HOH 239 413 251 HOH TIP A . 
B 2 HOH 240 414 252 HOH TIP A . 
B 2 HOH 241 415 253 HOH TIP A . 
B 2 HOH 242 416 254 HOH TIP A . 
B 2 HOH 243 417 255 HOH TIP A . 
B 2 HOH 244 418 256 HOH TIP A . 
B 2 HOH 245 419 257 HOH TIP A . 
B 2 HOH 246 420 258 HOH TIP A . 
B 2 HOH 247 421 259 HOH TIP A . 
B 2 HOH 248 422 261 HOH TIP A . 
B 2 HOH 249 423 262 HOH TIP A . 
B 2 HOH 250 424 263 HOH TIP A . 
B 2 HOH 251 425 264 HOH TIP A . 
B 2 HOH 252 426 265 HOH TIP A . 
B 2 HOH 253 427 266 HOH TIP A . 
B 2 HOH 254 428 267 HOH TIP A . 
B 2 HOH 255 429 268 HOH TIP A . 
B 2 HOH 256 430 269 HOH TIP A . 
B 2 HOH 257 431 270 HOH TIP A . 
B 2 HOH 258 432 271 HOH TIP A . 
B 2 HOH 259 433 272 HOH TIP A . 
B 2 HOH 260 434 273 HOH TIP A . 
B 2 HOH 261 435 274 HOH TIP A . 
B 2 HOH 262 436 275 HOH TIP A . 
B 2 HOH 263 437 276 HOH TIP A . 
B 2 HOH 264 438 277 HOH TIP A . 
B 2 HOH 265 439 278 HOH TIP A . 
B 2 HOH 266 440 279 HOH TIP A . 
B 2 HOH 267 441 280 HOH TIP A . 
B 2 HOH 268 442 281 HOH TIP A . 
B 2 HOH 269 443 282 HOH TIP A . 
B 2 HOH 270 444 283 HOH TIP A . 
B 2 HOH 271 445 284 HOH TIP A . 
B 2 HOH 272 446 285 HOH TIP A . 
B 2 HOH 273 447 286 HOH TIP A . 
B 2 HOH 274 448 287 HOH TIP A . 
B 2 HOH 275 449 288 HOH TIP A . 
B 2 HOH 276 450 289 HOH TIP A . 
B 2 HOH 277 451 290 HOH TIP A . 
B 2 HOH 278 452 291 HOH TIP A . 
B 2 HOH 279 453 292 HOH TIP A . 
B 2 HOH 280 454 293 HOH TIP A . 
B 2 HOH 281 455 294 HOH TIP A . 
B 2 HOH 282 456 295 HOH TIP A . 
B 2 HOH 283 457 296 HOH TIP A . 
B 2 HOH 284 458 297 HOH TIP A . 
B 2 HOH 285 459 298 HOH TIP A . 
B 2 HOH 286 460 299 HOH TIP A . 
B 2 HOH 287 461 301 HOH TIP A . 
B 2 HOH 288 462 302 HOH TIP A . 
B 2 HOH 289 463 303 HOH TIP A . 
B 2 HOH 290 464 304 HOH TIP A . 
B 2 HOH 291 465 305 HOH TIP A . 
B 2 HOH 292 466 306 HOH TIP A . 
B 2 HOH 293 467 307 HOH TIP A . 
B 2 HOH 294 468 308 HOH TIP A . 
B 2 HOH 295 469 309 HOH TIP A . 
B 2 HOH 296 470 310 HOH TIP A . 
B 2 HOH 297 471 311 HOH TIP A . 
B 2 HOH 298 472 312 HOH TIP A . 
B 2 HOH 299 473 313 HOH TIP A . 
B 2 HOH 300 474 314 HOH TIP A . 
B 2 HOH 301 475 315 HOH TIP A . 
B 2 HOH 302 476 316 HOH TIP A . 
B 2 HOH 303 477 317 HOH TIP A . 
B 2 HOH 304 478 318 HOH TIP A . 
B 2 HOH 305 479 319 HOH TIP A . 
B 2 HOH 306 480 320 HOH TIP A . 
B 2 HOH 307 481 321 HOH TIP A . 
B 2 HOH 308 482 322 HOH TIP A . 
B 2 HOH 309 483 323 HOH TIP A . 
B 2 HOH 310 484 324 HOH TIP A . 
B 2 HOH 311 485 325 HOH TIP A . 
B 2 HOH 312 486 327 HOH TIP A . 
B 2 HOH 313 487 330 HOH TIP A . 
B 2 HOH 314 488 332 HOH TIP A . 
B 2 HOH 315 489 333 HOH TIP A . 
# 
loop_
_software.name 
_software.classification 
_software.version 
_software.citation_id 
_software.pdbx_ordinal 
MOSFLM 'data reduction' .         ? 1 
SCALA  'data scaling'   .         ? 2 
AMoRE  phasing          .         ? 3 
CNS    refinement       1.0       ? 4 
CCP4   'data scaling'   '(SCALA)' ? 5 
# 
_cell.entry_id           1M8U 
_cell.length_a           30.800 
_cell.length_b           36.710 
_cell.length_c           46.250 
_cell.angle_alpha        100.06 
_cell.angle_beta         106.92 
_cell.angle_gamma        105.27 
_cell.Z_PDB              1 
_cell.pdbx_unique_axis   ? 
# 
_symmetry.entry_id                         1M8U 
_symmetry.space_group_name_H-M             'P 1' 
_symmetry.pdbx_full_space_group_name_H-M   ? 
_symmetry.cell_setting                     ? 
_symmetry.Int_Tables_number                1 
# 
_exptl.entry_id          1M8U 
_exptl.method            'X-RAY DIFFRACTION' 
_exptl.crystals_number   1 
# 
_exptl_crystal.id                    1 
_exptl_crystal.density_meas          ? 
_exptl_crystal.density_percent_sol   47.6 
_exptl_crystal.density_Matthews      2.35 
_exptl_crystal.description           ? 
# 
_exptl_crystal_grow.crystal_id      1 
_exptl_crystal_grow.method          MICROBATCH 
_exptl_crystal_grow.temp            277 
_exptl_crystal_grow.temp_details    ? 
_exptl_crystal_grow.pH              4.5 
_exptl_crystal_grow.pdbx_details    'PEG 3000, sodium acetate, pH 4.5, microbatch, temperature 277K' 
_exptl_crystal_grow.pdbx_pH_range   . 
# 
_diffrn.id                     1 
_diffrn.ambient_temp           100 
_diffrn.ambient_temp_details   ? 
_diffrn.crystal_id             1 
# 
_diffrn_detector.diffrn_id              1 
_diffrn_detector.detector               CCD 
_diffrn_detector.type                   MARRESEARCH 
_diffrn_detector.pdbx_collection_date   2002-06-13 
_diffrn_detector.details                ? 
# 
_diffrn_radiation.diffrn_id                        1 
_diffrn_radiation.wavelength_id                    1 
_diffrn_radiation.pdbx_monochromatic_or_laue_m_l   M 
_diffrn_radiation.monochromator                    'mirror + double crystal + mirror' 
_diffrn_radiation.pdbx_diffrn_protocol             'SINGLE WAVELENGTH' 
_diffrn_radiation.pdbx_scattering_type             x-ray 
# 
_diffrn_radiation_wavelength.id           1 
_diffrn_radiation_wavelength.wavelength   0.9797 
_diffrn_radiation_wavelength.wt           1.0 
# 
_diffrn_source.diffrn_id                   1 
_diffrn_source.source                      SYNCHROTRON 
_diffrn_source.type                        'ESRF BEAMLINE BM30A' 
_diffrn_source.pdbx_synchrotron_site       ESRF 
_diffrn_source.pdbx_synchrotron_beamline   BM30A 
_diffrn_source.pdbx_wavelength             ? 
_diffrn_source.pdbx_wavelength_list        0.9797 
# 
_reflns.entry_id                     1M8U 
_reflns.observed_criterion_sigma_F   0 
_reflns.observed_criterion_sigma_I   0 
_reflns.d_resolution_high            1.65 
_reflns.d_resolution_low             28. 
_reflns.number_all                   ? 
_reflns.number_obs                   20771 
_reflns.percent_possible_obs         92.0 
_reflns.pdbx_Rmerge_I_obs            ? 
_reflns.pdbx_Rsym_value              0.051 
_reflns.pdbx_netI_over_sigmaI        8.0 
_reflns.B_iso_Wilson_estimate        11.4 
_reflns.pdbx_redundancy              2.2 
_reflns.R_free_details               ? 
_reflns.limit_h_max                  ? 
_reflns.limit_h_min                  ? 
_reflns.limit_k_max                  ? 
_reflns.limit_k_min                  ? 
_reflns.limit_l_max                  ? 
_reflns.limit_l_min                  ? 
_reflns.observed_criterion_F_max     ? 
_reflns.observed_criterion_F_min     ? 
_reflns.pdbx_diffrn_id               1 
_reflns.pdbx_ordinal                 1 
# 
_reflns_shell.d_res_high             1.65 
_reflns_shell.d_res_low              1.74 
_reflns_shell.percent_possible_all   79.1 
_reflns_shell.Rmerge_I_obs           ? 
_reflns_shell.pdbx_Rsym_value        0.104 
_reflns_shell.meanI_over_sigI_obs    4.4 
_reflns_shell.pdbx_redundancy        1.8 
_reflns_shell.percent_possible_obs   ? 
_reflns_shell.number_unique_all      1518 
_reflns_shell.pdbx_diffrn_id         ? 
_reflns_shell.pdbx_ordinal           1 
# 
_refine.entry_id                                 1M8U 
_refine.ls_d_res_high                            1.65 
_refine.ls_d_res_low                             20 
_refine.pdbx_ls_sigma_F                          0 
_refine.pdbx_ls_sigma_I                          0 
_refine.ls_number_reflns_all                     ? 
_refine.ls_number_reflns_obs                     19708 
_refine.ls_number_reflns_R_free                  932 
_refine.ls_percent_reflns_obs                    91 
_refine.ls_R_factor_all                          ? 
_refine.ls_R_factor_obs                          ? 
_refine.ls_R_factor_R_work                       0.186 
_refine.ls_R_factor_R_free                       0.216 
_refine.ls_redundancy_reflns_obs                 ? 
_refine.pdbx_data_cutoff_high_absF               ? 
_refine.pdbx_data_cutoff_low_absF                ? 
_refine.ls_number_parameters                     ? 
_refine.ls_number_restraints                     ? 
_refine.ls_percent_reflns_R_free                 5 
_refine.ls_R_factor_R_free_error                 ? 
_refine.ls_R_factor_R_free_error_details         ? 
_refine.pdbx_method_to_determine_struct          'MOLECULAR REPLACEMENT' 
_refine.pdbx_starting_model                      'PDB ENTRY 1A5D' 
_refine.pdbx_ls_cross_valid_method               THROUGHOUT 
_refine.pdbx_R_Free_selection_details            RANDOM 
_refine.pdbx_stereochem_target_val_spec_case     ? 
_refine.pdbx_stereochemistry_target_values       'Engh & Huber' 
_refine.solvent_model_details                    ? 
_refine.solvent_model_param_bsol                 ? 
_refine.solvent_model_param_ksol                 ? 
_refine.occupancy_max                            ? 
_refine.occupancy_min                            ? 
_refine.pdbx_isotropic_thermal_model             ? 
_refine.B_iso_mean                               ? 
_refine.aniso_B[1][1]                            0.423 
_refine.aniso_B[1][2]                            0.281 
_refine.aniso_B[1][3]                            -0.500 
_refine.aniso_B[2][2]                            0.591 
_refine.aniso_B[2][3]                            -0.292 
_refine.aniso_B[3][3]                            -1.014 
_refine.details                                  ? 
_refine.B_iso_min                                ? 
_refine.B_iso_max                                ? 
_refine.correlation_coeff_Fo_to_Fc               ? 
_refine.correlation_coeff_Fo_to_Fc_free          ? 
_refine.pdbx_solvent_vdw_probe_radii             ? 
_refine.pdbx_solvent_ion_probe_radii             ? 
_refine.pdbx_solvent_shrinkage_radii             ? 
_refine.overall_SU_R_Cruickshank_DPI             ? 
_refine.overall_SU_R_free                        ? 
_refine.overall_SU_B                             ? 
_refine.overall_SU_ML                            ? 
_refine.pdbx_overall_ESU_R                       ? 
_refine.pdbx_overall_ESU_R_Free                  ? 
_refine.pdbx_data_cutoff_high_rms_absF           ? 
_refine.pdbx_refine_id                           'X-RAY DIFFRACTION' 
_refine.pdbx_diffrn_id                           1 
_refine.pdbx_TLS_residual_ADP_flag               ? 
_refine.pdbx_overall_phase_error                 ? 
_refine.pdbx_overall_SU_R_free_Cruickshank_DPI   ? 
_refine.pdbx_overall_SU_R_Blow_DPI               ? 
_refine.pdbx_overall_SU_R_free_Blow_DPI          ? 
# 
_refine_analyze.entry_id                        1M8U 
_refine_analyze.Luzzati_coordinate_error_obs    0.18 
_refine_analyze.Luzzati_sigma_a_obs             0.08 
_refine_analyze.Luzzati_d_res_low_obs           5. 
_refine_analyze.Luzzati_coordinate_error_free   0.21 
_refine_analyze.Luzzati_sigma_a_free            0.09 
_refine_analyze.Luzzati_d_res_low_free          ? 
_refine_analyze.number_disordered_residues      ? 
_refine_analyze.occupancy_sum_non_hydrogen      ? 
_refine_analyze.occupancy_sum_hydrogen          ? 
_refine_analyze.pdbx_Luzzati_d_res_high_obs     ? 
_refine_analyze.pdbx_refine_id                  'X-RAY DIFFRACTION' 
# 
_refine_hist.pdbx_refine_id                   'X-RAY DIFFRACTION' 
_refine_hist.cycle_id                         LAST 
_refine_hist.pdbx_number_atoms_protein        1487 
_refine_hist.pdbx_number_atoms_nucleic_acid   0 
_refine_hist.pdbx_number_atoms_ligand         0 
_refine_hist.number_atoms_solvent             315 
_refine_hist.number_atoms_total               1802 
_refine_hist.d_res_high                       1.65 
_refine_hist.d_res_low                        20 
# 
loop_
_refine_ls_restr.type 
_refine_ls_restr.dev_ideal 
_refine_ls_restr.dev_ideal_target 
_refine_ls_restr.weight 
_refine_ls_restr.number 
_refine_ls_restr.pdbx_refine_id 
_refine_ls_restr.pdbx_restraint_function 
c_bond_d           0.05  ?   ? ? 'X-RAY DIFFRACTION' ? 
c_angle_deg        1.28  ?   ? ? 'X-RAY DIFFRACTION' ? 
c_dihedral_angle_d 25.   ?   ? ? 'X-RAY DIFFRACTION' ? 
c_improper_angle_d 0.82  ?   ? ? 'X-RAY DIFFRACTION' ? 
c_mcbond_it        1.080 1.5 ? ? 'X-RAY DIFFRACTION' ? 
c_mcangle_it       1.464 2.0 ? ? 'X-RAY DIFFRACTION' ? 
c_scbond_it        1.953 2.0 ? ? 'X-RAY DIFFRACTION' ? 
c_scangle_it       2.764 2.5 ? ? 'X-RAY DIFFRACTION' ? 
# 
_refine_ls_shell.R_factor_R_free                  0.232 
_refine_ls_shell.R_factor_R_free_error            ? 
_refine_ls_shell.R_factor_R_work                  0.223 
_refine_ls_shell.d_res_high                       1.65 
_refine_ls_shell.d_res_low                        1.71 
_refine_ls_shell.pdbx_total_number_of_bins_used   10 
_refine_ls_shell.number_reflns_R_free             89 
_refine_ls_shell.number_reflns_R_work             1496 
_refine_ls_shell.percent_reflns_R_free            5 
_refine_ls_shell.percent_reflns_obs               0.74 
_refine_ls_shell.redundancy_reflns_obs            ? 
_refine_ls_shell.number_reflns_all                ? 
_refine_ls_shell.number_reflns_obs                ? 
_refine_ls_shell.pdbx_refine_id                   'X-RAY DIFFRACTION' 
_refine_ls_shell.R_factor_all                     ? 
# 
_struct.entry_id                  1M8U 
_struct.title                     'Crystal Structure of Bovine gamma-E at 1.65 Ang Resolution' 
_struct.pdbx_model_details        ? 
_struct.pdbx_CASP_flag            ? 
_struct.pdbx_model_type_details   ? 
# 
_struct_keywords.entry_id        1M8U 
_struct_keywords.pdbx_keywords   'STRUCTURAL PROTEIN' 
_struct_keywords.text            'gamma-crystallin, gamma-E, STRUCTURAL PROTEIN' 
# 
loop_
_struct_asym.id 
_struct_asym.pdbx_blank_PDB_chainid_flag 
_struct_asym.pdbx_modified 
_struct_asym.entity_id 
_struct_asym.details 
A N N 1 ? 
B N N 2 ? 
# 
_struct_ref.id                         1 
_struct_ref.db_name                    UNP 
_struct_ref.db_code                    CRGF_BOVIN 
_struct_ref.pdbx_db_accession          P23005 
_struct_ref.entity_id                  1 
_struct_ref.pdbx_align_begin           1 
_struct_ref.pdbx_db_isoform            ? 
_struct_ref.pdbx_seq_one_letter_code   ? 
# 
_struct_ref_seq.align_id                      1 
_struct_ref_seq.ref_id                        1 
_struct_ref_seq.pdbx_PDB_id_code              1M8U 
_struct_ref_seq.pdbx_strand_id                A 
_struct_ref_seq.seq_align_beg                 1 
_struct_ref_seq.pdbx_seq_align_beg_ins_code   ? 
_struct_ref_seq.seq_align_end                 173 
_struct_ref_seq.pdbx_seq_align_end_ins_code   ? 
_struct_ref_seq.pdbx_db_accession             P23005 
_struct_ref_seq.db_align_beg                  1 
_struct_ref_seq.pdbx_db_align_beg_ins_code    ? 
_struct_ref_seq.db_align_end                  173 
_struct_ref_seq.pdbx_db_align_end_ins_code    ? 
_struct_ref_seq.pdbx_auth_seq_align_beg       1 
_struct_ref_seq.pdbx_auth_seq_align_end       174 
# 
_pdbx_struct_assembly.id                   1 
_pdbx_struct_assembly.details              author_defined_assembly 
_pdbx_struct_assembly.method_details       ? 
_pdbx_struct_assembly.oligomeric_details   monomeric 
_pdbx_struct_assembly.oligomeric_count     1 
# 
_pdbx_struct_assembly_gen.assembly_id       1 
_pdbx_struct_assembly_gen.oper_expression   1 
_pdbx_struct_assembly_gen.asym_id_list      A,B 
# 
_pdbx_struct_oper_list.id                   1 
_pdbx_struct_oper_list.type                 'identity operation' 
_pdbx_struct_oper_list.name                 1_555 
_pdbx_struct_oper_list.symmetry_operation   x,y,z 
_pdbx_struct_oper_list.matrix[1][1]         1.0000000000 
_pdbx_struct_oper_list.matrix[1][2]         0.0000000000 
_pdbx_struct_oper_list.matrix[1][3]         0.0000000000 
_pdbx_struct_oper_list.vector[1]            0.0000000000 
_pdbx_struct_oper_list.matrix[2][1]         0.0000000000 
_pdbx_struct_oper_list.matrix[2][2]         1.0000000000 
_pdbx_struct_oper_list.matrix[2][3]         0.0000000000 
_pdbx_struct_oper_list.vector[2]            0.0000000000 
_pdbx_struct_oper_list.matrix[3][1]         0.0000000000 
_pdbx_struct_oper_list.matrix[3][2]         0.0000000000 
_pdbx_struct_oper_list.matrix[3][3]         1.0000000000 
_pdbx_struct_oper_list.vector[3]            0.0000000000 
# 
loop_
_struct_conf.conf_type_id 
_struct_conf.id 
_struct_conf.pdbx_PDB_helix_id 
_struct_conf.beg_label_comp_id 
_struct_conf.beg_label_asym_id 
_struct_conf.beg_label_seq_id 
_struct_conf.pdbx_beg_PDB_ins_code 
_struct_conf.end_label_comp_id 
_struct_conf.end_label_asym_id 
_struct_conf.end_label_seq_id 
_struct_conf.pdbx_end_PDB_ins_code 
_struct_conf.beg_auth_comp_id 
_struct_conf.beg_auth_asym_id 
_struct_conf.beg_auth_seq_id 
_struct_conf.end_auth_comp_id 
_struct_conf.end_auth_asym_id 
_struct_conf.end_auth_seq_id 
_struct_conf.pdbx_PDB_helix_class 
_struct_conf.details 
_struct_conf.pdbx_PDB_helix_length 
HELX_P HELX_P1 1 GLN A 47  ? GLN A 51  ? GLN A 47  GLN A 51  5 ? 5 
HELX_P HELX_P2 2 ASP A 64  ? MET A 69  ? ASP A 64  MET A 69  5 ? 6 
HELX_P HELX_P3 3 ARG A 152 ? GLY A 157 ? ARG A 153 GLY A 158 5 ? 6 
# 
_struct_conf_type.id          HELX_P 
_struct_conf_type.criteria    ? 
_struct_conf_type.reference   ? 
# 
loop_
_struct_sheet.id 
_struct_sheet.type 
_struct_sheet.number_strands 
_struct_sheet.details 
A ? 4 ? 
B ? 3 ? 
C ? 4 ? 
D ? 3 ? 
# 
loop_
_struct_sheet_order.sheet_id 
_struct_sheet_order.range_id_1 
_struct_sheet_order.range_id_2 
_struct_sheet_order.offset 
_struct_sheet_order.sense 
A 1 2 ? anti-parallel 
A 2 3 ? anti-parallel 
A 3 4 ? anti-parallel 
B 1 2 ? anti-parallel 
B 2 3 ? anti-parallel 
C 1 2 ? anti-parallel 
C 2 3 ? anti-parallel 
C 3 4 ? anti-parallel 
D 1 2 ? anti-parallel 
D 2 3 ? anti-parallel 
# 
loop_
_struct_sheet_range.sheet_id 
_struct_sheet_range.id 
_struct_sheet_range.beg_label_comp_id 
_struct_sheet_range.beg_label_asym_id 
_struct_sheet_range.beg_label_seq_id 
_struct_sheet_range.pdbx_beg_PDB_ins_code 
_struct_sheet_range.end_label_comp_id 
_struct_sheet_range.end_label_asym_id 
_struct_sheet_range.end_label_seq_id 
_struct_sheet_range.pdbx_end_PDB_ins_code 
_struct_sheet_range.beg_auth_comp_id 
_struct_sheet_range.beg_auth_asym_id 
_struct_sheet_range.beg_auth_seq_id 
_struct_sheet_range.end_auth_comp_id 
_struct_sheet_range.end_auth_asym_id 
_struct_sheet_range.end_auth_seq_id 
A 1 GLN A 12  ? CYS A 18  ? GLN A 12  CYS A 18  
A 2 LYS A 2   ? ASP A 8   ? LYS A 2   ASP A 8   
A 3 SER A 34  ? SER A 39  ? SER A 34  SER A 39  
A 4 GLY A 60  ? TYR A 62  ? GLY A 60  TYR A 62  
B 1 GLN A 54  ? LEU A 57  ? GLN A 54  LEU A 57  
B 2 TRP A 42  ? TYR A 45  ? TRP A 42  TYR A 45  
B 3 SER A 77  ? LEU A 80  ? SER A 77  LEU A 80  
C 1 ARG A 98  ? ILE A 104 ? ARG A 99  ILE A 105 
C 2 ARG A 88  ? ARG A 94  ? ARG A 89  ARG A 95  
C 3 SER A 122 ? GLU A 127 ? SER A 123 GLU A 128 
C 4 GLY A 148 ? TYR A 150 ? GLY A 149 TYR A 151 
D 1 ARG A 139 ? LEU A 145 ? ARG A 140 LEU A 146 
D 2 TRP A 130 ? MET A 135 ? TRP A 131 MET A 136 
D 3 SER A 165 ? ARG A 168 ? SER A 166 ARG A 169 
# 
loop_
_pdbx_struct_sheet_hbond.sheet_id 
_pdbx_struct_sheet_hbond.range_id_1 
_pdbx_struct_sheet_hbond.range_id_2 
_pdbx_struct_sheet_hbond.range_1_label_atom_id 
_pdbx_struct_sheet_hbond.range_1_label_comp_id 
_pdbx_struct_sheet_hbond.range_1_label_asym_id 
_pdbx_struct_sheet_hbond.range_1_label_seq_id 
_pdbx_struct_sheet_hbond.range_1_PDB_ins_code 
_pdbx_struct_sheet_hbond.range_1_auth_atom_id 
_pdbx_struct_sheet_hbond.range_1_auth_comp_id 
_pdbx_struct_sheet_hbond.range_1_auth_asym_id 
_pdbx_struct_sheet_hbond.range_1_auth_seq_id 
_pdbx_struct_sheet_hbond.range_2_label_atom_id 
_pdbx_struct_sheet_hbond.range_2_label_comp_id 
_pdbx_struct_sheet_hbond.range_2_label_asym_id 
_pdbx_struct_sheet_hbond.range_2_label_seq_id 
_pdbx_struct_sheet_hbond.range_2_PDB_ins_code 
_pdbx_struct_sheet_hbond.range_2_auth_atom_id 
_pdbx_struct_sheet_hbond.range_2_auth_comp_id 
_pdbx_struct_sheet_hbond.range_2_auth_asym_id 
_pdbx_struct_sheet_hbond.range_2_auth_seq_id 
A 1 2 O CYS A 18  ? O CYS A 18  N ILE A 3   ? N ILE A 3   
A 2 3 N TYR A 6   ? N TYR A 6   O SER A 34  ? O SER A 34  
A 3 4 N VAL A 37  ? N VAL A 37  O GLY A 60  ? O GLY A 60  
B 1 2 O LEU A 57  ? O LEU A 57  N TRP A 42  ? N TRP A 42  
B 2 3 N TYR A 45  ? N TYR A 45  O SER A 77  ? O SER A 77  
C 1 2 O ILE A 104 ? O ILE A 105 N LEU A 89  ? N LEU A 90  
C 2 3 N TYR A 92  ? N TYR A 93  O SER A 122 ? O SER A 123 
C 3 4 N PHE A 123 ? N PHE A 124 O TYR A 150 ? O TYR A 151 
D 1 2 O LEU A 145 ? O LEU A 146 N TRP A 130 ? N TRP A 131 
D 2 3 N TYR A 133 ? N TYR A 134 O SER A 165 ? O SER A 166 
# 
loop_
_chem_comp_atom.comp_id 
_chem_comp_atom.atom_id 
_chem_comp_atom.type_symbol 
_chem_comp_atom.pdbx_aromatic_flag 
_chem_comp_atom.pdbx_stereo_config 
_chem_comp_atom.pdbx_ordinal 
ALA N    N N N 1   
ALA CA   C N S 2   
ALA C    C N N 3   
ALA O    O N N 4   
ALA CB   C N N 5   
ALA OXT  O N N 6   
ALA H    H N N 7   
ALA H2   H N N 8   
ALA HA   H N N 9   
ALA HB1  H N N 10  
ALA HB2  H N N 11  
ALA HB3  H N N 12  
ALA HXT  H N N 13  
ARG N    N N N 14  
ARG CA   C N S 15  
ARG C    C N N 16  
ARG O    O N N 17  
ARG CB   C N N 18  
ARG CG   C N N 19  
ARG CD   C N N 20  
ARG NE   N N N 21  
ARG CZ   C N N 22  
ARG NH1  N N N 23  
ARG NH2  N N N 24  
ARG OXT  O N N 25  
ARG H    H N N 26  
ARG H2   H N N 27  
ARG HA   H N N 28  
ARG HB2  H N N 29  
ARG HB3  H N N 30  
ARG HG2  H N N 31  
ARG HG3  H N N 32  
ARG HD2  H N N 33  
ARG HD3  H N N 34  
ARG HE   H N N 35  
ARG HH11 H N N 36  
ARG HH12 H N N 37  
ARG HH21 H N N 38  
ARG HH22 H N N 39  
ARG HXT  H N N 40  
ASN N    N N N 41  
ASN CA   C N S 42  
ASN C    C N N 43  
ASN O    O N N 44  
ASN CB   C N N 45  
ASN CG   C N N 46  
ASN OD1  O N N 47  
ASN ND2  N N N 48  
ASN OXT  O N N 49  
ASN H    H N N 50  
ASN H2   H N N 51  
ASN HA   H N N 52  
ASN HB2  H N N 53  
ASN HB3  H N N 54  
ASN HD21 H N N 55  
ASN HD22 H N N 56  
ASN HXT  H N N 57  
ASP N    N N N 58  
ASP CA   C N S 59  
ASP C    C N N 60  
ASP O    O N N 61  
ASP CB   C N N 62  
ASP CG   C N N 63  
ASP OD1  O N N 64  
ASP OD2  O N N 65  
ASP OXT  O N N 66  
ASP H    H N N 67  
ASP H2   H N N 68  
ASP HA   H N N 69  
ASP HB2  H N N 70  
ASP HB3  H N N 71  
ASP HD2  H N N 72  
ASP HXT  H N N 73  
CYS N    N N N 74  
CYS CA   C N R 75  
CYS C    C N N 76  
CYS O    O N N 77  
CYS CB   C N N 78  
CYS SG   S N N 79  
CYS OXT  O N N 80  
CYS H    H N N 81  
CYS H2   H N N 82  
CYS HA   H N N 83  
CYS HB2  H N N 84  
CYS HB3  H N N 85  
CYS HG   H N N 86  
CYS HXT  H N N 87  
GLN N    N N N 88  
GLN CA   C N S 89  
GLN C    C N N 90  
GLN O    O N N 91  
GLN CB   C N N 92  
GLN CG   C N N 93  
GLN CD   C N N 94  
GLN OE1  O N N 95  
GLN NE2  N N N 96  
GLN OXT  O N N 97  
GLN H    H N N 98  
GLN H2   H N N 99  
GLN HA   H N N 100 
GLN HB2  H N N 101 
GLN HB3  H N N 102 
GLN HG2  H N N 103 
GLN HG3  H N N 104 
GLN HE21 H N N 105 
GLN HE22 H N N 106 
GLN HXT  H N N 107 
GLU N    N N N 108 
GLU CA   C N S 109 
GLU C    C N N 110 
GLU O    O N N 111 
GLU CB   C N N 112 
GLU CG   C N N 113 
GLU CD   C N N 114 
GLU OE1  O N N 115 
GLU OE2  O N N 116 
GLU OXT  O N N 117 
GLU H    H N N 118 
GLU H2   H N N 119 
GLU HA   H N N 120 
GLU HB2  H N N 121 
GLU HB3  H N N 122 
GLU HG2  H N N 123 
GLU HG3  H N N 124 
GLU HE2  H N N 125 
GLU HXT  H N N 126 
GLY N    N N N 127 
GLY CA   C N N 128 
GLY C    C N N 129 
GLY O    O N N 130 
GLY OXT  O N N 131 
GLY H    H N N 132 
GLY H2   H N N 133 
GLY HA2  H N N 134 
GLY HA3  H N N 135 
GLY HXT  H N N 136 
HIS N    N N N 137 
HIS CA   C N S 138 
HIS C    C N N 139 
HIS O    O N N 140 
HIS CB   C N N 141 
HIS CG   C Y N 142 
HIS ND1  N Y N 143 
HIS CD2  C Y N 144 
HIS CE1  C Y N 145 
HIS NE2  N Y N 146 
HIS OXT  O N N 147 
HIS H    H N N 148 
HIS H2   H N N 149 
HIS HA   H N N 150 
HIS HB2  H N N 151 
HIS HB3  H N N 152 
HIS HD1  H N N 153 
HIS HD2  H N N 154 
HIS HE1  H N N 155 
HIS HE2  H N N 156 
HIS HXT  H N N 157 
HOH O    O N N 158 
HOH H1   H N N 159 
HOH H2   H N N 160 
ILE N    N N N 161 
ILE CA   C N S 162 
ILE C    C N N 163 
ILE O    O N N 164 
ILE CB   C N S 165 
ILE CG1  C N N 166 
ILE CG2  C N N 167 
ILE CD1  C N N 168 
ILE OXT  O N N 169 
ILE H    H N N 170 
ILE H2   H N N 171 
ILE HA   H N N 172 
ILE HB   H N N 173 
ILE HG12 H N N 174 
ILE HG13 H N N 175 
ILE HG21 H N N 176 
ILE HG22 H N N 177 
ILE HG23 H N N 178 
ILE HD11 H N N 179 
ILE HD12 H N N 180 
ILE HD13 H N N 181 
ILE HXT  H N N 182 
LEU N    N N N 183 
LEU CA   C N S 184 
LEU C    C N N 185 
LEU O    O N N 186 
LEU CB   C N N 187 
LEU CG   C N N 188 
LEU CD1  C N N 189 
LEU CD2  C N N 190 
LEU OXT  O N N 191 
LEU H    H N N 192 
LEU H2   H N N 193 
LEU HA   H N N 194 
LEU HB2  H N N 195 
LEU HB3  H N N 196 
LEU HG   H N N 197 
LEU HD11 H N N 198 
LEU HD12 H N N 199 
LEU HD13 H N N 200 
LEU HD21 H N N 201 
LEU HD22 H N N 202 
LEU HD23 H N N 203 
LEU HXT  H N N 204 
LYS N    N N N 205 
LYS CA   C N S 206 
LYS C    C N N 207 
LYS O    O N N 208 
LYS CB   C N N 209 
LYS CG   C N N 210 
LYS CD   C N N 211 
LYS CE   C N N 212 
LYS NZ   N N N 213 
LYS OXT  O N N 214 
LYS H    H N N 215 
LYS H2   H N N 216 
LYS HA   H N N 217 
LYS HB2  H N N 218 
LYS HB3  H N N 219 
LYS HG2  H N N 220 
LYS HG3  H N N 221 
LYS HD2  H N N 222 
LYS HD3  H N N 223 
LYS HE2  H N N 224 
LYS HE3  H N N 225 
LYS HZ1  H N N 226 
LYS HZ2  H N N 227 
LYS HZ3  H N N 228 
LYS HXT  H N N 229 
MET N    N N N 230 
MET CA   C N S 231 
MET C    C N N 232 
MET O    O N N 233 
MET CB   C N N 234 
MET CG   C N N 235 
MET SD   S N N 236 
MET CE   C N N 237 
MET OXT  O N N 238 
MET H    H N N 239 
MET H2   H N N 240 
MET HA   H N N 241 
MET HB2  H N N 242 
MET HB3  H N N 243 
MET HG2  H N N 244 
MET HG3  H N N 245 
MET HE1  H N N 246 
MET HE2  H N N 247 
MET HE3  H N N 248 
MET HXT  H N N 249 
PHE N    N N N 250 
PHE CA   C N S 251 
PHE C    C N N 252 
PHE O    O N N 253 
PHE CB   C N N 254 
PHE CG   C Y N 255 
PHE CD1  C Y N 256 
PHE CD2  C Y N 257 
PHE CE1  C Y N 258 
PHE CE2  C Y N 259 
PHE CZ   C Y N 260 
PHE OXT  O N N 261 
PHE H    H N N 262 
PHE H2   H N N 263 
PHE HA   H N N 264 
PHE HB2  H N N 265 
PHE HB3  H N N 266 
PHE HD1  H N N 267 
PHE HD2  H N N 268 
PHE HE1  H N N 269 
PHE HE2  H N N 270 
PHE HZ   H N N 271 
PHE HXT  H N N 272 
PRO N    N N N 273 
PRO CA   C N S 274 
PRO C    C N N 275 
PRO O    O N N 276 
PRO CB   C N N 277 
PRO CG   C N N 278 
PRO CD   C N N 279 
PRO OXT  O N N 280 
PRO H    H N N 281 
PRO HA   H N N 282 
PRO HB2  H N N 283 
PRO HB3  H N N 284 
PRO HG2  H N N 285 
PRO HG3  H N N 286 
PRO HD2  H N N 287 
PRO HD3  H N N 288 
PRO HXT  H N N 289 
SER N    N N N 290 
SER CA   C N S 291 
SER C    C N N 292 
SER O    O N N 293 
SER CB   C N N 294 
SER OG   O N N 295 
SER OXT  O N N 296 
SER H    H N N 297 
SER H2   H N N 298 
SER HA   H N N 299 
SER HB2  H N N 300 
SER HB3  H N N 301 
SER HG   H N N 302 
SER HXT  H N N 303 
THR N    N N N 304 
THR CA   C N S 305 
THR C    C N N 306 
THR O    O N N 307 
THR CB   C N R 308 
THR OG1  O N N 309 
THR CG2  C N N 310 
THR OXT  O N N 311 
THR H    H N N 312 
THR H2   H N N 313 
THR HA   H N N 314 
THR HB   H N N 315 
THR HG1  H N N 316 
THR HG21 H N N 317 
THR HG22 H N N 318 
THR HG23 H N N 319 
THR HXT  H N N 320 
TRP N    N N N 321 
TRP CA   C N S 322 
TRP C    C N N 323 
TRP O    O N N 324 
TRP CB   C N N 325 
TRP CG   C Y N 326 
TRP CD1  C Y N 327 
TRP CD2  C Y N 328 
TRP NE1  N Y N 329 
TRP CE2  C Y N 330 
TRP CE3  C Y N 331 
TRP CZ2  C Y N 332 
TRP CZ3  C Y N 333 
TRP CH2  C Y N 334 
TRP OXT  O N N 335 
TRP H    H N N 336 
TRP H2   H N N 337 
TRP HA   H N N 338 
TRP HB2  H N N 339 
TRP HB3  H N N 340 
TRP HD1  H N N 341 
TRP HE1  H N N 342 
TRP HE3  H N N 343 
TRP HZ2  H N N 344 
TRP HZ3  H N N 345 
TRP HH2  H N N 346 
TRP HXT  H N N 347 
TYR N    N N N 348 
TYR CA   C N S 349 
TYR C    C N N 350 
TYR O    O N N 351 
TYR CB   C N N 352 
TYR CG   C Y N 353 
TYR CD1  C Y N 354 
TYR CD2  C Y N 355 
TYR CE1  C Y N 356 
TYR CE2  C Y N 357 
TYR CZ   C Y N 358 
TYR OH   O N N 359 
TYR OXT  O N N 360 
TYR H    H N N 361 
TYR H2   H N N 362 
TYR HA   H N N 363 
TYR HB2  H N N 364 
TYR HB3  H N N 365 
TYR HD1  H N N 366 
TYR HD2  H N N 367 
TYR HE1  H N N 368 
TYR HE2  H N N 369 
TYR HH   H N N 370 
TYR HXT  H N N 371 
VAL N    N N N 372 
VAL CA   C N S 373 
VAL C    C N N 374 
VAL O    O N N 375 
VAL CB   C N N 376 
VAL CG1  C N N 377 
VAL CG2  C N N 378 
VAL OXT  O N N 379 
VAL H    H N N 380 
VAL H2   H N N 381 
VAL HA   H N N 382 
VAL HB   H N N 383 
VAL HG11 H N N 384 
VAL HG12 H N N 385 
VAL HG13 H N N 386 
VAL HG21 H N N 387 
VAL HG22 H N N 388 
VAL HG23 H N N 389 
VAL HXT  H N N 390 
# 
loop_
_chem_comp_bond.comp_id 
_chem_comp_bond.atom_id_1 
_chem_comp_bond.atom_id_2 
_chem_comp_bond.value_order 
_chem_comp_bond.pdbx_aromatic_flag 
_chem_comp_bond.pdbx_stereo_config 
_chem_comp_bond.pdbx_ordinal 
ALA N   CA   sing N N 1   
ALA N   H    sing N N 2   
ALA N   H2   sing N N 3   
ALA CA  C    sing N N 4   
ALA CA  CB   sing N N 5   
ALA CA  HA   sing N N 6   
ALA C   O    doub N N 7   
ALA C   OXT  sing N N 8   
ALA CB  HB1  sing N N 9   
ALA CB  HB2  sing N N 10  
ALA CB  HB3  sing N N 11  
ALA OXT HXT  sing N N 12  
ARG N   CA   sing N N 13  
ARG N   H    sing N N 14  
ARG N   H2   sing N N 15  
ARG CA  C    sing N N 16  
ARG CA  CB   sing N N 17  
ARG CA  HA   sing N N 18  
ARG C   O    doub N N 19  
ARG C   OXT  sing N N 20  
ARG CB  CG   sing N N 21  
ARG CB  HB2  sing N N 22  
ARG CB  HB3  sing N N 23  
ARG CG  CD   sing N N 24  
ARG CG  HG2  sing N N 25  
ARG CG  HG3  sing N N 26  
ARG CD  NE   sing N N 27  
ARG CD  HD2  sing N N 28  
ARG CD  HD3  sing N N 29  
ARG NE  CZ   sing N N 30  
ARG NE  HE   sing N N 31  
ARG CZ  NH1  sing N N 32  
ARG CZ  NH2  doub N N 33  
ARG NH1 HH11 sing N N 34  
ARG NH1 HH12 sing N N 35  
ARG NH2 HH21 sing N N 36  
ARG NH2 HH22 sing N N 37  
ARG OXT HXT  sing N N 38  
ASN N   CA   sing N N 39  
ASN N   H    sing N N 40  
ASN N   H2   sing N N 41  
ASN CA  C    sing N N 42  
ASN CA  CB   sing N N 43  
ASN CA  HA   sing N N 44  
ASN C   O    doub N N 45  
ASN C   OXT  sing N N 46  
ASN CB  CG   sing N N 47  
ASN CB  HB2  sing N N 48  
ASN CB  HB3  sing N N 49  
ASN CG  OD1  doub N N 50  
ASN CG  ND2  sing N N 51  
ASN ND2 HD21 sing N N 52  
ASN ND2 HD22 sing N N 53  
ASN OXT HXT  sing N N 54  
ASP N   CA   sing N N 55  
ASP N   H    sing N N 56  
ASP N   H2   sing N N 57  
ASP CA  C    sing N N 58  
ASP CA  CB   sing N N 59  
ASP CA  HA   sing N N 60  
ASP C   O    doub N N 61  
ASP C   OXT  sing N N 62  
ASP CB  CG   sing N N 63  
ASP CB  HB2  sing N N 64  
ASP CB  HB3  sing N N 65  
ASP CG  OD1  doub N N 66  
ASP CG  OD2  sing N N 67  
ASP OD2 HD2  sing N N 68  
ASP OXT HXT  sing N N 69  
CYS N   CA   sing N N 70  
CYS N   H    sing N N 71  
CYS N   H2   sing N N 72  
CYS CA  C    sing N N 73  
CYS CA  CB   sing N N 74  
CYS CA  HA   sing N N 75  
CYS C   O    doub N N 76  
CYS C   OXT  sing N N 77  
CYS CB  SG   sing N N 78  
CYS CB  HB2  sing N N 79  
CYS CB  HB3  sing N N 80  
CYS SG  HG   sing N N 81  
CYS OXT HXT  sing N N 82  
GLN N   CA   sing N N 83  
GLN N   H    sing N N 84  
GLN N   H2   sing N N 85  
GLN CA  C    sing N N 86  
GLN CA  CB   sing N N 87  
GLN CA  HA   sing N N 88  
GLN C   O    doub N N 89  
GLN C   OXT  sing N N 90  
GLN CB  CG   sing N N 91  
GLN CB  HB2  sing N N 92  
GLN CB  HB3  sing N N 93  
GLN CG  CD   sing N N 94  
GLN CG  HG2  sing N N 95  
GLN CG  HG3  sing N N 96  
GLN CD  OE1  doub N N 97  
GLN CD  NE2  sing N N 98  
GLN NE2 HE21 sing N N 99  
GLN NE2 HE22 sing N N 100 
GLN OXT HXT  sing N N 101 
GLU N   CA   sing N N 102 
GLU N   H    sing N N 103 
GLU N   H2   sing N N 104 
GLU CA  C    sing N N 105 
GLU CA  CB   sing N N 106 
GLU CA  HA   sing N N 107 
GLU C   O    doub N N 108 
GLU C   OXT  sing N N 109 
GLU CB  CG   sing N N 110 
GLU CB  HB2  sing N N 111 
GLU CB  HB3  sing N N 112 
GLU CG  CD   sing N N 113 
GLU CG  HG2  sing N N 114 
GLU CG  HG3  sing N N 115 
GLU CD  OE1  doub N N 116 
GLU CD  OE2  sing N N 117 
GLU OE2 HE2  sing N N 118 
GLU OXT HXT  sing N N 119 
GLY N   CA   sing N N 120 
GLY N   H    sing N N 121 
GLY N   H2   sing N N 122 
GLY CA  C    sing N N 123 
GLY CA  HA2  sing N N 124 
GLY CA  HA3  sing N N 125 
GLY C   O    doub N N 126 
GLY C   OXT  sing N N 127 
GLY OXT HXT  sing N N 128 
HIS N   CA   sing N N 129 
HIS N   H    sing N N 130 
HIS N   H2   sing N N 131 
HIS CA  C    sing N N 132 
HIS CA  CB   sing N N 133 
HIS CA  HA   sing N N 134 
HIS C   O    doub N N 135 
HIS C   OXT  sing N N 136 
HIS CB  CG   sing N N 137 
HIS CB  HB2  sing N N 138 
HIS CB  HB3  sing N N 139 
HIS CG  ND1  sing Y N 140 
HIS CG  CD2  doub Y N 141 
HIS ND1 CE1  doub Y N 142 
HIS ND1 HD1  sing N N 143 
HIS CD2 NE2  sing Y N 144 
HIS CD2 HD2  sing N N 145 
HIS CE1 NE2  sing Y N 146 
HIS CE1 HE1  sing N N 147 
HIS NE2 HE2  sing N N 148 
HIS OXT HXT  sing N N 149 
HOH O   H1   sing N N 150 
HOH O   H2   sing N N 151 
ILE N   CA   sing N N 152 
ILE N   H    sing N N 153 
ILE N   H2   sing N N 154 
ILE CA  C    sing N N 155 
ILE CA  CB   sing N N 156 
ILE CA  HA   sing N N 157 
ILE C   O    doub N N 158 
ILE C   OXT  sing N N 159 
ILE CB  CG1  sing N N 160 
ILE CB  CG2  sing N N 161 
ILE CB  HB   sing N N 162 
ILE CG1 CD1  sing N N 163 
ILE CG1 HG12 sing N N 164 
ILE CG1 HG13 sing N N 165 
ILE CG2 HG21 sing N N 166 
ILE CG2 HG22 sing N N 167 
ILE CG2 HG23 sing N N 168 
ILE CD1 HD11 sing N N 169 
ILE CD1 HD12 sing N N 170 
ILE CD1 HD13 sing N N 171 
ILE OXT HXT  sing N N 172 
LEU N   CA   sing N N 173 
LEU N   H    sing N N 174 
LEU N   H2   sing N N 175 
LEU CA  C    sing N N 176 
LEU CA  CB   sing N N 177 
LEU CA  HA   sing N N 178 
LEU C   O    doub N N 179 
LEU C   OXT  sing N N 180 
LEU CB  CG   sing N N 181 
LEU CB  HB2  sing N N 182 
LEU CB  HB3  sing N N 183 
LEU CG  CD1  sing N N 184 
LEU CG  CD2  sing N N 185 
LEU CG  HG   sing N N 186 
LEU CD1 HD11 sing N N 187 
LEU CD1 HD12 sing N N 188 
LEU CD1 HD13 sing N N 189 
LEU CD2 HD21 sing N N 190 
LEU CD2 HD22 sing N N 191 
LEU CD2 HD23 sing N N 192 
LEU OXT HXT  sing N N 193 
LYS N   CA   sing N N 194 
LYS N   H    sing N N 195 
LYS N   H2   sing N N 196 
LYS CA  C    sing N N 197 
LYS CA  CB   sing N N 198 
LYS CA  HA   sing N N 199 
LYS C   O    doub N N 200 
LYS C   OXT  sing N N 201 
LYS CB  CG   sing N N 202 
LYS CB  HB2  sing N N 203 
LYS CB  HB3  sing N N 204 
LYS CG  CD   sing N N 205 
LYS CG  HG2  sing N N 206 
LYS CG  HG3  sing N N 207 
LYS CD  CE   sing N N 208 
LYS CD  HD2  sing N N 209 
LYS CD  HD3  sing N N 210 
LYS CE  NZ   sing N N 211 
LYS CE  HE2  sing N N 212 
LYS CE  HE3  sing N N 213 
LYS NZ  HZ1  sing N N 214 
LYS NZ  HZ2  sing N N 215 
LYS NZ  HZ3  sing N N 216 
LYS OXT HXT  sing N N 217 
MET N   CA   sing N N 218 
MET N   H    sing N N 219 
MET N   H2   sing N N 220 
MET CA  C    sing N N 221 
MET CA  CB   sing N N 222 
MET CA  HA   sing N N 223 
MET C   O    doub N N 224 
MET C   OXT  sing N N 225 
MET CB  CG   sing N N 226 
MET CB  HB2  sing N N 227 
MET CB  HB3  sing N N 228 
MET CG  SD   sing N N 229 
MET CG  HG2  sing N N 230 
MET CG  HG3  sing N N 231 
MET SD  CE   sing N N 232 
MET CE  HE1  sing N N 233 
MET CE  HE2  sing N N 234 
MET CE  HE3  sing N N 235 
MET OXT HXT  sing N N 236 
PHE N   CA   sing N N 237 
PHE N   H    sing N N 238 
PHE N   H2   sing N N 239 
PHE CA  C    sing N N 240 
PHE CA  CB   sing N N 241 
PHE CA  HA   sing N N 242 
PHE C   O    doub N N 243 
PHE C   OXT  sing N N 244 
PHE CB  CG   sing N N 245 
PHE CB  HB2  sing N N 246 
PHE CB  HB3  sing N N 247 
PHE CG  CD1  doub Y N 248 
PHE CG  CD2  sing Y N 249 
PHE CD1 CE1  sing Y N 250 
PHE CD1 HD1  sing N N 251 
PHE CD2 CE2  doub Y N 252 
PHE CD2 HD2  sing N N 253 
PHE CE1 CZ   doub Y N 254 
PHE CE1 HE1  sing N N 255 
PHE CE2 CZ   sing Y N 256 
PHE CE2 HE2  sing N N 257 
PHE CZ  HZ   sing N N 258 
PHE OXT HXT  sing N N 259 
PRO N   CA   sing N N 260 
PRO N   CD   sing N N 261 
PRO N   H    sing N N 262 
PRO CA  C    sing N N 263 
PRO CA  CB   sing N N 264 
PRO CA  HA   sing N N 265 
PRO C   O    doub N N 266 
PRO C   OXT  sing N N 267 
PRO CB  CG   sing N N 268 
PRO CB  HB2  sing N N 269 
PRO CB  HB3  sing N N 270 
PRO CG  CD   sing N N 271 
PRO CG  HG2  sing N N 272 
PRO CG  HG3  sing N N 273 
PRO CD  HD2  sing N N 274 
PRO CD  HD3  sing N N 275 
PRO OXT HXT  sing N N 276 
SER N   CA   sing N N 277 
SER N   H    sing N N 278 
SER N   H2   sing N N 279 
SER CA  C    sing N N 280 
SER CA  CB   sing N N 281 
SER CA  HA   sing N N 282 
SER C   O    doub N N 283 
SER C   OXT  sing N N 284 
SER CB  OG   sing N N 285 
SER CB  HB2  sing N N 286 
SER CB  HB3  sing N N 287 
SER OG  HG   sing N N 288 
SER OXT HXT  sing N N 289 
THR N   CA   sing N N 290 
THR N   H    sing N N 291 
THR N   H2   sing N N 292 
THR CA  C    sing N N 293 
THR CA  CB   sing N N 294 
THR CA  HA   sing N N 295 
THR C   O    doub N N 296 
THR C   OXT  sing N N 297 
THR CB  OG1  sing N N 298 
THR CB  CG2  sing N N 299 
THR CB  HB   sing N N 300 
THR OG1 HG1  sing N N 301 
THR CG2 HG21 sing N N 302 
THR CG2 HG22 sing N N 303 
THR CG2 HG23 sing N N 304 
THR OXT HXT  sing N N 305 
TRP N   CA   sing N N 306 
TRP N   H    sing N N 307 
TRP N   H2   sing N N 308 
TRP CA  C    sing N N 309 
TRP CA  CB   sing N N 310 
TRP CA  HA   sing N N 311 
TRP C   O    doub N N 312 
TRP C   OXT  sing N N 313 
TRP CB  CG   sing N N 314 
TRP CB  HB2  sing N N 315 
TRP CB  HB3  sing N N 316 
TRP CG  CD1  doub Y N 317 
TRP CG  CD2  sing Y N 318 
TRP CD1 NE1  sing Y N 319 
TRP CD1 HD1  sing N N 320 
TRP CD2 CE2  doub Y N 321 
TRP CD2 CE3  sing Y N 322 
TRP NE1 CE2  sing Y N 323 
TRP NE1 HE1  sing N N 324 
TRP CE2 CZ2  sing Y N 325 
TRP CE3 CZ3  doub Y N 326 
TRP CE3 HE3  sing N N 327 
TRP CZ2 CH2  doub Y N 328 
TRP CZ2 HZ2  sing N N 329 
TRP CZ3 CH2  sing Y N 330 
TRP CZ3 HZ3  sing N N 331 
TRP CH2 HH2  sing N N 332 
TRP OXT HXT  sing N N 333 
TYR N   CA   sing N N 334 
TYR N   H    sing N N 335 
TYR N   H2   sing N N 336 
TYR CA  C    sing N N 337 
TYR CA  CB   sing N N 338 
TYR CA  HA   sing N N 339 
TYR C   O    doub N N 340 
TYR C   OXT  sing N N 341 
TYR CB  CG   sing N N 342 
TYR CB  HB2  sing N N 343 
TYR CB  HB3  sing N N 344 
TYR CG  CD1  doub Y N 345 
TYR CG  CD2  sing Y N 346 
TYR CD1 CE1  sing Y N 347 
TYR CD1 HD1  sing N N 348 
TYR CD2 CE2  doub Y N 349 
TYR CD2 HD2  sing N N 350 
TYR CE1 CZ   doub Y N 351 
TYR CE1 HE1  sing N N 352 
TYR CE2 CZ   sing Y N 353 
TYR CE2 HE2  sing N N 354 
TYR CZ  OH   sing N N 355 
TYR OH  HH   sing N N 356 
TYR OXT HXT  sing N N 357 
VAL N   CA   sing N N 358 
VAL N   H    sing N N 359 
VAL N   H2   sing N N 360 
VAL CA  C    sing N N 361 
VAL CA  CB   sing N N 362 
VAL CA  HA   sing N N 363 
VAL C   O    doub N N 364 
VAL C   OXT  sing N N 365 
VAL CB  CG1  sing N N 366 
VAL CB  CG2  sing N N 367 
VAL CB  HB   sing N N 368 
VAL CG1 HG11 sing N N 369 
VAL CG1 HG12 sing N N 370 
VAL CG1 HG13 sing N N 371 
VAL CG2 HG21 sing N N 372 
VAL CG2 HG22 sing N N 373 
VAL CG2 HG23 sing N N 374 
VAL OXT HXT  sing N N 375 
# 
_pdbx_initial_refinement_model.id               1 
_pdbx_initial_refinement_model.entity_id_list   ? 
_pdbx_initial_refinement_model.type             'experimental model' 
_pdbx_initial_refinement_model.source_name      PDB 
_pdbx_initial_refinement_model.accession_code   1A5D 
_pdbx_initial_refinement_model.details          'PDB ENTRY 1A5D' 
# 
_atom_sites.entry_id                    1M8U 
_atom_sites.fract_transf_matrix[1][1]   0.00157866 
_atom_sites.fract_transf_matrix[1][2]   0.01294204 
_atom_sites.fract_transf_matrix[1][3]   0.03355447 
_atom_sites.fract_transf_matrix[2][1]   -0.01047296 
_atom_sites.fract_transf_matrix[2][2]   0.02741028 
_atom_sites.fract_transf_matrix[2][3]   0.00042171 
_atom_sites.fract_transf_matrix[3][1]   -0.02099591 
_atom_sites.fract_transf_matrix[3][2]   -0.00133530 
_atom_sites.fract_transf_matrix[3][3]   0.01044389 
_atom_sites.fract_transf_vector[1]      0.017760 
_atom_sites.fract_transf_vector[2]      0.012544 
_atom_sites.fract_transf_vector[3]      -0.009456 
# 
loop_
_atom_type.symbol 
C 
N 
O 
S 
# 
loop_
_atom_site.group_PDB 
_atom_site.id 
_atom_site.type_symbol 
_atom_site.label_atom_id 
_atom_site.label_alt_id 
_atom_site.label_comp_id 
_atom_site.label_asym_id 
_atom_site.label_entity_id 
_atom_site.label_seq_id 
_atom_site.pdbx_PDB_ins_code 
_atom_site.Cartn_x 
_atom_site.Cartn_y 
_atom_site.Cartn_z 
_atom_site.occupancy 
_atom_site.B_iso_or_equiv 
_atom_site.pdbx_formal_charge 
_atom_site.auth_seq_id 
_atom_site.auth_comp_id 
_atom_site.auth_asym_id 
_atom_site.auth_atom_id 
_atom_site.pdbx_PDB_model_num 
ATOM   1    N N   . GLY A 1 1   ? -1.700  15.818  -5.795  1.00 9.49  ? 1   GLY A N   1 
ATOM   2    C CA  . GLY A 1 1   ? -0.800  15.170  -4.798  1.00 9.12  ? 1   GLY A CA  1 
ATOM   3    C C   . GLY A 1 1   ? 0.532   15.882  -4.677  1.00 8.51  ? 1   GLY A C   1 
ATOM   4    O O   . GLY A 1 1   ? 1.026   16.462  -5.644  1.00 9.34  ? 1   GLY A O   1 
ATOM   5    N N   . LYS A 1 2   ? 1.115   15.838  -3.483  1.00 8.03  ? 2   LYS A N   1 
ATOM   6    C CA  . LYS A 1 2   ? 2.400   16.476  -3.227  1.00 7.36  ? 2   LYS A CA  1 
ATOM   7    C C   . LYS A 1 2   ? 3.126   15.735  -2.109  1.00 7.61  ? 2   LYS A C   1 
ATOM   8    O O   . LYS A 1 2   ? 2.589   15.555  -1.014  1.00 7.08  ? 2   LYS A O   1 
ATOM   9    C CB  . LYS A 1 2   ? 2.205   17.947  -2.835  1.00 8.63  ? 2   LYS A CB  1 
ATOM   10   C CG  . LYS A 1 2   ? 3.506   18.679  -2.515  1.00 10.92 ? 2   LYS A CG  1 
ATOM   11   C CD  . LYS A 1 2   ? 3.264   20.146  -2.195  1.00 13.57 ? 2   LYS A CD  1 
ATOM   12   C CE  . LYS A 1 2   ? 2.843   20.923  -3.433  1.00 16.76 ? 2   LYS A CE  1 
ATOM   13   N NZ  . LYS A 1 2   ? 2.605   22.367  -3.138  1.00 19.36 ? 2   LYS A NZ  1 
ATOM   14   N N   . ILE A 1 3   ? 4.347   15.306  -2.400  1.00 7.01  ? 3   ILE A N   1 
ATOM   15   C CA  . ILE A 1 3   ? 5.159   14.565  -1.442  1.00 6.75  ? 3   ILE A CA  1 
ATOM   16   C C   . ILE A 1 3   ? 6.600   15.065  -1.515  1.00 6.47  ? 3   ILE A C   1 
ATOM   17   O O   . ILE A 1 3   ? 7.081   15.434  -2.584  1.00 8.10  ? 3   ILE A O   1 
ATOM   18   C CB  . ILE A 1 3   ? 5.103   13.045  -1.754  1.00 6.17  ? 3   ILE A CB  1 
ATOM   19   C CG1 . ILE A 1 3   ? 5.863   12.251  -0.690  1.00 6.80  ? 3   ILE A CG1 1 
ATOM   20   C CG2 . ILE A 1 3   ? 5.676   12.775  -3.142  1.00 4.95  ? 3   ILE A CG2 1 
ATOM   21   C CD1 . ILE A 1 3   ? 5.685   10.749  -0.817  1.00 10.16 ? 3   ILE A CD1 1 
ATOM   22   N N   . THR A 1 4   ? 7.284   15.085  -0.375  1.00 7.01  ? 4   THR A N   1 
ATOM   23   C CA  . THR A 1 4   ? 8.664   15.555  -0.332  1.00 6.34  ? 4   THR A CA  1 
ATOM   24   C C   . THR A 1 4   ? 9.562   14.551  0.384   1.00 6.68  ? 4   THR A C   1 
ATOM   25   O O   . THR A 1 4   ? 9.297   14.177  1.530   1.00 7.91  ? 4   THR A O   1 
ATOM   26   C CB  . THR A 1 4   ? 8.760   16.921  0.388   1.00 5.60  ? 4   THR A CB  1 
ATOM   27   O OG1 . THR A 1 4   ? 7.859   17.852  -0.227  1.00 8.14  ? 4   THR A OG1 1 
ATOM   28   C CG2 . THR A 1 4   ? 10.176  17.472  0.297   1.00 6.65  ? 4   THR A CG2 1 
ATOM   29   N N   . PHE A 1 5   ? 10.622  14.121  -0.299  1.00 6.54  ? 5   PHE A N   1 
ATOM   30   C CA  . PHE A 1 5   ? 11.576  13.162  0.257   1.00 7.21  ? 5   PHE A CA  1 
ATOM   31   C C   . PHE A 1 5   ? 12.821  13.874  0.796   1.00 6.68  ? 5   PHE A C   1 
ATOM   32   O O   . PHE A 1 5   ? 13.328  14.807  0.170   1.00 8.14  ? 5   PHE A O   1 
ATOM   33   C CB  . PHE A 1 5   ? 12.022  12.153  -0.812  1.00 6.28  ? 5   PHE A CB  1 
ATOM   34   C CG  . PHE A 1 5   ? 10.890  11.480  -1.548  1.00 4.14  ? 5   PHE A CG  1 
ATOM   35   C CD1 . PHE A 1 5   ? 10.306  12.080  -2.661  1.00 6.11  ? 5   PHE A CD1 1 
ATOM   36   C CD2 . PHE A 1 5   ? 10.429  10.230  -1.143  1.00 5.11  ? 5   PHE A CD2 1 
ATOM   37   C CE1 . PHE A 1 5   ? 9.276   11.439  -3.365  1.00 6.96  ? 5   PHE A CE1 1 
ATOM   38   C CE2 . PHE A 1 5   ? 9.404   9.583   -1.834  1.00 5.76  ? 5   PHE A CE2 1 
ATOM   39   C CZ  . PHE A 1 5   ? 8.826   10.186  -2.948  1.00 6.06  ? 5   PHE A CZ  1 
ATOM   40   N N   . TYR A 1 6   ? 13.311  13.427  1.951   1.00 5.07  ? 6   TYR A N   1 
ATOM   41   C CA  . TYR A 1 6   ? 14.509  14.004  2.568   1.00 6.59  ? 6   TYR A CA  1 
ATOM   42   C C   . TYR A 1 6   ? 15.582  12.932  2.768   1.00 6.90  ? 6   TYR A C   1 
ATOM   43   O O   . TYR A 1 6   ? 15.269  11.806  3.153   1.00 6.02  ? 6   TYR A O   1 
ATOM   44   C CB  . TYR A 1 6   ? 14.170  14.632  3.927   1.00 5.11  ? 6   TYR A CB  1 
ATOM   45   C CG  . TYR A 1 6   ? 13.234  15.815  3.854   1.00 6.90  ? 6   TYR A CG  1 
ATOM   46   C CD1 . TYR A 1 6   ? 11.857  15.636  3.709   1.00 5.25  ? 6   TYR A CD1 1 
ATOM   47   C CD2 . TYR A 1 6   ? 13.729  17.119  3.911   1.00 6.85  ? 6   TYR A CD2 1 
ATOM   48   C CE1 . TYR A 1 6   ? 10.993  16.731  3.623   1.00 9.74  ? 6   TYR A CE1 1 
ATOM   49   C CE2 . TYR A 1 6   ? 12.878  18.218  3.822   1.00 10.01 ? 6   TYR A CE2 1 
ATOM   50   C CZ  . TYR A 1 6   ? 11.513  18.018  3.677   1.00 10.35 ? 6   TYR A CZ  1 
ATOM   51   O OH  . TYR A 1 6   ? 10.675  19.106  3.573   1.00 11.82 ? 6   TYR A OH  1 
ATOM   52   N N   . GLU A 1 7   ? 16.846  13.281  2.522   1.00 6.69  ? 7   GLU A N   1 
ATOM   53   C CA  . GLU A 1 7   ? 17.932  12.310  2.679   1.00 7.57  ? 7   GLU A CA  1 
ATOM   54   C C   . GLU A 1 7   ? 18.230  11.934  4.131   1.00 7.65  ? 7   GLU A C   1 
ATOM   55   O O   . GLU A 1 7   ? 18.672  10.822  4.403   1.00 7.82  ? 7   GLU A O   1 
ATOM   56   C CB  . GLU A 1 7   ? 19.221  12.807  2.004   1.00 8.26  ? 7   GLU A CB  1 
ATOM   57   C CG  . GLU A 1 7   ? 19.152  12.863  0.482   1.00 13.49 ? 7   GLU A CG  1 
ATOM   58   C CD  . GLU A 1 7   ? 20.519  12.750  -0.179  1.00 16.46 ? 7   GLU A CD  1 
ATOM   59   O OE1 . GLU A 1 7   ? 21.454  13.455  0.255   1.00 17.79 ? 7   GLU A OE1 1 
ATOM   60   O OE2 . GLU A 1 7   ? 20.655  11.955  -1.138  1.00 14.94 ? 7   GLU A OE2 1 
ATOM   61   N N   . ASP A 1 8   ? 17.991  12.851  5.065   1.00 8.79  ? 8   ASP A N   1 
ATOM   62   C CA  . ASP A 1 8   ? 18.248  12.560  6.475   1.00 9.37  ? 8   ASP A CA  1 
ATOM   63   C C   . ASP A 1 8   ? 16.953  12.537  7.283   1.00 8.43  ? 8   ASP A C   1 
ATOM   64   O O   . ASP A 1 8   ? 15.931  13.069  6.850   1.00 8.51  ? 8   ASP A O   1 
ATOM   65   C CB  . ASP A 1 8   ? 19.202  13.600  7.078   1.00 10.90 ? 8   ASP A CB  1 
ATOM   66   C CG  . ASP A 1 8   ? 20.525  13.682  6.337   1.00 15.07 ? 8   ASP A CG  1 
ATOM   67   O OD1 . ASP A 1 8   ? 21.051  12.629  5.927   1.00 14.55 ? 8   ASP A OD1 1 
ATOM   68   O OD2 . ASP A 1 8   ? 21.046  14.807  6.180   1.00 17.34 ? 8   ASP A OD2 1 
ATOM   69   N N   . ARG A 1 9   ? 16.992  11.912  8.455   1.00 7.99  ? 9   ARG A N   1 
ATOM   70   C CA  . ARG A 1 9   ? 15.807  11.847  9.298   1.00 8.93  ? 9   ARG A CA  1 
ATOM   71   C C   . ARG A 1 9   ? 15.446  13.223  9.831   1.00 9.06  ? 9   ARG A C   1 
ATOM   72   O O   . ARG A 1 9   ? 16.264  14.145  9.812   1.00 9.80  ? 9   ARG A O   1 
ATOM   73   C CB  . ARG A 1 9   ? 16.010  10.876  10.470  1.00 9.15  ? 9   ARG A CB  1 
ATOM   74   C CG  . ARG A 1 9   ? 17.417  10.817  11.036  1.00 16.88 ? 9   ARG A CG  1 
ATOM   75   C CD  . ARG A 1 9   ? 17.500  11.192  12.519  1.00 17.84 ? 9   ARG A CD  1 
ATOM   76   N NE  . ARG A 1 9   ? 16.452  10.617  13.372  1.00 16.66 ? 9   ARG A NE  1 
ATOM   77   C CZ  . ARG A 1 9   ? 16.057  9.348   13.363  1.00 16.74 ? 9   ARG A CZ  1 
ATOM   78   N NH1 . ARG A 1 9   ? 16.607  8.472   12.531  1.00 15.99 ? 9   ARG A NH1 1 
ATOM   79   N NH2 . ARG A 1 9   ? 15.109  8.951   14.200  1.00 16.64 ? 9   ARG A NH2 1 
ATOM   80   N N   . GLY A 1 10  ? 14.207  13.357  10.289  1.00 8.27  ? 10  GLY A N   1 
ATOM   81   C CA  . GLY A 1 10  ? 13.765  14.622  10.838  1.00 7.23  ? 10  GLY A CA  1 
ATOM   82   C C   . GLY A 1 10  ? 13.664  15.751  9.834   1.00 7.41  ? 10  GLY A C   1 
ATOM   83   O O   . GLY A 1 10  ? 13.799  16.919  10.202  1.00 6.14  ? 10  GLY A O   1 
ATOM   84   N N   . PHE A 1 11  ? 13.448  15.406  8.568   1.00 6.32  ? 11  PHE A N   1 
ATOM   85   C CA  . PHE A 1 11  ? 13.285  16.396  7.504   1.00 7.09  ? 11  PHE A CA  1 
ATOM   86   C C   . PHE A 1 11  ? 14.516  17.276  7.316   1.00 8.40  ? 11  PHE A C   1 
ATOM   87   O O   . PHE A 1 11  ? 14.408  18.493  7.136   1.00 9.91  ? 11  PHE A O   1 
ATOM   88   C CB  . PHE A 1 11  ? 12.055  17.253  7.811   1.00 7.57  ? 11  PHE A CB  1 
ATOM   89   C CG  . PHE A 1 11  ? 10.857  16.443  8.216   1.00 6.70  ? 11  PHE A CG  1 
ATOM   90   C CD1 . PHE A 1 11  ? 10.204  15.633  7.291   1.00 6.11  ? 11  PHE A CD1 1 
ATOM   91   C CD2 . PHE A 1 11  ? 10.427  16.431  9.537   1.00 7.45  ? 11  PHE A CD2 1 
ATOM   92   C CE1 . PHE A 1 11  ? 9.142   14.817  7.680   1.00 7.32  ? 11  PHE A CE1 1 
ATOM   93   C CE2 . PHE A 1 11  ? 9.368   15.619  9.937   1.00 7.35  ? 11  PHE A CE2 1 
ATOM   94   C CZ  . PHE A 1 11  ? 8.725   14.809  9.005   1.00 8.87  ? 11  PHE A CZ  1 
ATOM   95   N N   . GLN A 1 12  ? 15.683  16.643  7.351   1.00 9.23  ? 12  GLN A N   1 
ATOM   96   C CA  . GLN A 1 12  ? 16.957  17.338  7.195   1.00 10.82 ? 12  GLN A CA  1 
ATOM   97   C C   . GLN A 1 12  ? 17.655  16.921  5.907   1.00 11.94 ? 12  GLN A C   1 
ATOM   98   O O   . GLN A 1 12  ? 17.328  15.892  5.313   1.00 10.45 ? 12  GLN A O   1 
ATOM   99   C CB  . GLN A 1 12  ? 17.872  17.024  8.383   1.00 13.12 ? 12  GLN A CB  1 
ATOM   100  C CG  . GLN A 1 12  ? 17.315  17.431  9.737   1.00 18.47 ? 12  GLN A CG  1 
ATOM   101  C CD  . GLN A 1 12  ? 17.192  18.931  9.887   1.00 20.35 ? 12  GLN A CD  1 
ATOM   102  O OE1 . GLN A 1 12  ? 18.185  19.657  9.819   1.00 23.27 ? 12  GLN A OE1 1 
ATOM   103  N NE2 . GLN A 1 12  ? 15.971  19.408  10.094  1.00 20.57 ? 12  GLN A NE2 1 
ATOM   104  N N   . GLY A 1 13  ? 18.625  17.728  5.485   1.00 12.09 ? 13  GLY A N   1 
ATOM   105  C CA  . GLY A 1 13  ? 19.381  17.428  4.285   1.00 14.00 ? 13  GLY A CA  1 
ATOM   106  C C   . GLY A 1 13  ? 18.700  17.725  2.963   1.00 14.39 ? 13  GLY A C   1 
ATOM   107  O O   . GLY A 1 13  ? 17.659  18.380  2.912   1.00 16.21 ? 13  GLY A O   1 
ATOM   108  N N   . ARG A 1 14  ? 19.323  17.243  1.892   1.00 16.66 ? 14  ARG A N   1 
ATOM   109  C CA  . ARG A 1 14  ? 18.837  17.400  0.524   1.00 18.89 ? 14  ARG A CA  1 
ATOM   110  C C   . ARG A 1 14  ? 17.415  16.850  0.439   1.00 17.96 ? 14  ARG A C   1 
ATOM   111  O O   . ARG A 1 14  ? 17.122  15.803  1.011   1.00 17.65 ? 14  ARG A O   1 
ATOM   112  C CB  . ARG A 1 14  ? 19.768  16.625  -0.417  1.00 21.92 ? 14  ARG A CB  1 
ATOM   113  C CG  . ARG A 1 14  ? 19.362  16.556  -1.880  1.00 25.95 ? 14  ARG A CG  1 
ATOM   114  C CD  . ARG A 1 14  ? 20.363  15.694  -2.652  1.00 30.11 ? 14  ARG A CD  1 
ATOM   115  N NE  . ARG A 1 14  ? 19.992  15.499  -4.052  1.00 31.99 ? 14  ARG A NE  1 
ATOM   116  C CZ  . ARG A 1 14  ? 20.669  14.739  -4.909  1.00 34.38 ? 14  ARG A CZ  1 
ATOM   117  N NH1 . ARG A 1 14  ? 21.759  14.096  -4.513  1.00 35.11 ? 14  ARG A NH1 1 
ATOM   118  N NH2 . ARG A 1 14  ? 20.257  14.620  -6.164  1.00 34.14 ? 14  ARG A NH2 1 
ATOM   119  N N   . HIS A 1 15  ? 16.532  17.558  -0.260  1.00 17.63 ? 15  HIS A N   1 
ATOM   120  C CA  . HIS A 1 15  ? 15.151  17.103  -0.397  1.00 17.77 ? 15  HIS A CA  1 
ATOM   121  C C   . HIS A 1 15  ? 14.616  17.287  -1.813  1.00 17.01 ? 15  HIS A C   1 
ATOM   122  O O   . HIS A 1 15  ? 15.083  18.148  -2.559  1.00 17.76 ? 15  HIS A O   1 
ATOM   123  C CB  . HIS A 1 15  ? 14.249  17.832  0.605   1.00 19.62 ? 15  HIS A CB  1 
ATOM   124  C CG  . HIS A 1 15  ? 14.062  19.288  0.312   1.00 22.65 ? 15  HIS A CG  1 
ATOM   125  N ND1 . HIS A 1 15  ? 13.322  19.743  -0.758  1.00 24.52 ? 15  HIS A ND1 1 
ATOM   126  C CD2 . HIS A 1 15  ? 14.511  20.392  0.954   1.00 23.38 ? 15  HIS A CD2 1 
ATOM   127  C CE1 . HIS A 1 15  ? 13.324  21.063  -0.762  1.00 25.24 ? 15  HIS A CE1 1 
ATOM   128  N NE2 . HIS A 1 15  ? 14.037  21.482  0.267   1.00 25.21 ? 15  HIS A NE2 1 
ATOM   129  N N   . TYR A 1 16  ? 13.632  16.468  -2.174  1.00 13.43 ? 16  TYR A N   1 
ATOM   130  C CA  . TYR A 1 16  ? 13.025  16.518  -3.498  1.00 11.99 ? 16  TYR A CA  1 
ATOM   131  C C   . TYR A 1 16  ? 11.502  16.524  -3.404  1.00 11.73 ? 16  TYR A C   1 
ATOM   132  O O   . TYR A 1 16  ? 10.906  15.586  -2.869  1.00 9.24  ? 16  TYR A O   1 
ATOM   133  C CB  . TYR A 1 16  ? 13.480  15.313  -4.326  1.00 12.67 ? 16  TYR A CB  1 
ATOM   134  C CG  . TYR A 1 16  ? 12.804  15.195  -5.677  1.00 12.21 ? 16  TYR A CG  1 
ATOM   135  C CD1 . TYR A 1 16  ? 12.999  16.160  -6.664  1.00 11.89 ? 16  TYR A CD1 1 
ATOM   136  C CD2 . TYR A 1 16  ? 11.966  14.118  -5.964  1.00 12.30 ? 16  TYR A CD2 1 
ATOM   137  C CE1 . TYR A 1 16  ? 12.374  16.056  -7.906  1.00 13.29 ? 16  TYR A CE1 1 
ATOM   138  C CE2 . TYR A 1 16  ? 11.337  14.004  -7.202  1.00 14.20 ? 16  TYR A CE2 1 
ATOM   139  C CZ  . TYR A 1 16  ? 11.545  14.975  -8.167  1.00 14.19 ? 16  TYR A CZ  1 
ATOM   140  O OH  . TYR A 1 16  ? 10.921  14.861  -9.388  1.00 16.19 ? 16  TYR A OH  1 
ATOM   141  N N   . GLU A 1 17  ? 10.885  17.585  -3.921  1.00 11.20 ? 17  GLU A N   1 
ATOM   142  C CA  . GLU A 1 17  ? 9.431   17.722  -3.908  1.00 12.96 ? 17  GLU A CA  1 
ATOM   143  C C   . GLU A 1 17  ? 8.871   17.047  -5.153  1.00 11.50 ? 17  GLU A C   1 
ATOM   144  O O   . GLU A 1 17  ? 9.362   17.260  -6.263  1.00 12.90 ? 17  GLU A O   1 
ATOM   145  C CB  . GLU A 1 17  ? 9.029   19.197  -3.878  1.00 13.44 ? 17  GLU A CB  1 
ATOM   146  C CG  . GLU A 1 17  ? 7.529   19.409  -3.805  1.00 15.52 ? 17  GLU A CG  1 
ATOM   147  C CD  . GLU A 1 17  ? 7.153   20.871  -3.741  1.00 16.24 ? 17  GLU A CD  1 
ATOM   148  O OE1 . GLU A 1 17  ? 7.524   21.539  -2.753  1.00 16.55 ? 17  GLU A OE1 1 
ATOM   149  O OE2 . GLU A 1 17  ? 6.489   21.352  -4.682  1.00 20.21 ? 17  GLU A OE2 1 
ATOM   150  N N   . CYS A 1 18  ? 7.814   16.269  -4.958  1.00 12.80 ? 18  CYS A N   1 
ATOM   151  C CA  . CYS A 1 18  ? 7.213   15.479  -6.019  1.00 12.92 ? 18  CYS A CA  1 
ATOM   152  C C   . CYS A 1 18  ? 5.681   15.608  -6.110  1.00 11.30 ? 18  CYS A C   1 
ATOM   153  O O   . CYS A 1 18  ? 4.998   15.635  -5.087  1.00 9.98  ? 18  CYS A O   1 
ATOM   154  C CB  . CYS A 1 18  ? 7.619   14.032  -5.740  1.00 15.54 ? 18  CYS A CB  1 
ATOM   155  S SG  . CYS A 1 18  ? 7.271   12.846  -6.977  1.00 15.66 ? 18  CYS A SG  1 
ATOM   156  N N   . SER A 1 19  ? 5.139   15.672  -7.329  1.00 11.08 ? 19  SER A N   1 
ATOM   157  C CA  . SER A 1 19  ? 3.688   15.794  -7.503  1.00 13.16 ? 19  SER A CA  1 
ATOM   158  C C   . SER A 1 19  ? 3.074   14.799  -8.490  1.00 12.65 ? 19  SER A C   1 
ATOM   159  O O   . SER A 1 19  ? 1.908   14.929  -8.862  1.00 14.02 ? 19  SER A O   1 
ATOM   160  C CB  . SER A 1 19  ? 3.320   17.215  -7.940  1.00 14.93 ? 19  SER A CB  1 
ATOM   161  O OG  . SER A 1 19  ? 3.849   17.509  -9.221  1.00 18.22 ? 19  SER A OG  1 
ATOM   162  N N   . SER A 1 20  ? 3.849   13.804  -8.910  1.00 12.73 ? 20  SER A N   1 
ATOM   163  C CA  . SER A 1 20  ? 3.354   12.803  -9.853  1.00 12.05 ? 20  SER A CA  1 
ATOM   164  C C   . SER A 1 20  ? 4.199   11.538  -9.779  1.00 11.24 ? 20  SER A C   1 
ATOM   165  O O   . SER A 1 20  ? 5.233   11.518  -9.117  1.00 10.02 ? 20  SER A O   1 
ATOM   166  C CB  . SER A 1 20  ? 3.389   13.354  -11.282 1.00 13.27 ? 20  SER A CB  1 
ATOM   167  O OG  . SER A 1 20  ? 4.719   13.617  -11.699 1.00 14.67 ? 20  SER A OG  1 
ATOM   168  N N   . ASP A 1 21  ? 3.753   10.486  -10.462 1.00 9.99  ? 21  ASP A N   1 
ATOM   169  C CA  . ASP A 1 21  ? 4.474   9.218   -10.475 1.00 8.97  ? 21  ASP A CA  1 
ATOM   170  C C   . ASP A 1 21  ? 5.879   9.372   -11.042 1.00 9.07  ? 21  ASP A C   1 
ATOM   171  O O   . ASP A 1 21  ? 6.099   10.115  -11.999 1.00 9.46  ? 21  ASP A O   1 
ATOM   172  C CB  . ASP A 1 21  ? 3.745   8.181   -11.338 1.00 8.35  ? 21  ASP A CB  1 
ATOM   173  C CG  . ASP A 1 21  ? 2.422   7.742   -10.757 1.00 7.67  ? 21  ASP A CG  1 
ATOM   174  O OD1 . ASP A 1 21  ? 1.921   8.395   -9.818  1.00 8.57  ? 21  ASP A OD1 1 
ATOM   175  O OD2 . ASP A 1 21  ? 1.879   6.736   -11.261 1.00 8.90  ? 21  ASP A OD2 1 
ATOM   176  N N   . HIS A 1 22  ? 6.821   8.656   -10.440 1.00 7.96  ? 22  HIS A N   1 
ATOM   177  C CA  . HIS A 1 22  ? 8.203   8.638   -10.899 1.00 9.01  ? 22  HIS A CA  1 
ATOM   178  C C   . HIS A 1 22  ? 8.667   7.192   -10.865 1.00 8.32  ? 22  HIS A C   1 
ATOM   179  O O   . HIS A 1 22  ? 8.679   6.566   -9.807  1.00 6.65  ? 22  HIS A O   1 
ATOM   180  C CB  . HIS A 1 22  ? 9.106   9.493   -10.005 1.00 10.16 ? 22  HIS A CB  1 
ATOM   181  C CG  . HIS A 1 22  ? 9.107   10.946  -10.362 1.00 12.67 ? 22  HIS A CG  1 
ATOM   182  N ND1 . HIS A 1 22  ? 8.077   11.798  -10.028 1.00 14.02 ? 22  HIS A ND1 1 
ATOM   183  C CD2 . HIS A 1 22  ? 10.003  11.691  -11.051 1.00 12.47 ? 22  HIS A CD2 1 
ATOM   184  C CE1 . HIS A 1 22  ? 8.339   13.007  -10.495 1.00 14.30 ? 22  HIS A CE1 1 
ATOM   185  N NE2 . HIS A 1 22  ? 9.501   12.968  -11.119 1.00 15.10 ? 22  HIS A NE2 1 
ATOM   186  N N   . SER A 1 23  ? 9.036   6.663   -12.030 1.00 7.15  ? 23  SER A N   1 
ATOM   187  C CA  . SER A 1 23  ? 9.501   5.285   -12.133 1.00 9.24  ? 23  SER A CA  1 
ATOM   188  C C   . SER A 1 23  ? 10.945  5.120   -11.661 1.00 8.21  ? 23  SER A C   1 
ATOM   189  O O   . SER A 1 23  ? 11.386  4.004   -11.381 1.00 8.38  ? 23  SER A O   1 
ATOM   190  C CB  . SER A 1 23  ? 9.367   4.794   -13.577 1.00 11.36 ? 23  SER A CB  1 
ATOM   191  O OG  . SER A 1 23  ? 10.013  5.674   -14.476 1.00 18.27 ? 23  SER A OG  1 
ATOM   192  N N   . ASN A 1 24  ? 11.676  6.229   -11.578 1.00 8.15  ? 24  ASN A N   1 
ATOM   193  C CA  . ASN A 1 24  ? 13.066  6.197   -11.126 1.00 8.33  ? 24  ASN A CA  1 
ATOM   194  C C   . ASN A 1 24  ? 13.447  7.471   -10.374 1.00 7.14  ? 24  ASN A C   1 
ATOM   195  O O   . ASN A 1 24  ? 13.613  8.533   -10.975 1.00 7.06  ? 24  ASN A O   1 
ATOM   196  C CB  . ASN A 1 24  ? 14.006  5.995   -12.317 1.00 9.04  ? 24  ASN A CB  1 
ATOM   197  C CG  . ASN A 1 24  ? 15.468  5.998   -11.911 1.00 10.11 ? 24  ASN A CG  1 
ATOM   198  O OD1 . ASN A 1 24  ? 15.816  5.613   -10.795 1.00 7.51  ? 24  ASN A OD1 1 
ATOM   199  N ND2 . ASN A 1 24  ? 16.337  6.422   -12.827 1.00 12.85 ? 24  ASN A ND2 1 
ATOM   200  N N   . LEU A 1 25  ? 13.592  7.353   -9.058  1.00 6.31  ? 25  LEU A N   1 
ATOM   201  C CA  . LEU A 1 25  ? 13.940  8.491   -8.211  1.00 5.89  ? 25  LEU A CA  1 
ATOM   202  C C   . LEU A 1 25  ? 15.438  8.626   -7.960  1.00 6.70  ? 25  LEU A C   1 
ATOM   203  O O   . LEU A 1 25  ? 15.882  9.587   -7.332  1.00 8.73  ? 25  LEU A O   1 
ATOM   204  C CB  . LEU A 1 25  ? 13.213  8.376   -6.866  1.00 5.63  ? 25  LEU A CB  1 
ATOM   205  C CG  . LEU A 1 25  ? 11.698  8.566   -6.944  1.00 5.23  ? 25  LEU A CG  1 
ATOM   206  C CD1 . LEU A 1 25  ? 11.043  8.012   -5.691  1.00 6.05  ? 25  LEU A CD1 1 
ATOM   207  C CD2 . LEU A 1 25  ? 11.381  10.049  -7.114  1.00 5.76  ? 25  LEU A CD2 1 
ATOM   208  N N   . GLN A 1 26  ? 16.213  7.668   -8.449  1.00 7.07  ? 26  GLN A N   1 
ATOM   209  C CA  . GLN A 1 26  ? 17.658  7.687   -8.250  1.00 7.24  ? 26  GLN A CA  1 
ATOM   210  C C   . GLN A 1 26  ? 18.353  8.998   -8.617  1.00 7.64  ? 26  GLN A C   1 
ATOM   211  O O   . GLN A 1 26  ? 19.299  9.404   -7.949  1.00 7.92  ? 26  GLN A O   1 
ATOM   212  C CB  . GLN A 1 26  ? 18.290  6.501   -8.989  1.00 8.54  ? 26  GLN A CB  1 
ATOM   213  C CG  . GLN A 1 26  ? 17.915  5.166   -8.350  1.00 10.58 ? 26  GLN A CG  1 
ATOM   214  C CD  . GLN A 1 26  ? 18.430  3.964   -9.112  1.00 12.65 ? 26  GLN A CD  1 
ATOM   215  O OE1 . GLN A 1 26  ? 18.010  3.701   -10.240 1.00 17.49 ? 26  GLN A OE1 1 
ATOM   216  N NE2 . GLN A 1 26  ? 19.340  3.222   -8.497  1.00 13.14 ? 26  GLN A NE2 1 
ATOM   217  N N   . PRO A 1 27  ? 17.899  9.681   -9.680  1.00 8.62  ? 27  PRO A N   1 
ATOM   218  C CA  . PRO A 1 27  ? 18.541  10.947  -10.060 1.00 8.60  ? 27  PRO A CA  1 
ATOM   219  C C   . PRO A 1 27  ? 18.268  12.115  -9.106  1.00 9.43  ? 27  PRO A C   1 
ATOM   220  O O   . PRO A 1 27  ? 18.922  13.157  -9.192  1.00 9.32  ? 27  PRO A O   1 
ATOM   221  C CB  . PRO A 1 27  ? 17.963  11.226  -11.447 1.00 8.92  ? 27  PRO A CB  1 
ATOM   222  C CG  . PRO A 1 27  ? 17.677  9.864   -11.982 1.00 8.00  ? 27  PRO A CG  1 
ATOM   223  C CD  . PRO A 1 27  ? 17.065  9.175   -10.784 1.00 7.21  ? 27  PRO A CD  1 
ATOM   224  N N   . TYR A 1 28  ? 17.317  11.935  -8.193  1.00 10.50 ? 28  TYR A N   1 
ATOM   225  C CA  . TYR A 1 28  ? 16.929  12.997  -7.266  1.00 10.06 ? 28  TYR A CA  1 
ATOM   226  C C   . TYR A 1 28  ? 17.477  12.893  -5.843  1.00 10.44 ? 28  TYR A C   1 
ATOM   227  O O   . TYR A 1 28  ? 17.582  13.899  -5.136  1.00 11.38 ? 28  TYR A O   1 
ATOM   228  C CB  . TYR A 1 28  ? 15.403  13.085  -7.248  1.00 10.48 ? 28  TYR A CB  1 
ATOM   229  C CG  . TYR A 1 28  ? 14.825  13.233  -8.635  1.00 11.92 ? 28  TYR A CG  1 
ATOM   230  C CD1 . TYR A 1 28  ? 14.984  14.418  -9.353  1.00 13.41 ? 28  TYR A CD1 1 
ATOM   231  C CD2 . TYR A 1 28  ? 14.165  12.172  -9.255  1.00 13.72 ? 28  TYR A CD2 1 
ATOM   232  C CE1 . TYR A 1 28  ? 14.500  14.543  -10.654 1.00 14.64 ? 28  TYR A CE1 1 
ATOM   233  C CE2 . TYR A 1 28  ? 13.679  12.286  -10.555 1.00 13.60 ? 28  TYR A CE2 1 
ATOM   234  C CZ  . TYR A 1 28  ? 13.851  13.475  -11.248 1.00 15.42 ? 28  TYR A CZ  1 
ATOM   235  O OH  . TYR A 1 28  ? 13.377  13.592  -12.536 1.00 17.55 ? 28  TYR A OH  1 
ATOM   236  N N   . PHE A 1 29  ? 17.807  11.678  -5.421  1.00 11.39 ? 29  PHE A N   1 
ATOM   237  C CA  . PHE A 1 29  ? 18.375  11.444  -4.098  1.00 11.17 ? 29  PHE A CA  1 
ATOM   238  C C   . PHE A 1 29  ? 18.880  10.008  -4.019  1.00 11.97 ? 29  PHE A C   1 
ATOM   239  O O   . PHE A 1 29  ? 18.343  9.124   -4.685  1.00 10.75 ? 29  PHE A O   1 
ATOM   240  C CB  . PHE A 1 29  ? 17.341  11.731  -2.996  1.00 11.44 ? 29  PHE A CB  1 
ATOM   241  C CG  . PHE A 1 29  ? 16.056  10.955  -3.127  1.00 9.92  ? 29  PHE A CG  1 
ATOM   242  C CD1 . PHE A 1 29  ? 15.990  9.613   -2.758  1.00 9.55  ? 29  PHE A CD1 1 
ATOM   243  C CD2 . PHE A 1 29  ? 14.905  11.574  -3.605  1.00 9.00  ? 29  PHE A CD2 1 
ATOM   244  C CE1 . PHE A 1 29  ? 14.794  8.902   -2.860  1.00 9.70  ? 29  PHE A CE1 1 
ATOM   245  C CE2 . PHE A 1 29  ? 13.704  10.871  -3.712  1.00 9.77  ? 29  PHE A CE2 1 
ATOM   246  C CZ  . PHE A 1 29  ? 13.649  9.532   -3.338  1.00 9.97  ? 29  PHE A CZ  1 
ATOM   247  N N   . SER A 1 30  ? 19.919  9.785   -3.219  1.00 10.95 ? 30  SER A N   1 
ATOM   248  C CA  . SER A 1 30  ? 20.500  8.452   -3.079  1.00 11.41 ? 30  SER A CA  1 
ATOM   249  C C   . SER A 1 30  ? 20.022  7.723   -1.831  1.00 12.29 ? 30  SER A C   1 
ATOM   250  O O   . SER A 1 30  ? 20.244  6.523   -1.685  1.00 13.70 ? 30  SER A O   1 
ATOM   251  C CB  . SER A 1 30  ? 22.031  8.535   -3.080  1.00 13.58 ? 30  SER A CB  1 
ATOM   252  O OG  . SER A 1 30  ? 22.504  9.403   -2.066  1.00 14.25 ? 30  SER A OG  1 
ATOM   253  N N   . ARG A 1 31  ? 19.376  8.454   -0.930  1.00 11.20 ? 31  ARG A N   1 
ATOM   254  C CA  . ARG A 1 31  ? 18.845  7.866   0.292   1.00 10.42 ? 31  ARG A CA  1 
ATOM   255  C C   . ARG A 1 31  ? 17.621  8.663   0.739   1.00 9.14  ? 31  ARG A C   1 
ATOM   256  O O   . ARG A 1 31  ? 17.506  9.849   0.448   1.00 9.67  ? 31  ARG A O   1 
ATOM   257  C CB  . ARG A 1 31  ? 19.916  7.842   1.395   1.00 12.43 ? 31  ARG A CB  1 
ATOM   258  C CG  . ARG A 1 31  ? 20.452  9.195   1.816   1.00 12.20 ? 31  ARG A CG  1 
ATOM   259  C CD  . ARG A 1 31  ? 21.458  9.046   2.961   1.00 15.45 ? 31  ARG A CD  1 
ATOM   260  N NE  . ARG A 1 31  ? 21.919  10.337  3.461   1.00 16.20 ? 31  ARG A NE  1 
ATOM   261  C CZ  . ARG A 1 31  ? 22.719  11.160  2.790   1.00 19.75 ? 31  ARG A CZ  1 
ATOM   262  N NH1 . ARG A 1 31  ? 23.160  10.826  1.583   1.00 22.19 ? 31  ARG A NH1 1 
ATOM   263  N NH2 . ARG A 1 31  ? 23.070  12.321  3.323   1.00 21.05 ? 31  ARG A NH2 1 
ATOM   264  N N   . CYS A 1 32  ? 16.696  7.998   1.423   1.00 9.47  ? 32  CYS A N   1 
ATOM   265  C CA  . CYS A 1 32  ? 15.486  8.656   1.897   1.00 8.77  ? 32  CYS A CA  1 
ATOM   266  C C   . CYS A 1 32  ? 15.232  8.255   3.339   1.00 8.01  ? 32  CYS A C   1 
ATOM   267  O O   . CYS A 1 32  ? 14.872  7.112   3.610   1.00 7.48  ? 32  CYS A O   1 
ATOM   268  C CB  . CYS A 1 32  ? 14.292  8.254   1.031   1.00 10.34 ? 32  CYS A CB  1 
ATOM   269  S SG  . CYS A 1 32  ? 12.753  9.061   1.509   1.00 13.36 ? 32  CYS A SG  1 
ATOM   270  N N   . ASN A 1 33  ? 15.418  9.193   4.261   1.00 7.23  ? 33  ASN A N   1 
ATOM   271  C CA  . ASN A 1 33  ? 15.223  8.897   5.676   1.00 5.77  ? 33  ASN A CA  1 
ATOM   272  C C   . ASN A 1 33  ? 14.049  9.576   6.369   1.00 6.47  ? 33  ASN A C   1 
ATOM   273  O O   . ASN A 1 33  ? 13.841  9.390   7.567   1.00 4.42  ? 33  ASN A O   1 
ATOM   274  C CB  . ASN A 1 33  ? 16.522  9.161   6.438   1.00 5.08  ? 33  ASN A CB  1 
ATOM   275  C CG  . ASN A 1 33  ? 17.517  8.030   6.275   1.00 6.02  ? 33  ASN A CG  1 
ATOM   276  O OD1 . ASN A 1 33  ? 17.344  6.956   6.846   1.00 6.85  ? 33  ASN A OD1 1 
ATOM   277  N ND2 . ASN A 1 33  ? 18.550  8.257   5.475   1.00 7.80  ? 33  ASN A ND2 1 
ATOM   278  N N   . SER A 1 34  ? 13.288  10.367  5.621   1.00 4.81  ? 34  SER A N   1 
ATOM   279  C CA  . SER A 1 34  ? 12.099  11.021  6.153   1.00 5.66  ? 34  SER A CA  1 
ATOM   280  C C   . SER A 1 34  ? 11.286  11.548  4.987   1.00 5.60  ? 34  SER A C   1 
ATOM   281  O O   . SER A 1 34  ? 11.836  11.883  3.935   1.00 7.41  ? 34  SER A O   1 
ATOM   282  C CB  . SER A 1 34  ? 12.450  12.152  7.136   1.00 4.48  ? 34  SER A CB  1 
ATOM   283  O OG  . SER A 1 34  ? 13.204  13.189  6.539   1.00 5.71  ? 34  SER A OG  1 
ATOM   284  N N   . ILE A 1 35  ? 9.973   11.599  5.172   1.00 5.70  ? 35  ILE A N   1 
ATOM   285  C CA  . ILE A 1 35  ? 9.066   12.048  4.124   1.00 5.65  ? 35  ILE A CA  1 
ATOM   286  C C   . ILE A 1 35  ? 7.901   12.842  4.700   1.00 4.55  ? 35  ILE A C   1 
ATOM   287  O O   . ILE A 1 35  ? 7.366   12.494  5.747   1.00 6.59  ? 35  ILE A O   1 
ATOM   288  C CB  . ILE A 1 35  ? 8.468   10.834  3.356   1.00 4.79  ? 35  ILE A CB  1 
ATOM   289  C CG1 . ILE A 1 35  ? 9.580   10.047  2.661   1.00 5.36  ? 35  ILE A CG1 1 
ATOM   290  C CG2 . ILE A 1 35  ? 7.433   11.304  2.346   1.00 5.99  ? 35  ILE A CG2 1 
ATOM   291  C CD1 . ILE A 1 35  ? 9.089   8.801   1.940   1.00 8.03  ? 35  ILE A CD1 1 
ATOM   292  N N   . ARG A 1 36  ? 7.517   13.918  4.020   1.00 3.98  ? 36  ARG A N   1 
ATOM   293  C CA  . ARG A 1 36  ? 6.370   14.698  4.453   1.00 5.09  ? 36  ARG A CA  1 
ATOM   294  C C   . ARG A 1 36  ? 5.390   14.695  3.289   1.00 5.37  ? 36  ARG A C   1 
ATOM   295  O O   . ARG A 1 36  ? 5.731   15.101  2.180   1.00 6.04  ? 36  ARG A O   1 
ATOM   296  C CB  . ARG A 1 36  ? 6.755   16.138  4.817   1.00 6.88  ? 36  ARG A CB  1 
ATOM   297  C CG  . ARG A 1 36  ? 5.575   16.958  5.336   1.00 9.39  ? 36  ARG A CG  1 
ATOM   298  C CD  . ARG A 1 36  ? 5.999   18.326  5.839   1.00 10.86 ? 36  ARG A CD  1 
ATOM   299  N NE  . ARG A 1 36  ? 6.681   18.261  7.131   1.00 13.73 ? 36  ARG A NE  1 
ATOM   300  C CZ  . ARG A 1 36  ? 7.851   18.841  7.384   1.00 11.91 ? 36  ARG A CZ  1 
ATOM   301  N NH1 . ARG A 1 36  ? 8.474   19.521  6.429   1.00 13.54 ? 36  ARG A NH1 1 
ATOM   302  N NH2 . ARG A 1 36  ? 8.392   18.755  8.592   1.00 14.09 ? 36  ARG A NH2 1 
ATOM   303  N N   . VAL A 1 37  ? 4.180   14.211  3.541   1.00 5.29  ? 37  VAL A N   1 
ATOM   304  C CA  . VAL A 1 37  ? 3.150   14.157  2.511   1.00 5.52  ? 37  VAL A CA  1 
ATOM   305  C C   . VAL A 1 37  ? 2.178   15.311  2.731   1.00 6.26  ? 37  VAL A C   1 
ATOM   306  O O   . VAL A 1 37  ? 1.566   15.414  3.792   1.00 5.42  ? 37  VAL A O   1 
ATOM   307  C CB  . VAL A 1 37  ? 2.376   12.815  2.565   1.00 5.01  ? 37  VAL A CB  1 
ATOM   308  C CG1 . VAL A 1 37  ? 1.272   12.804  1.518   1.00 6.41  ? 37  VAL A CG1 1 
ATOM   309  C CG2 . VAL A 1 37  ? 3.329   11.649  2.325   1.00 5.68  ? 37  VAL A CG2 1 
ATOM   310  N N   . ASP A 1 38  ? 2.050   16.183  1.732   1.00 6.67  ? 38  ASP A N   1 
ATOM   311  C CA  . ASP A 1 38  ? 1.152   17.333  1.831   1.00 8.04  ? 38  ASP A CA  1 
ATOM   312  C C   . ASP A 1 38  ? -0.251  17.020  1.333   1.00 7.34  ? 38  ASP A C   1 
ATOM   313  O O   . ASP A 1 38  ? -1.226  17.561  1.841   1.00 7.55  ? 38  ASP A O   1 
ATOM   314  C CB  . ASP A 1 38  ? 1.723   18.517  1.048   1.00 9.20  ? 38  ASP A CB  1 
ATOM   315  C CG  . ASP A 1 38  ? 2.809   19.255  1.810   1.00 13.60 ? 38  ASP A CG  1 
ATOM   316  O OD1 . ASP A 1 38  ? 3.808   19.663  1.182   1.00 14.80 ? 38  ASP A OD1 1 
ATOM   317  O OD2 . ASP A 1 38  ? 2.655   19.438  3.037   1.00 15.11 ? 38  ASP A OD2 1 
ATOM   318  N N   . SER A 1 39  ? -0.348  16.145  0.337   1.00 7.37  ? 39  SER A N   1 
ATOM   319  C CA  . SER A 1 39  ? -1.642  15.761  -0.214  1.00 8.31  ? 39  SER A CA  1 
ATOM   320  C C   . SER A 1 39  ? -1.535  14.473  -1.023  1.00 8.00  ? 39  SER A C   1 
ATOM   321  O O   . SER A 1 39  ? -0.470  14.143  -1.555  1.00 8.36  ? 39  SER A O   1 
ATOM   322  C CB  . SER A 1 39  ? -2.203  16.883  -1.095  1.00 10.48 ? 39  SER A CB  1 
ATOM   323  O OG  . SER A 1 39  ? -1.336  17.172  -2.177  1.00 12.70 ? 39  SER A OG  1 
ATOM   324  N N   . GLY A 1 40  ? -2.650  13.755  -1.099  1.00 7.52  ? 40  GLY A N   1 
ATOM   325  C CA  . GLY A 1 40  ? -2.702  12.508  -1.842  1.00 6.77  ? 40  GLY A CA  1 
ATOM   326  C C   . GLY A 1 40  ? -2.252  11.286  -1.065  1.00 6.84  ? 40  GLY A C   1 
ATOM   327  O O   . GLY A 1 40  ? -1.639  11.403  -0.004  1.00 6.56  ? 40  GLY A O   1 
ATOM   328  N N   . CYS A 1 41  ? -2.585  10.109  -1.591  1.00 6.62  ? 41  CYS A N   1 
ATOM   329  C CA  . CYS A 1 41  ? -2.185  8.835   -1.001  1.00 6.89  ? 41  CYS A CA  1 
ATOM   330  C C   . CYS A 1 41  ? -1.089  8.322   -1.921  1.00 6.81  ? 41  CYS A C   1 
ATOM   331  O O   . CYS A 1 41  ? -1.241  8.356   -3.142  1.00 5.60  ? 41  CYS A O   1 
ATOM   332  C CB  . CYS A 1 41  ? -3.345  7.838   -0.993  1.00 8.69  ? 41  CYS A CB  1 
ATOM   333  S SG  . CYS A 1 41  ? -4.665  8.235   0.169   1.00 10.89 ? 41  CYS A SG  1 
ATOM   334  N N   . TRP A 1 42  ? 0.007   7.847   -1.344  1.00 4.81  ? 42  TRP A N   1 
ATOM   335  C CA  . TRP A 1 42  ? 1.121   7.368   -2.148  1.00 5.66  ? 42  TRP A CA  1 
ATOM   336  C C   . TRP A 1 42  ? 1.593   5.963   -1.808  1.00 5.88  ? 42  TRP A C   1 
ATOM   337  O O   . TRP A 1 42  ? 1.408   5.480   -0.693  1.00 5.94  ? 42  TRP A O   1 
ATOM   338  C CB  . TRP A 1 42  ? 2.321   8.306   -1.989  1.00 4.26  ? 42  TRP A CB  1 
ATOM   339  C CG  . TRP A 1 42  ? 2.074   9.716   -2.403  1.00 5.24  ? 42  TRP A CG  1 
ATOM   340  C CD1 . TRP A 1 42  ? 1.353   10.657  -1.728  1.00 5.40  ? 42  TRP A CD1 1 
ATOM   341  C CD2 . TRP A 1 42  ? 2.543   10.349  -3.598  1.00 4.45  ? 42  TRP A CD2 1 
ATOM   342  N NE1 . TRP A 1 42  ? 1.345   11.838  -2.429  1.00 5.27  ? 42  TRP A NE1 1 
ATOM   343  C CE2 . TRP A 1 42  ? 2.068   11.678  -3.582  1.00 4.41  ? 42  TRP A CE2 1 
ATOM   344  C CE3 . TRP A 1 42  ? 3.318   9.921   -4.683  1.00 5.47  ? 42  TRP A CE3 1 
ATOM   345  C CZ2 . TRP A 1 42  ? 2.343   12.585  -4.610  1.00 5.21  ? 42  TRP A CZ2 1 
ATOM   346  C CZ3 . TRP A 1 42  ? 3.592   10.822  -5.707  1.00 4.35  ? 42  TRP A CZ3 1 
ATOM   347  C CH2 . TRP A 1 42  ? 3.104   12.140  -5.661  1.00 4.88  ? 42  TRP A CH2 1 
ATOM   348  N N   . MET A 1 43  ? 2.204   5.311   -2.790  1.00 5.37  ? 43  MET A N   1 
ATOM   349  C CA  . MET A 1 43  ? 2.784   3.996   -2.590  1.00 4.69  ? 43  MET A CA  1 
ATOM   350  C C   . MET A 1 43  ? 4.236   4.176   -3.040  1.00 5.28  ? 43  MET A C   1 
ATOM   351  O O   . MET A 1 43  ? 4.487   4.588   -4.173  1.00 4.77  ? 43  MET A O   1 
ATOM   352  C CB  . MET A 1 43  ? 2.090   2.939   -3.457  1.00 4.66  ? 43  MET A CB  1 
ATOM   353  C CG  . MET A 1 43  ? 2.165   1.521   -2.895  1.00 5.34  ? 43  MET A CG  1 
ATOM   354  S SD  . MET A 1 43  ? 1.109   1.307   -1.433  1.00 4.22  ? 43  MET A SD  1 
ATOM   355  C CE  . MET A 1 43  ? 1.751   -0.224  -0.749  1.00 5.72  ? 43  MET A CE  1 
ATOM   356  N N   . ILE A 1 44  ? 5.187   3.922   -2.144  1.00 4.39  ? 44  ILE A N   1 
ATOM   357  C CA  . ILE A 1 44  ? 6.600   4.051   -2.499  1.00 5.25  ? 44  ILE A CA  1 
ATOM   358  C C   . ILE A 1 44  ? 7.220   2.658   -2.568  1.00 6.11  ? 44  ILE A C   1 
ATOM   359  O O   . ILE A 1 44  ? 6.786   1.745   -1.867  1.00 6.82  ? 44  ILE A O   1 
ATOM   360  C CB  . ILE A 1 44  ? 7.375   4.954   -1.494  1.00 4.09  ? 44  ILE A CB  1 
ATOM   361  C CG1 . ILE A 1 44  ? 7.265   4.405   -0.072  1.00 5.85  ? 44  ILE A CG1 1 
ATOM   362  C CG2 . ILE A 1 44  ? 6.819   6.374   -1.559  1.00 3.74  ? 44  ILE A CG2 1 
ATOM   363  C CD1 . ILE A 1 44  ? 8.036   5.223   0.953   1.00 6.95  ? 44  ILE A CD1 1 
ATOM   364  N N   . TYR A 1 45  ? 8.235   2.502   -3.413  1.00 5.26  ? 45  TYR A N   1 
ATOM   365  C CA  . TYR A 1 45  ? 8.870   1.203   -3.614  1.00 5.81  ? 45  TYR A CA  1 
ATOM   366  C C   . TYR A 1 45  ? 10.387  1.223   -3.461  1.00 5.20  ? 45  TYR A C   1 
ATOM   367  O O   . TYR A 1 45  ? 11.026  2.254   -3.653  1.00 6.21  ? 45  TYR A O   1 
ATOM   368  C CB  . TYR A 1 45  ? 8.517   0.678   -5.010  1.00 5.64  ? 45  TYR A CB  1 
ATOM   369  C CG  . TYR A 1 45  ? 7.033   0.662   -5.324  1.00 5.96  ? 45  TYR A CG  1 
ATOM   370  C CD1 . TYR A 1 45  ? 6.351   1.833   -5.673  1.00 4.80  ? 45  TYR A CD1 1 
ATOM   371  C CD2 . TYR A 1 45  ? 6.308   -0.526  -5.275  1.00 7.77  ? 45  TYR A CD2 1 
ATOM   372  C CE1 . TYR A 1 45  ? 4.980   1.810   -5.966  1.00 4.21  ? 45  TYR A CE1 1 
ATOM   373  C CE2 . TYR A 1 45  ? 4.951   -0.556  -5.562  1.00 5.87  ? 45  TYR A CE2 1 
ATOM   374  C CZ  . TYR A 1 45  ? 4.291   0.608   -5.909  1.00 5.38  ? 45  TYR A CZ  1 
ATOM   375  O OH  . TYR A 1 45  ? 2.945   0.556   -6.200  1.00 5.79  ? 45  TYR A OH  1 
ATOM   376  N N   . GLU A 1 46  ? 10.961  0.070   -3.130  1.00 6.81  ? 46  GLU A N   1 
ATOM   377  C CA  . GLU A 1 46  ? 12.406  -0.025  -2.961  1.00 7.44  ? 46  GLU A CA  1 
ATOM   378  C C   . GLU A 1 46  ? 13.158  -0.018  -4.288  1.00 7.39  ? 46  GLU A C   1 
ATOM   379  O O   . GLU A 1 46  ? 14.268  0.501   -4.364  1.00 6.23  ? 46  GLU A O   1 
ATOM   380  C CB  . GLU A 1 46  ? 12.770  -1.279  -2.154  1.00 6.75  ? 46  GLU A CB  1 
ATOM   381  C CG  . GLU A 1 46  ? 14.271  -1.523  -2.034  1.00 10.01 ? 46  GLU A CG  1 
ATOM   382  C CD  . GLU A 1 46  ? 14.629  -2.560  -0.982  1.00 12.09 ? 46  GLU A CD  1 
ATOM   383  O OE1 . GLU A 1 46  ? 13.799  -3.450  -0.700  1.00 13.67 ? 46  GLU A OE1 1 
ATOM   384  O OE2 . GLU A 1 46  ? 15.754  -2.490  -0.443  1.00 16.59 ? 46  GLU A OE2 1 
ATOM   385  N N   . GLN A 1 47  ? 12.555  -0.579  -5.333  1.00 8.65  ? 47  GLN A N   1 
ATOM   386  C CA  . GLN A 1 47  ? 13.203  -0.626  -6.645  1.00 9.74  ? 47  GLN A CA  1 
ATOM   387  C C   . GLN A 1 47  ? 12.498  0.246   -7.683  1.00 8.28  ? 47  GLN A C   1 
ATOM   388  O O   . GLN A 1 47  ? 11.389  0.728   -7.454  1.00 7.39  ? 47  GLN A O   1 
ATOM   389  C CB  . GLN A 1 47  ? 13.251  -2.074  -7.150  1.00 10.42 ? 47  GLN A CB  1 
ATOM   390  C CG  . GLN A 1 47  ? 13.883  -3.052  -6.174  1.00 15.82 ? 47  GLN A CG  1 
ATOM   391  C CD  . GLN A 1 47  ? 15.344  -2.757  -5.898  1.00 18.16 ? 47  GLN A CD  1 
ATOM   392  O OE1 . GLN A 1 47  ? 15.930  -3.305  -4.964  1.00 19.74 ? 47  GLN A OE1 1 
ATOM   393  N NE2 . GLN A 1 47  ? 15.943  -1.897  -6.715  1.00 18.70 ? 47  GLN A NE2 1 
ATOM   394  N N   . PRO A 1 48  ? 13.143  0.467   -8.843  1.00 8.12  ? 48  PRO A N   1 
ATOM   395  C CA  . PRO A 1 48  ? 12.534  1.289   -9.894  1.00 8.31  ? 48  PRO A CA  1 
ATOM   396  C C   . PRO A 1 48  ? 11.342  0.569   -10.515 1.00 8.21  ? 48  PRO A C   1 
ATOM   397  O O   . PRO A 1 48  ? 11.141  -0.628  -10.289 1.00 7.63  ? 48  PRO A O   1 
ATOM   398  C CB  . PRO A 1 48  ? 13.668  1.458   -10.910 1.00 7.28  ? 48  PRO A CB  1 
ATOM   399  C CG  . PRO A 1 48  ? 14.905  1.299   -10.091 1.00 8.51  ? 48  PRO A CG  1 
ATOM   400  C CD  . PRO A 1 48  ? 14.545  0.158   -9.175  1.00 7.74  ? 48  PRO A CD  1 
ATOM   401  N N   . ASN A 1 49  ? 10.559  1.307   -11.295 1.00 8.51  ? 49  ASN A N   1 
ATOM   402  C CA  . ASN A 1 49  ? 9.408   0.744   -11.988 1.00 9.00  ? 49  ASN A CA  1 
ATOM   403  C C   . ASN A 1 49  ? 8.370   0.101   -11.077 1.00 9.11  ? 49  ASN A C   1 
ATOM   404  O O   . ASN A 1 49  ? 7.665   -0.824  -11.483 1.00 9.26  ? 49  ASN A O   1 
ATOM   405  C CB  . ASN A 1 49  ? 9.904   -0.260  -13.030 1.00 10.16 ? 49  ASN A CB  1 
ATOM   406  C CG  . ASN A 1 49  ? 10.837  0.380   -14.038 1.00 13.28 ? 49  ASN A CG  1 
ATOM   407  O OD1 . ASN A 1 49  ? 11.738  -0.268  -14.574 1.00 17.55 ? 49  ASN A OD1 1 
ATOM   408  N ND2 . ASN A 1 49  ? 10.623  1.661   -14.304 1.00 13.64 ? 49  ASN A ND2 1 
ATOM   409  N N   . PHE A 1 50  ? 8.286   0.598   -9.845  1.00 7.90  ? 50  PHE A N   1 
ATOM   410  C CA  . PHE A 1 50  ? 7.317   0.116   -8.865  1.00 8.28  ? 50  PHE A CA  1 
ATOM   411  C C   . PHE A 1 50  ? 7.479   -1.358  -8.510  1.00 7.42  ? 50  PHE A C   1 
ATOM   412  O O   . PHE A 1 50  ? 6.488   -2.070  -8.317  1.00 7.43  ? 50  PHE A O   1 
ATOM   413  C CB  . PHE A 1 50  ? 5.900   0.371   -9.385  1.00 6.51  ? 50  PHE A CB  1 
ATOM   414  C CG  . PHE A 1 50  ? 5.757   1.678   -10.108 1.00 7.61  ? 50  PHE A CG  1 
ATOM   415  C CD1 . PHE A 1 50  ? 5.980   2.884   -9.449  1.00 8.33  ? 50  PHE A CD1 1 
ATOM   416  C CD2 . PHE A 1 50  ? 5.451   1.704   -11.462 1.00 9.45  ? 50  PHE A CD2 1 
ATOM   417  C CE1 . PHE A 1 50  ? 5.905   4.098   -10.131 1.00 8.64  ? 50  PHE A CE1 1 
ATOM   418  C CE2 . PHE A 1 50  ? 5.374   2.911   -12.155 1.00 11.98 ? 50  PHE A CE2 1 
ATOM   419  C CZ  . PHE A 1 50  ? 5.602   4.108   -11.489 1.00 10.58 ? 50  PHE A CZ  1 
ATOM   420  N N   . GLN A 1 51  ? 8.728   -1.808  -8.421  1.00 7.93  ? 51  GLN A N   1 
ATOM   421  C CA  . GLN A 1 51  ? 9.027   -3.197  -8.085  1.00 8.35  ? 51  GLN A CA  1 
ATOM   422  C C   . GLN A 1 51  ? 9.594   -3.311  -6.676  1.00 8.45  ? 51  GLN A C   1 
ATOM   423  O O   . GLN A 1 51  ? 10.026  -2.316  -6.081  1.00 7.96  ? 51  GLN A O   1 
ATOM   424  C CB  . GLN A 1 51  ? 10.038  -3.783  -9.077  1.00 8.97  ? 51  GLN A CB  1 
ATOM   425  C CG  . GLN A 1 51  ? 9.590   -3.738  -10.525 1.00 9.64  ? 51  GLN A CG  1 
ATOM   426  C CD  . GLN A 1 51  ? 8.292   -4.476  -10.752 1.00 11.89 ? 51  GLN A CD  1 
ATOM   427  O OE1 . GLN A 1 51  ? 8.188   -5.674  -10.482 1.00 12.81 ? 51  GLN A OE1 1 
ATOM   428  N NE2 . GLN A 1 51  ? 7.289   -3.765  -11.249 1.00 12.02 ? 51  GLN A NE2 1 
ATOM   429  N N   . GLY A 1 52  ? 9.591   -4.530  -6.146  1.00 7.89  ? 52  GLY A N   1 
ATOM   430  C CA  . GLY A 1 52  ? 10.119  -4.766  -4.814  1.00 8.05  ? 52  GLY A CA  1 
ATOM   431  C C   . GLY A 1 52  ? 9.161   -4.388  -3.702  1.00 7.72  ? 52  GLY A C   1 
ATOM   432  O O   . GLY A 1 52  ? 7.985   -4.132  -3.949  1.00 8.52  ? 52  GLY A O   1 
ATOM   433  N N   . PRO A 1 53  ? 9.638   -4.358  -2.450  1.00 6.73  ? 53  PRO A N   1 
ATOM   434  C CA  . PRO A 1 53  ? 8.804   -4.005  -1.298  1.00 5.77  ? 53  PRO A CA  1 
ATOM   435  C C   . PRO A 1 53  ? 8.074   -2.678  -1.507  1.00 4.76  ? 53  PRO A C   1 
ATOM   436  O O   . PRO A 1 53  ? 8.663   -1.710  -1.986  1.00 4.01  ? 53  PRO A O   1 
ATOM   437  C CB  . PRO A 1 53  ? 9.814   -3.939  -0.159  1.00 5.80  ? 53  PRO A CB  1 
ATOM   438  C CG  . PRO A 1 53  ? 10.799  -5.010  -0.544  1.00 6.26  ? 53  PRO A CG  1 
ATOM   439  C CD  . PRO A 1 53  ? 10.999  -4.723  -2.019  1.00 7.63  ? 53  PRO A CD  1 
ATOM   440  N N   . GLN A 1 54  ? 6.793   -2.646  -1.148  1.00 5.04  ? 54  GLN A N   1 
ATOM   441  C CA  . GLN A 1 54  ? 5.978   -1.442  -1.295  1.00 5.43  ? 54  GLN A CA  1 
ATOM   442  C C   . GLN A 1 54  ? 5.456   -0.930  0.050   1.00 5.11  ? 54  GLN A C   1 
ATOM   443  O O   . GLN A 1 54  ? 5.249   -1.713  0.981   1.00 5.11  ? 54  GLN A O   1 
ATOM   444  C CB  . GLN A 1 54  ? 4.815   -1.709  -2.264  1.00 9.05  ? 54  GLN A CB  1 
ATOM   445  C CG  . GLN A 1 54  ? 4.132   -3.058  -2.102  1.00 11.35 ? 54  GLN A CG  1 
ATOM   446  C CD  . GLN A 1 54  ? 3.198   -3.395  -3.262  1.00 9.02  ? 54  GLN A CD  1 
ATOM   447  O OE1 . GLN A 1 54  ? 2.313   -2.611  -3.611  1.00 6.83  ? 54  GLN A OE1 1 
ATOM   448  N NE2 . GLN A 1 54  ? 3.392   -4.569  -3.863  1.00 7.61  ? 54  GLN A NE2 1 
ATOM   449  N N   . TYR A 1 55  ? 5.257   0.386   0.141   1.00 4.26  ? 55  TYR A N   1 
ATOM   450  C CA  . TYR A 1 55  ? 4.785   1.038   1.366   1.00 4.21  ? 55  TYR A CA  1 
ATOM   451  C C   . TYR A 1 55  ? 3.769   2.155   1.112   1.00 3.92  ? 55  TYR A C   1 
ATOM   452  O O   . TYR A 1 55  ? 3.951   2.998   0.227   1.00 3.27  ? 55  TYR A O   1 
ATOM   453  C CB  . TYR A 1 55  ? 5.978   1.617   2.120   1.00 5.29  ? 55  TYR A CB  1 
ATOM   454  C CG  . TYR A 1 55  ? 7.081   0.619   2.342   1.00 4.54  ? 55  TYR A CG  1 
ATOM   455  C CD1 . TYR A 1 55  ? 6.996   -0.328  3.361   1.00 3.89  ? 55  TYR A CD1 1 
ATOM   456  C CD2 . TYR A 1 55  ? 8.199   0.599   1.510   1.00 4.48  ? 55  TYR A CD2 1 
ATOM   457  C CE1 . TYR A 1 55  ? 8.003   -1.274  3.546   1.00 6.14  ? 55  TYR A CE1 1 
ATOM   458  C CE2 . TYR A 1 55  ? 9.208   -0.344  1.685   1.00 7.42  ? 55  TYR A CE2 1 
ATOM   459  C CZ  . TYR A 1 55  ? 9.102   -1.275  2.704   1.00 6.20  ? 55  TYR A CZ  1 
ATOM   460  O OH  . TYR A 1 55  ? 10.096  -2.213  2.879   1.00 9.60  ? 55  TYR A OH  1 
ATOM   461  N N   . PHE A 1 56  ? 2.716   2.167   1.925   1.00 3.18  ? 56  PHE A N   1 
ATOM   462  C CA  . PHE A 1 56  ? 1.634   3.143   1.827   1.00 3.13  ? 56  PHE A CA  1 
ATOM   463  C C   . PHE A 1 56  ? 1.865   4.374   2.701   1.00 4.55  ? 56  PHE A C   1 
ATOM   464  O O   . PHE A 1 56  ? 2.213   4.250   3.874   1.00 5.57  ? 56  PHE A O   1 
ATOM   465  C CB  . PHE A 1 56  ? 0.328   2.472   2.247   1.00 4.74  ? 56  PHE A CB  1 
ATOM   466  C CG  . PHE A 1 56  ? -0.859  3.387   2.231   1.00 5.25  ? 56  PHE A CG  1 
ATOM   467  C CD1 . PHE A 1 56  ? -1.420  3.795   1.027   1.00 5.48  ? 56  PHE A CD1 1 
ATOM   468  C CD2 . PHE A 1 56  ? -1.428  3.821   3.423   1.00 5.91  ? 56  PHE A CD2 1 
ATOM   469  C CE1 . PHE A 1 56  ? -2.539  4.626   1.009   1.00 6.99  ? 56  PHE A CE1 1 
ATOM   470  C CE2 . PHE A 1 56  ? -2.547  4.653   3.419   1.00 8.17  ? 56  PHE A CE2 1 
ATOM   471  C CZ  . PHE A 1 56  ? -3.104  5.056   2.210   1.00 9.01  ? 56  PHE A CZ  1 
ATOM   472  N N   . LEU A 1 57  ? 1.656   5.556   2.124   1.00 5.22  ? 57  LEU A N   1 
ATOM   473  C CA  . LEU A 1 57  ? 1.822   6.819   2.845   1.00 5.94  ? 57  LEU A CA  1 
ATOM   474  C C   . LEU A 1 57  ? 0.576   7.702   2.700   1.00 8.27  ? 57  LEU A C   1 
ATOM   475  O O   . LEU A 1 57  ? -0.048  7.739   1.637   1.00 6.37  ? 57  LEU A O   1 
ATOM   476  C CB  . LEU A 1 57  ? 3.042   7.587   2.315   1.00 7.52  ? 57  LEU A CB  1 
ATOM   477  C CG  . LEU A 1 57  ? 4.462   7.027   2.481   1.00 11.88 ? 57  LEU A CG  1 
ATOM   478  C CD1 . LEU A 1 57  ? 4.781   6.911   3.943   1.00 13.77 ? 57  LEU A CD1 1 
ATOM   479  C CD2 . LEU A 1 57  ? 4.611   5.682   1.798   1.00 13.26 ? 57  LEU A CD2 1 
ATOM   480  N N   . ARG A 1 58  ? 0.226   8.396   3.785   1.00 7.08  ? 58  ARG A N   1 
ATOM   481  C CA  . ARG A 1 58  ? -0.916  9.317   3.842   1.00 10.65 ? 58  ARG A CA  1 
ATOM   482  C C   . ARG A 1 58  ? -0.369  10.688  4.229   1.00 8.17  ? 58  ARG A C   1 
ATOM   483  O O   . ARG A 1 58  ? 0.801   10.810  4.577   1.00 7.99  ? 58  ARG A O   1 
ATOM   484  C CB  . ARG A 1 58  ? -1.912  8.898   4.927   1.00 14.02 ? 58  ARG A CB  1 
ATOM   485  C CG  . ARG A 1 58  ? -2.844  7.760   4.599   1.00 21.38 ? 58  ARG A CG  1 
ATOM   486  C CD  . ARG A 1 58  ? -3.628  7.388   5.853   1.00 24.65 ? 58  ARG A CD  1 
ATOM   487  N NE  . ARG A 1 58  ? -4.668  6.393   5.610   1.00 29.85 ? 58  ARG A NE  1 
ATOM   488  C CZ  . ARG A 1 58  ? -5.789  6.634   4.941   1.00 31.56 ? 58  ARG A CZ  1 
ATOM   489  N NH1 . ARG A 1 58  ? -6.021  7.842   4.443   1.00 33.62 ? 58  ARG A NH1 1 
ATOM   490  N NH2 . ARG A 1 58  ? -6.683  5.668   4.772   1.00 33.00 ? 58  ARG A NH2 1 
ATOM   491  N N   . ARG A 1 59  ? -1.222  11.709  4.200   1.00 8.31  ? 59  ARG A N   1 
ATOM   492  C CA  . ARG A 1 59  ? -0.794  13.058  4.558   1.00 8.32  ? 59  ARG A CA  1 
ATOM   493  C C   . ARG A 1 59  ? -0.166  13.090  5.948   1.00 8.28  ? 59  ARG A C   1 
ATOM   494  O O   . ARG A 1 59  ? -0.646  12.425  6.870   1.00 8.69  ? 59  ARG A O   1 
ATOM   495  C CB  . ARG A 1 59  ? -1.984  14.022  4.533   1.00 10.51 ? 59  ARG A CB  1 
ATOM   496  C CG  . ARG A 1 59  ? -2.673  14.137  3.192   1.00 13.16 ? 59  ARG A CG  1 
ATOM   497  C CD  . ARG A 1 59  ? -3.698  15.251  3.224   1.00 16.94 ? 59  ARG A CD  1 
ATOM   498  N NE  . ARG A 1 59  ? -4.371  15.423  1.942   1.00 22.43 ? 59  ARG A NE  1 
ATOM   499  C CZ  . ARG A 1 59  ? -5.152  16.455  1.648   1.00 23.57 ? 59  ARG A CZ  1 
ATOM   500  N NH1 . ARG A 1 59  ? -5.357  17.406  2.549   1.00 25.23 ? 59  ARG A NH1 1 
ATOM   501  N NH2 . ARG A 1 59  ? -5.724  16.539  0.455   1.00 25.26 ? 59  ARG A NH2 1 
ATOM   502  N N   . GLY A 1 60  ? 0.910   13.855  6.099   1.00 7.19  ? 60  GLY A N   1 
ATOM   503  C CA  . GLY A 1 60  ? 1.543   13.947  7.401   1.00 6.65  ? 60  GLY A CA  1 
ATOM   504  C C   . GLY A 1 60  ? 3.034   13.686  7.442   1.00 5.42  ? 60  GLY A C   1 
ATOM   505  O O   . GLY A 1 60  ? 3.689   13.529  6.412   1.00 6.22  ? 60  GLY A O   1 
ATOM   506  N N   . ASP A 1 61  ? 3.551   13.623  8.665   1.00 5.73  ? 61  ASP A N   1 
ATOM   507  C CA  . ASP A 1 61  ? 4.967   13.409  8.941   1.00 6.65  ? 61  ASP A CA  1 
ATOM   508  C C   . ASP A 1 61  ? 5.419   11.955  9.036   1.00 5.00  ? 61  ASP A C   1 
ATOM   509  O O   . ASP A 1 61  ? 4.766   11.132  9.672   1.00 6.75  ? 61  ASP A O   1 
ATOM   510  C CB  . ASP A 1 61  ? 5.338   14.064  10.277  1.00 5.61  ? 61  ASP A CB  1 
ATOM   511  C CG  . ASP A 1 61  ? 5.581   15.557  10.178  1.00 6.60  ? 61  ASP A CG  1 
ATOM   512  O OD1 . ASP A 1 61  ? 5.307   16.179  9.129   1.00 7.36  ? 61  ASP A OD1 1 
ATOM   513  O OD2 . ASP A 1 61  ? 6.055   16.111  11.193  1.00 7.21  ? 61  ASP A OD2 1 
ATOM   514  N N   . TYR A 1 62  ? 6.558   11.664  8.417   1.00 6.32  ? 62  TYR A N   1 
ATOM   515  C CA  . TYR A 1 62  ? 7.201   10.354  8.483   1.00 3.91  ? 62  TYR A CA  1 
ATOM   516  C C   . TYR A 1 62  ? 8.657   10.730  8.774   1.00 4.70  ? 62  TYR A C   1 
ATOM   517  O O   . TYR A 1 62  ? 9.493   10.810  7.871   1.00 4.72  ? 62  TYR A O   1 
ATOM   518  C CB  . TYR A 1 62  ? 7.078   9.596   7.154   1.00 4.49  ? 62  TYR A CB  1 
ATOM   519  C CG  . TYR A 1 62  ? 5.669   9.125   6.858   1.00 2.57  ? 62  TYR A CG  1 
ATOM   520  C CD1 . TYR A 1 62  ? 4.763   9.947   6.188   1.00 3.05  ? 62  TYR A CD1 1 
ATOM   521  C CD2 . TYR A 1 62  ? 5.227   7.875   7.294   1.00 3.85  ? 62  TYR A CD2 1 
ATOM   522  C CE1 . TYR A 1 62  ? 3.448   9.538   5.957   1.00 3.28  ? 62  TYR A CE1 1 
ATOM   523  C CE2 . TYR A 1 62  ? 3.912   7.457   7.074   1.00 5.20  ? 62  TYR A CE2 1 
ATOM   524  C CZ  . TYR A 1 62  ? 3.029   8.298   6.403   1.00 4.11  ? 62  TYR A CZ  1 
ATOM   525  O OH  . TYR A 1 62  ? 1.727   7.902   6.184   1.00 6.13  ? 62  TYR A OH  1 
ATOM   526  N N   . PRO A 1 63  ? 8.971   10.990  10.054  1.00 6.03  ? 63  PRO A N   1 
ATOM   527  C CA  . PRO A 1 63  ? 10.314  11.381  10.501  1.00 6.97  ? 63  PRO A CA  1 
ATOM   528  C C   . PRO A 1 63  ? 11.437  10.371  10.283  1.00 7.71  ? 63  PRO A C   1 
ATOM   529  O O   . PRO A 1 63  ? 12.608  10.732  10.317  1.00 5.60  ? 63  PRO A O   1 
ATOM   530  C CB  . PRO A 1 63  ? 10.102  11.701  11.983  1.00 6.49  ? 63  PRO A CB  1 
ATOM   531  C CG  . PRO A 1 63  ? 8.633   12.065  12.058  1.00 7.70  ? 63  PRO A CG  1 
ATOM   532  C CD  . PRO A 1 63  ? 8.023   11.019  11.182  1.00 6.24  ? 63  PRO A CD  1 
ATOM   533  N N   . ASP A 1 64  ? 11.078  9.108   10.085  1.00 6.77  ? 64  ASP A N   1 
ATOM   534  C CA  . ASP A 1 64  ? 12.056  8.041   9.847   1.00 9.14  ? 64  ASP A CA  1 
ATOM   535  C C   . ASP A 1 64  ? 11.417  7.023   8.920   1.00 7.58  ? 64  ASP A C   1 
ATOM   536  O O   . ASP A 1 64  ? 10.204  7.050   8.713   1.00 6.99  ? 64  ASP A O   1 
ATOM   537  C CB  . ASP A 1 64  ? 12.431  7.332   11.147  1.00 13.08 ? 64  ASP A CB  1 
ATOM   538  C CG  . ASP A 1 64  ? 13.423  8.095   11.971  1.00 19.67 ? 64  ASP A CG  1 
ATOM   539  O OD1 . ASP A 1 64  ? 13.164  9.270   12.305  1.00 24.85 ? 64  ASP A OD1 1 
ATOM   540  O OD2 . ASP A 1 64  ? 14.468  7.498   12.294  1.00 24.61 ? 64  ASP A OD2 1 
ATOM   541  N N   . TYR A 1 65  ? 12.216  6.110   8.370   1.00 7.46  ? 65  TYR A N   1 
ATOM   542  C CA  . TYR A 1 65  ? 11.643  5.119   7.475   1.00 6.73  ? 65  TYR A CA  1 
ATOM   543  C C   . TYR A 1 65  ? 10.793  4.118   8.250   1.00 7.27  ? 65  TYR A C   1 
ATOM   544  O O   . TYR A 1 65  ? 9.887   3.495   7.693   1.00 4.61  ? 65  TYR A O   1 
ATOM   545  C CB  . TYR A 1 65  ? 12.735  4.414   6.642   1.00 6.18  ? 65  TYR A CB  1 
ATOM   546  C CG  . TYR A 1 65  ? 13.698  3.507   7.384   1.00 7.35  ? 65  TYR A CG  1 
ATOM   547  C CD1 . TYR A 1 65  ? 13.275  2.291   7.921   1.00 6.25  ? 65  TYR A CD1 1 
ATOM   548  C CD2 . TYR A 1 65  ? 15.047  3.844   7.500   1.00 7.05  ? 65  TYR A CD2 1 
ATOM   549  C CE1 . TYR A 1 65  ? 14.176  1.426   8.551   1.00 8.58  ? 65  TYR A CE1 1 
ATOM   550  C CE2 . TYR A 1 65  ? 15.955  2.988   8.130   1.00 8.38  ? 65  TYR A CE2 1 
ATOM   551  C CZ  . TYR A 1 65  ? 15.511  1.783   8.649   1.00 10.22 ? 65  TYR A CZ  1 
ATOM   552  O OH  . TYR A 1 65  ? 16.406  0.931   9.260   1.00 14.08 ? 65  TYR A OH  1 
ATOM   553  N N   . GLN A 1 66  ? 11.061  3.986   9.547   1.00 5.69  ? 66  GLN A N   1 
ATOM   554  C CA  . GLN A 1 66  ? 10.284  3.073   10.374  1.00 5.75  ? 66  GLN A CA  1 
ATOM   555  C C   . GLN A 1 66  ? 8.840   3.556   10.496  1.00 6.70  ? 66  GLN A C   1 
ATOM   556  O O   . GLN A 1 66  ? 7.942   2.774   10.820  1.00 7.91  ? 66  GLN A O   1 
ATOM   557  C CB  . GLN A 1 66  ? 10.905  2.924   11.768  1.00 6.83  ? 66  GLN A CB  1 
ATOM   558  C CG  . GLN A 1 66  ? 12.174  2.079   11.792  1.00 8.50  ? 66  GLN A CG  1 
ATOM   559  C CD  . GLN A 1 66  ? 13.449  2.905   11.807  1.00 7.23  ? 66  GLN A CD  1 
ATOM   560  O OE1 . GLN A 1 66  ? 13.481  4.038   11.326  1.00 9.15  ? 66  GLN A OE1 1 
ATOM   561  N NE2 . GLN A 1 66  ? 14.517  2.326   12.349  1.00 9.11  ? 66  GLN A NE2 1 
ATOM   562  N N   . GLN A 1 67  ? 8.621   4.842   10.226  1.00 6.12  ? 67  GLN A N   1 
ATOM   563  C CA  . GLN A 1 67  ? 7.283   5.415   10.301  1.00 7.20  ? 67  GLN A CA  1 
ATOM   564  C C   . GLN A 1 67  ? 6.381   4.842   9.222   1.00 5.71  ? 67  GLN A C   1 
ATOM   565  O O   . GLN A 1 67  ? 5.177   4.705   9.428   1.00 7.31  ? 67  GLN A O   1 
ATOM   566  C CB  . GLN A 1 67  ? 7.324   6.940   10.181  1.00 8.04  ? 67  GLN A CB  1 
ATOM   567  C CG  . GLN A 1 67  ? 7.190   7.652   11.508  1.00 13.34 ? 67  GLN A CG  1 
ATOM   568  C CD  . GLN A 1 67  ? 6.088   7.059   12.373  1.00 10.30 ? 67  GLN A CD  1 
ATOM   569  O OE1 . GLN A 1 67  ? 4.915   7.046   12.000  1.00 17.95 ? 67  GLN A OE1 1 
ATOM   570  N NE2 . GLN A 1 67  ? 6.467   6.557   13.528  1.00 6.43  ? 67  GLN A NE2 1 
ATOM   571  N N   . TRP A 1 68  ? 6.949   4.515   8.063   1.00 5.76  ? 68  TRP A N   1 
ATOM   572  C CA  . TRP A 1 68  ? 6.143   3.914   7.008   1.00 4.61  ? 68  TRP A CA  1 
ATOM   573  C C   . TRP A 1 68  ? 6.388   2.410   7.003   1.00 6.32  ? 68  TRP A C   1 
ATOM   574  O O   . TRP A 1 68  ? 6.005   1.704   6.074   1.00 7.19  ? 68  TRP A O   1 
ATOM   575  C CB  . TRP A 1 68  ? 6.440   4.545   5.635   1.00 4.06  ? 68  TRP A CB  1 
ATOM   576  C CG  . TRP A 1 68  ? 7.833   4.403   5.086   1.00 4.88  ? 68  TRP A CG  1 
ATOM   577  C CD1 . TRP A 1 68  ? 8.395   3.282   4.540   1.00 3.64  ? 68  TRP A CD1 1 
ATOM   578  C CD2 . TRP A 1 68  ? 8.804   5.447   4.950   1.00 5.79  ? 68  TRP A CD2 1 
ATOM   579  N NE1 . TRP A 1 68  ? 9.656   3.568   4.066   1.00 5.61  ? 68  TRP A NE1 1 
ATOM   580  C CE2 . TRP A 1 68  ? 9.931   4.889   4.306   1.00 5.68  ? 68  TRP A CE2 1 
ATOM   581  C CE3 . TRP A 1 68  ? 8.830   6.803   5.309   1.00 5.74  ? 68  TRP A CE3 1 
ATOM   582  C CZ2 . TRP A 1 68  ? 11.075  5.642   4.011   1.00 5.30  ? 68  TRP A CZ2 1 
ATOM   583  C CZ3 . TRP A 1 68  ? 9.969   7.552   5.017   1.00 7.14  ? 68  TRP A CZ3 1 
ATOM   584  C CH2 . TRP A 1 68  ? 11.076  6.966   4.372   1.00 5.54  ? 68  TRP A CH2 1 
ATOM   585  N N   . MET A 1 69  ? 7.015   1.939   8.080   1.00 4.67  ? 69  MET A N   1 
ATOM   586  C CA  . MET A 1 69  ? 7.324   0.525   8.270   1.00 6.13  ? 69  MET A CA  1 
ATOM   587  C C   . MET A 1 69  ? 8.270   -0.030  7.213   1.00 7.06  ? 69  MET A C   1 
ATOM   588  O O   . MET A 1 69  ? 8.195   -1.206  6.849   1.00 7.11  ? 69  MET A O   1 
ATOM   589  C CB  . MET A 1 69  ? 6.019   -0.279  8.321   1.00 6.29  ? 69  MET A CB  1 
ATOM   590  C CG  . MET A 1 69  ? 5.136   0.132   9.500   1.00 7.82  ? 69  MET A CG  1 
ATOM   591  S SD  . MET A 1 69  ? 3.533   -0.686  9.597   1.00 9.72  ? 69  MET A SD  1 
ATOM   592  C CE  . MET A 1 69  ? 2.588   0.323   8.454   1.00 12.16 ? 69  MET A CE  1 
ATOM   593  N N   . GLY A 1 70  ? 9.173   0.824   6.743   1.00 6.65  ? 70  GLY A N   1 
ATOM   594  C CA  . GLY A 1 70  ? 10.135  0.416   5.735   1.00 6.82  ? 70  GLY A CA  1 
ATOM   595  C C   . GLY A 1 70  ? 11.263  -0.423  6.301   1.00 7.90  ? 70  GLY A C   1 
ATOM   596  O O   . GLY A 1 70  ? 11.418  -0.530  7.515   1.00 8.42  ? 70  GLY A O   1 
ATOM   597  N N   . LEU A 1 71  ? 12.055  -1.016  5.413   1.00 8.10  ? 71  LEU A N   1 
ATOM   598  C CA  . LEU A 1 71  ? 13.177  -1.854  5.826   1.00 10.97 ? 71  LEU A CA  1 
ATOM   599  C C   . LEU A 1 71  ? 14.489  -1.078  5.828   1.00 11.54 ? 71  LEU A C   1 
ATOM   600  O O   . LEU A 1 71  ? 15.428  -1.427  6.549   1.00 12.78 ? 71  LEU A O   1 
ATOM   601  C CB  . LEU A 1 71  ? 13.301  -3.061  4.892   1.00 13.55 ? 71  LEU A CB  1 
ATOM   602  C CG  . LEU A 1 71  ? 12.123  -4.039  4.843   1.00 15.88 ? 71  LEU A CG  1 
ATOM   603  C CD1 . LEU A 1 71  ? 12.364  -5.063  3.743   1.00 17.90 ? 71  LEU A CD1 1 
ATOM   604  C CD2 . LEU A 1 71  ? 11.950  -4.724  6.190   1.00 17.80 ? 71  LEU A CD2 1 
ATOM   605  N N   . ASN A 1 72  ? 14.554  -0.023  5.025   1.00 10.77 ? 72  ASN A N   1 
ATOM   606  C CA  . ASN A 1 72  ? 15.766  0.784   4.932   1.00 12.18 ? 72  ASN A CA  1 
ATOM   607  C C   . ASN A 1 72  ? 15.485  2.143   4.297   1.00 11.28 ? 72  ASN A C   1 
ATOM   608  O O   . ASN A 1 72  ? 14.327  2.510   4.101   1.00 11.07 ? 72  ASN A O   1 
ATOM   609  C CB  . ASN A 1 72  ? 16.825  0.025   4.128   1.00 12.39 ? 72  ASN A CB  1 
ATOM   610  C CG  . ASN A 1 72  ? 16.297  -0.478  2.798   1.00 13.87 ? 72  ASN A CG  1 
ATOM   611  O OD1 . ASN A 1 72  ? 16.552  -1.618  2.406   1.00 17.79 ? 72  ASN A OD1 1 
ATOM   612  N ND2 . ASN A 1 72  ? 15.565  0.370   2.091   1.00 11.14 ? 72  ASN A ND2 1 
ATOM   613  N N   . ASP A 1 73  ? 16.539  2.888   3.974   1.00 10.21 ? 73  ASP A N   1 
ATOM   614  C CA  . ASP A 1 73  ? 16.358  4.205   3.374   1.00 8.82  ? 73  ASP A CA  1 
ATOM   615  C C   . ASP A 1 73  ? 16.499  4.223   1.854   1.00 9.00  ? 73  ASP A C   1 
ATOM   616  O O   . ASP A 1 73  ? 16.843  5.252   1.273   1.00 8.83  ? 73  ASP A O   1 
ATOM   617  C CB  . ASP A 1 73  ? 17.327  5.223   3.997   1.00 10.22 ? 73  ASP A CB  1 
ATOM   618  C CG  . ASP A 1 73  ? 18.787  4.884   3.754   1.00 10.06 ? 73  ASP A CG  1 
ATOM   619  O OD1 . ASP A 1 73  ? 19.076  3.933   2.999   1.00 10.68 ? 73  ASP A OD1 1 
ATOM   620  O OD2 . ASP A 1 73  ? 19.656  5.582   4.321   1.00 9.15  ? 73  ASP A OD2 1 
ATOM   621  N N   . SER A 1 74  ? 16.224  3.090   1.212   1.00 8.30  ? 74  SER A N   1 
ATOM   622  C CA  . SER A 1 74  ? 16.318  2.996   -0.241  1.00 9.77  ? 74  SER A CA  1 
ATOM   623  C C   . SER A 1 74  ? 14.938  3.009   -0.895  1.00 7.25  ? 74  SER A C   1 
ATOM   624  O O   . SER A 1 74  ? 14.223  2.011   -0.871  1.00 9.78  ? 74  SER A O   1 
ATOM   625  C CB  . SER A 1 74  ? 17.057  1.716   -0.648  1.00 11.64 ? 74  SER A CB  1 
ATOM   626  O OG  . SER A 1 74  ? 18.364  1.681   -0.103  1.00 13.31 ? 74  SER A OG  1 
ATOM   627  N N   . ILE A 1 75  ? 14.573  4.151   -1.468  1.00 7.87  ? 75  ILE A N   1 
ATOM   628  C CA  . ILE A 1 75  ? 13.287  4.322   -2.148  1.00 7.50  ? 75  ILE A CA  1 
ATOM   629  C C   . ILE A 1 75  ? 13.616  4.774   -3.568  1.00 7.19  ? 75  ILE A C   1 
ATOM   630  O O   . ILE A 1 75  ? 14.190  5.846   -3.761  1.00 7.99  ? 75  ILE A O   1 
ATOM   631  C CB  . ILE A 1 75  ? 12.420  5.401   -1.447  1.00 7.32  ? 75  ILE A CB  1 
ATOM   632  C CG1 . ILE A 1 75  ? 11.994  4.908   -0.060  1.00 8.96  ? 75  ILE A CG1 1 
ATOM   633  C CG2 . ILE A 1 75  ? 11.196  5.734   -2.293  1.00 8.36  ? 75  ILE A CG2 1 
ATOM   634  C CD1 . ILE A 1 75  ? 11.228  3.594   -0.069  1.00 9.97  ? 75  ILE A CD1 1 
ATOM   635  N N   . ARG A 1 76  ? 13.246  3.967   -4.559  1.00 5.74  ? 76  ARG A N   1 
ATOM   636  C CA  . ARG A 1 76  ? 13.571  4.292   -5.941  1.00 6.45  ? 76  ARG A CA  1 
ATOM   637  C C   . ARG A 1 76  ? 12.414  4.599   -6.904  1.00 7.02  ? 76  ARG A C   1 
ATOM   638  O O   . ARG A 1 76  ? 12.646  4.860   -8.083  1.00 6.67  ? 76  ARG A O   1 
ATOM   639  C CB  . ARG A 1 76  ? 14.466  3.184   -6.509  1.00 6.63  ? 76  ARG A CB  1 
ATOM   640  C CG  . ARG A 1 76  ? 15.739  2.957   -5.677  1.00 7.79  ? 76  ARG A CG  1 
ATOM   641  C CD  . ARG A 1 76  ? 16.679  1.957   -6.343  1.00 9.04  ? 76  ARG A CD  1 
ATOM   642  N NE  . ARG A 1 76  ? 17.911  1.735   -5.583  1.00 9.95  ? 76  ARG A NE  1 
ATOM   643  C CZ  . ARG A 1 76  ? 18.020  0.912   -4.542  1.00 10.83 ? 76  ARG A CZ  1 
ATOM   644  N NH1 . ARG A 1 76  ? 16.968  0.221   -4.121  1.00 11.71 ? 76  ARG A NH1 1 
ATOM   645  N NH2 . ARG A 1 76  ? 19.188  0.773   -3.926  1.00 13.66 ? 76  ARG A NH2 1 
ATOM   646  N N   . SER A 1 77  ? 11.178  4.555   -6.416  1.00 5.86  ? 77  SER A N   1 
ATOM   647  C CA  . SER A 1 77  ? 10.025  4.908   -7.248  1.00 4.40  ? 77  SER A CA  1 
ATOM   648  C C   . SER A 1 77  ? 8.808   5.205   -6.383  1.00 4.63  ? 77  SER A C   1 
ATOM   649  O O   . SER A 1 77  ? 8.715   4.737   -5.247  1.00 6.00  ? 77  SER A O   1 
ATOM   650  C CB  . SER A 1 77  ? 9.704   3.815   -8.291  1.00 4.93  ? 77  SER A CB  1 
ATOM   651  O OG  . SER A 1 77  ? 9.382   2.560   -7.717  1.00 6.77  ? 77  SER A OG  1 
ATOM   652  N N   . CYS A 1 78  ? 7.894   6.014   -6.907  1.00 3.62  ? 78  CYS A N   1 
ATOM   653  C CA  . CYS A 1 78  ? 6.688   6.371   -6.168  1.00 5.45  ? 78  CYS A CA  1 
ATOM   654  C C   . CYS A 1 78  ? 5.477   6.479   -7.084  1.00 6.82  ? 78  CYS A C   1 
ATOM   655  O O   . CYS A 1 78  ? 5.591   6.855   -8.251  1.00 7.48  ? 78  CYS A O   1 
ATOM   656  C CB  . CYS A 1 78  ? 6.897   7.684   -5.400  1.00 3.05  ? 78  CYS A CB  1 
ATOM   657  S SG  . CYS A 1 78  ? 7.323   9.127   -6.411  1.00 6.52  ? 78  CYS A SG  1 
ATOM   658  N N   . ARG A 1 79  ? 4.317   6.147   -6.534  1.00 5.33  ? 79  ARG A N   1 
ATOM   659  C CA  . ARG A 1 79  ? 3.064   6.170   -7.274  1.00 6.37  ? 79  ARG A CA  1 
ATOM   660  C C   . ARG A 1 79  ? 2.001   6.949   -6.508  1.00 4.40  ? 79  ARG A C   1 
ATOM   661  O O   . ARG A 1 79  ? 1.773   6.696   -5.325  1.00 4.09  ? 79  ARG A O   1 
ATOM   662  C CB  . ARG A 1 79  ? 2.579   4.727   -7.483  1.00 6.22  ? 79  ARG A CB  1 
ATOM   663  C CG  . ARG A 1 79  ? 1.228   4.571   -8.160  1.00 7.67  ? 79  ARG A CG  1 
ATOM   664  C CD  . ARG A 1 79  ? 0.592   3.231   -7.784  1.00 6.52  ? 79  ARG A CD  1 
ATOM   665  N NE  . ARG A 1 79  ? 1.433   2.083   -8.125  1.00 7.02  ? 79  ARG A NE  1 
ATOM   666  C CZ  . ARG A 1 79  ? 1.528   1.548   -9.340  1.00 9.74  ? 79  ARG A CZ  1 
ATOM   667  N NH1 . ARG A 1 79  ? 0.828   2.048   -10.352 1.00 8.76  ? 79  ARG A NH1 1 
ATOM   668  N NH2 . ARG A 1 79  ? 2.328   0.509   -9.545  1.00 9.57  ? 79  ARG A NH2 1 
ATOM   669  N N   . LEU A 1 80  ? 1.363   7.905   -7.176  1.00 5.01  ? 80  LEU A N   1 
ATOM   670  C CA  . LEU A 1 80  ? 0.282   8.659   -6.553  1.00 5.16  ? 80  LEU A CA  1 
ATOM   671  C C   . LEU A 1 80  ? -0.949  7.801   -6.835  1.00 4.67  ? 80  LEU A C   1 
ATOM   672  O O   . LEU A 1 80  ? -1.401  7.716   -7.979  1.00 6.12  ? 80  LEU A O   1 
ATOM   673  C CB  . LEU A 1 80  ? 0.124   10.040  -7.205  1.00 5.16  ? 80  LEU A CB  1 
ATOM   674  C CG  . LEU A 1 80  ? -1.074  10.894  -6.767  1.00 6.70  ? 80  LEU A CG  1 
ATOM   675  C CD1 . LEU A 1 80  ? -1.069  11.092  -5.259  1.00 7.25  ? 80  LEU A CD1 1 
ATOM   676  C CD2 . LEU A 1 80  ? -1.017  12.240  -7.481  1.00 6.73  ? 80  LEU A CD2 1 
ATOM   677  N N   . ILE A 1 81  ? -1.473  7.154   -5.798  1.00 5.88  ? 81  ILE A N   1 
ATOM   678  C CA  . ILE A 1 81  ? -2.630  6.277   -5.947  1.00 5.94  ? 81  ILE A CA  1 
ATOM   679  C C   . ILE A 1 81  ? -3.856  7.041   -6.428  1.00 6.27  ? 81  ILE A C   1 
ATOM   680  O O   . ILE A 1 81  ? -4.244  8.051   -5.840  1.00 5.94  ? 81  ILE A O   1 
ATOM   681  C CB  . ILE A 1 81  ? -2.946  5.566   -4.621  1.00 5.64  ? 81  ILE A CB  1 
ATOM   682  C CG1 . ILE A 1 81  ? -1.706  4.794   -4.156  1.00 4.64  ? 81  ILE A CG1 1 
ATOM   683  C CG2 . ILE A 1 81  ? -4.125  4.617   -4.802  1.00 5.12  ? 81  ILE A CG2 1 
ATOM   684  C CD1 . ILE A 1 81  ? -1.805  4.234   -2.755  1.00 6.58  ? 81  ILE A CD1 1 
ATOM   685  N N   . PRO A 1 82  ? -4.486  6.561   -7.513  1.00 5.68  ? 82  PRO A N   1 
ATOM   686  C CA  . PRO A 1 82  ? -5.672  7.217   -8.067  1.00 5.49  ? 82  PRO A CA  1 
ATOM   687  C C   . PRO A 1 82  ? -6.833  7.345   -7.095  1.00 5.99  ? 82  PRO A C   1 
ATOM   688  O O   . PRO A 1 82  ? -6.998  6.530   -6.185  1.00 5.61  ? 82  PRO A O   1 
ATOM   689  C CB  . PRO A 1 82  ? -6.032  6.331   -9.260  1.00 4.63  ? 82  PRO A CB  1 
ATOM   690  C CG  . PRO A 1 82  ? -4.697  5.809   -9.704  1.00 5.64  ? 82  PRO A CG  1 
ATOM   691  C CD  . PRO A 1 82  ? -4.050  5.453   -8.381  1.00 4.88  ? 82  PRO A CD  1 
ATOM   692  N N   . HIS A 1 83  ? -7.627  8.388   -7.298  1.00 7.39  ? 83  HIS A N   1 
ATOM   693  C CA  . HIS A 1 83  ? -8.811  8.623   -6.488  1.00 8.41  ? 83  HIS A CA  1 
ATOM   694  C C   . HIS A 1 83  ? -9.992  7.999   -7.220  1.00 9.16  ? 83  HIS A C   1 
ATOM   695  O O   . HIS A 1 83  ? -10.083 8.088   -8.444  1.00 11.99 ? 83  HIS A O   1 
ATOM   696  C CB  . HIS A 1 83  ? -9.073  10.123  -6.332  1.00 9.84  ? 83  HIS A CB  1 
ATOM   697  C CG  . HIS A 1 83  ? -10.420 10.440  -5.757  1.00 11.74 ? 83  HIS A CG  1 
ATOM   698  N ND1 . HIS A 1 83  ? -10.691 10.354  -4.410  1.00 11.00 ? 83  HIS A ND1 1 
ATOM   699  C CD2 . HIS A 1 83  ? -11.582 10.797  -6.353  1.00 11.21 ? 83  HIS A CD2 1 
ATOM   700  C CE1 . HIS A 1 83  ? -11.964 10.642  -4.199  1.00 10.96 ? 83  HIS A CE1 1 
ATOM   701  N NE2 . HIS A 1 83  ? -12.528 10.913  -5.362  1.00 11.57 ? 83  HIS A NE2 1 
ATOM   702  N N   . THR A 1 84  ? -10.881 7.355   -6.474  1.00 7.05  ? 84  THR A N   1 
ATOM   703  C CA  . THR A 1 84  ? -12.079 6.764   -7.054  1.00 7.42  ? 84  THR A CA  1 
ATOM   704  C C   . THR A 1 84  ? -13.262 7.269   -6.237  1.00 7.13  ? 84  THR A C   1 
ATOM   705  O O   . THR A 1 84  ? -13.096 7.718   -5.100  1.00 8.08  ? 84  THR A O   1 
ATOM   706  C CB  . THR A 1 84  ? -12.054 5.219   -7.015  1.00 6.51  ? 84  THR A CB  1 
ATOM   707  O OG1 . THR A 1 84  ? -11.856 4.768   -5.671  1.00 6.77  ? 84  THR A OG1 1 
ATOM   708  C CG2 . THR A 1 84  ? -10.947 4.683   -7.907  1.00 8.17  ? 84  THR A CG2 1 
ATOM   709  N N   . SER A 1 85  ? -14.455 7.201   -6.811  1.00 7.30  ? 85  SER A N   1 
ATOM   710  C CA  . SER A 1 85  ? -15.645 7.672   -6.116  1.00 8.59  ? 85  SER A CA  1 
ATOM   711  C C   . SER A 1 85  ? -16.132 6.684   -5.064  1.00 7.96  ? 85  SER A C   1 
ATOM   712  O O   . SER A 1 85  ? -16.920 7.045   -4.188  1.00 9.36  ? 85  SER A O   1 
ATOM   713  C CB  . SER A 1 85  ? -16.772 7.938   -7.116  1.00 10.10 ? 85  SER A CB  1 
ATOM   714  O OG  . SER A 1 85  ? -17.147 6.747   -7.783  1.00 13.50 ? 85  SER A OG  1 
ATOM   715  N N   . SER A 1 86  ? -15.659 5.445   -5.142  1.00 7.83  ? 87  SER A N   1 
ATOM   716  C CA  . SER A 1 86  ? -16.090 4.423   -4.193  1.00 7.36  ? 87  SER A CA  1 
ATOM   717  C C   . SER A 1 86  ? -15.112 3.260   -4.047  1.00 7.08  ? 87  SER A C   1 
ATOM   718  O O   . SER A 1 86  ? -14.142 3.142   -4.801  1.00 6.22  ? 87  SER A O   1 
ATOM   719  C CB  . SER A 1 86  ? -17.448 3.873   -4.624  1.00 9.26  ? 87  SER A CB  1 
ATOM   720  O OG  . SER A 1 86  ? -17.358 3.293   -5.915  1.00 9.58  ? 87  SER A OG  1 
ATOM   721  N N   . HIS A 1 87  ? -15.385 2.407   -3.061  1.00 7.36  ? 88  HIS A N   1 
ATOM   722  C CA  . HIS A 1 87  ? -14.577 1.222   -2.782  1.00 5.37  ? 88  HIS A CA  1 
ATOM   723  C C   . HIS A 1 87  ? -15.486 0.027   -2.516  1.00 6.82  ? 88  HIS A C   1 
ATOM   724  O O   . HIS A 1 87  ? -16.454 0.134   -1.763  1.00 6.59  ? 88  HIS A O   1 
ATOM   725  C CB  . HIS A 1 87  ? -13.679 1.441   -1.561  1.00 5.43  ? 88  HIS A CB  1 
ATOM   726  C CG  . HIS A 1 87  ? -12.465 2.266   -1.844  1.00 4.99  ? 88  HIS A CG  1 
ATOM   727  N ND1 . HIS A 1 87  ? -12.514 3.635   -2.005  1.00 5.31  ? 88  HIS A ND1 1 
ATOM   728  C CD2 . HIS A 1 87  ? -11.173 1.912   -2.037  1.00 6.46  ? 88  HIS A CD2 1 
ATOM   729  C CE1 . HIS A 1 87  ? -11.306 4.086   -2.286  1.00 5.80  ? 88  HIS A CE1 1 
ATOM   730  N NE2 . HIS A 1 87  ? -10.474 3.061   -2.314  1.00 6.30  ? 88  HIS A NE2 1 
ATOM   731  N N   . ARG A 1 88  ? -15.165 -1.106  -3.135  1.00 5.62  ? 89  ARG A N   1 
ATOM   732  C CA  . ARG A 1 88  ? -15.947 -2.330  -2.971  1.00 6.27  ? 89  ARG A CA  1 
ATOM   733  C C   . ARG A 1 88  ? -15.064 -3.530  -3.305  1.00 4.79  ? 89  ARG A C   1 
ATOM   734  O O   . ARG A 1 88  ? -14.358 -3.532  -4.310  1.00 6.54  ? 89  ARG A O   1 
ATOM   735  C CB  . ARG A 1 88  ? -17.168 -2.310  -3.895  1.00 5.66  ? 89  ARG A CB  1 
ATOM   736  C CG  . ARG A 1 88  ? -18.081 -3.522  -3.746  1.00 7.29  ? 89  ARG A CG  1 
ATOM   737  C CD  . ARG A 1 88  ? -19.204 -3.488  -4.771  1.00 6.96  ? 89  ARG A CD  1 
ATOM   738  N NE  . ARG A 1 88  ? -20.046 -2.305  -4.619  1.00 7.37  ? 89  ARG A NE  1 
ATOM   739  C CZ  . ARG A 1 88  ? -21.011 -2.178  -3.712  1.00 9.43  ? 89  ARG A CZ  1 
ATOM   740  N NH1 . ARG A 1 88  ? -21.274 -3.170  -2.870  1.00 8.16  ? 89  ARG A NH1 1 
ATOM   741  N NH2 . ARG A 1 88  ? -21.698 -1.045  -3.630  1.00 10.45 ? 89  ARG A NH2 1 
ATOM   742  N N   . LEU A 1 89  ? -15.117 -4.559  -2.470  1.00 5.76  ? 90  LEU A N   1 
ATOM   743  C CA  . LEU A 1 89  ? -14.275 -5.725  -2.681  1.00 5.59  ? 90  LEU A CA  1 
ATOM   744  C C   . LEU A 1 89  ? -14.903 -6.986  -2.087  1.00 6.29  ? 90  LEU A C   1 
ATOM   745  O O   . LEU A 1 89  ? -15.622 -6.917  -1.092  1.00 7.16  ? 90  LEU A O   1 
ATOM   746  C CB  . LEU A 1 89  ? -12.909 -5.421  -2.047  1.00 8.20  ? 90  LEU A CB  1 
ATOM   747  C CG  . LEU A 1 89  ? -11.753 -6.401  -1.882  1.00 11.80 ? 90  LEU A CG  1 
ATOM   748  C CD1 . LEU A 1 89  ? -10.515 -5.603  -1.480  1.00 8.92  ? 90  LEU A CD1 1 
ATOM   749  C CD2 . LEU A 1 89  ? -12.085 -7.445  -0.822  1.00 12.00 ? 90  LEU A CD2 1 
ATOM   750  N N   . ARG A 1 90  ? -14.653 -8.130  -2.720  1.00 4.68  ? 91  ARG A N   1 
ATOM   751  C CA  . ARG A 1 90  ? -15.170 -9.405  -2.234  1.00 5.99  ? 91  ARG A CA  1 
ATOM   752  C C   . ARG A 1 90  ? -14.010 -10.238 -1.696  1.00 6.12  ? 91  ARG A C   1 
ATOM   753  O O   . ARG A 1 90  ? -12.952 -10.334 -2.326  1.00 5.82  ? 91  ARG A O   1 
ATOM   754  C CB  . ARG A 1 90  ? -15.881 -10.168 -3.359  1.00 6.22  ? 91  ARG A CB  1 
ATOM   755  C CG  . ARG A 1 90  ? -17.171 -9.509  -3.818  1.00 6.64  ? 91  ARG A CG  1 
ATOM   756  C CD  . ARG A 1 90  ? -17.788 -10.205 -5.022  1.00 6.71  ? 91  ARG A CD  1 
ATOM   757  N NE  . ARG A 1 90  ? -19.027 -9.545  -5.423  1.00 6.59  ? 91  ARG A NE  1 
ATOM   758  C CZ  . ARG A 1 90  ? -19.588 -9.660  -6.622  1.00 6.01  ? 91  ARG A CZ  1 
ATOM   759  N NH1 . ARG A 1 90  ? -19.024 -10.416 -7.557  1.00 5.91  ? 91  ARG A NH1 1 
ATOM   760  N NH2 . ARG A 1 90  ? -20.707 -9.002  -6.891  1.00 7.05  ? 91  ARG A NH2 1 
ATOM   761  N N   . ILE A 1 91  ? -14.216 -10.830 -0.525  1.00 6.10  ? 92  ILE A N   1 
ATOM   762  C CA  . ILE A 1 91  ? -13.205 -11.660 0.124   1.00 6.08  ? 92  ILE A CA  1 
ATOM   763  C C   . ILE A 1 91  ? -13.688 -13.109 0.078   1.00 7.11  ? 92  ILE A C   1 
ATOM   764  O O   . ILE A 1 91  ? -14.834 -13.392 0.434   1.00 5.81  ? 92  ILE A O   1 
ATOM   765  C CB  . ILE A 1 91  ? -13.011 -11.243 1.602   1.00 4.58  ? 92  ILE A CB  1 
ATOM   766  C CG1 . ILE A 1 91  ? -12.614 -9.766  1.685   1.00 6.18  ? 92  ILE A CG1 1 
ATOM   767  C CG2 . ILE A 1 91  ? -11.932 -12.096 2.256   1.00 5.51  ? 92  ILE A CG2 1 
ATOM   768  C CD1 . ILE A 1 91  ? -12.523 -9.244  3.105   1.00 5.04  ? 92  ILE A CD1 1 
ATOM   769  N N   . TYR A 1 92  ? -12.818 -14.018 -0.356  1.00 6.59  ? 93  TYR A N   1 
ATOM   770  C CA  . TYR A 1 92  ? -13.176 -15.434 -0.457  1.00 7.11  ? 93  TYR A CA  1 
ATOM   771  C C   . TYR A 1 92  ? -12.348 -16.376 0.407   1.00 6.96  ? 93  TYR A C   1 
ATOM   772  O O   . TYR A 1 92  ? -11.148 -16.180 0.604   1.00 8.38  ? 93  TYR A O   1 
ATOM   773  C CB  . TYR A 1 92  ? -13.082 -15.914 -1.906  1.00 6.36  ? 93  TYR A CB  1 
ATOM   774  C CG  . TYR A 1 92  ? -14.074 -15.273 -2.845  1.00 4.91  ? 93  TYR A CG  1 
ATOM   775  C CD1 . TYR A 1 92  ? -13.769 -14.084 -3.508  1.00 7.35  ? 93  TYR A CD1 1 
ATOM   776  C CD2 . TYR A 1 92  ? -15.320 -15.857 -3.071  1.00 7.01  ? 93  TYR A CD2 1 
ATOM   777  C CE1 . TYR A 1 92  ? -14.680 -13.496 -4.376  1.00 7.79  ? 93  TYR A CE1 1 
ATOM   778  C CE2 . TYR A 1 92  ? -16.240 -15.275 -3.936  1.00 6.30  ? 93  TYR A CE2 1 
ATOM   779  C CZ  . TYR A 1 92  ? -15.914 -14.095 -4.585  1.00 8.73  ? 93  TYR A CZ  1 
ATOM   780  O OH  . TYR A 1 92  ? -16.829 -13.513 -5.433  1.00 10.25 ? 93  TYR A OH  1 
ATOM   781  N N   . GLU A 1 93  ? -13.011 -17.425 0.881   1.00 5.47  ? 94  GLU A N   1 
ATOM   782  C CA  . GLU A 1 93  ? -12.404 -18.446 1.730   1.00 6.66  ? 94  GLU A CA  1 
ATOM   783  C C   . GLU A 1 93  ? -11.407 -19.331 0.970   1.00 7.08  ? 94  GLU A C   1 
ATOM   784  O O   . GLU A 1 93  ? -10.432 -19.814 1.548   1.00 8.44  ? 94  GLU A O   1 
ATOM   785  C CB  . GLU A 1 93  ? -13.524 -19.300 2.342   1.00 7.13  ? 94  GLU A CB  1 
ATOM   786  C CG  . GLU A 1 93  ? -13.083 -20.472 3.204   1.00 7.61  ? 94  GLU A CG  1 
ATOM   787  C CD  . GLU A 1 93  ? -14.274 -21.227 3.770   1.00 9.60  ? 94  GLU A CD  1 
ATOM   788  O OE1 . GLU A 1 93  ? -15.304 -21.312 3.067   1.00 10.94 ? 94  GLU A OE1 1 
ATOM   789  O OE2 . GLU A 1 93  ? -14.184 -21.742 4.905   1.00 13.26 ? 94  GLU A OE2 1 
ATOM   790  N N   . ARG A 1 94  ? -11.655 -19.542 -0.320  1.00 7.15  ? 95  ARG A N   1 
ATOM   791  C CA  . ARG A 1 94  ? -10.772 -20.362 -1.145  1.00 8.76  ? 95  ARG A CA  1 
ATOM   792  C C   . ARG A 1 94  ? -10.322 -19.614 -2.400  1.00 7.79  ? 95  ARG A C   1 
ATOM   793  O O   . ARG A 1 94  ? -10.850 -18.548 -2.716  1.00 7.91  ? 95  ARG A O   1 
ATOM   794  C CB  . ARG A 1 94  ? -11.476 -21.669 -1.536  1.00 10.91 ? 95  ARG A CB  1 
ATOM   795  C CG  . ARG A 1 94  ? -11.682 -22.625 -0.369  1.00 15.15 ? 95  ARG A CG  1 
ATOM   796  C CD  . ARG A 1 94  ? -12.020 -24.036 -0.845  1.00 18.46 ? 95  ARG A CD  1 
ATOM   797  N NE  . ARG A 1 94  ? -13.445 -24.228 -1.102  1.00 21.41 ? 95  ARG A NE  1 
ATOM   798  C CZ  . ARG A 1 94  ? -14.376 -24.284 -0.155  1.00 21.62 ? 95  ARG A CZ  1 
ATOM   799  N NH1 . ARG A 1 94  ? -14.038 -24.160 1.123   1.00 25.24 ? 95  ARG A NH1 1 
ATOM   800  N NH2 . ARG A 1 94  ? -15.648 -24.474 -0.483  1.00 24.24 ? 95  ARG A NH2 1 
ATOM   801  N N   . GLU A 1 95  ? -9.343  -20.174 -3.107  1.00 6.80  ? 96  GLU A N   1 
ATOM   802  C CA  . GLU A 1 95  ? -8.837  -19.546 -4.330  1.00 6.38  ? 96  GLU A CA  1 
ATOM   803  C C   . GLU A 1 95  ? -9.893  -19.596 -5.438  1.00 5.75  ? 96  GLU A C   1 
ATOM   804  O O   . GLU A 1 95  ? -10.874 -20.337 -5.344  1.00 6.73  ? 96  GLU A O   1 
ATOM   805  C CB  . GLU A 1 95  ? -7.561  -20.251 -4.813  1.00 6.33  ? 96  GLU A CB  1 
ATOM   806  C CG  . GLU A 1 95  ? -6.416  -20.250 -3.799  1.00 6.53  ? 96  GLU A CG  1 
ATOM   807  C CD  . GLU A 1 95  ? -5.127  -20.840 -4.352  1.00 8.59  ? 96  GLU A CD  1 
ATOM   808  O OE1 . GLU A 1 95  ? -5.196  -21.820 -5.119  1.00 7.66  ? 96  GLU A OE1 1 
ATOM   809  O OE2 . GLU A 1 95  ? -4.039  -20.333 -4.001  1.00 8.94  ? 96  GLU A OE2 1 
ATOM   810  N N   . ASP A 1 96  ? -9.684  -18.791 -6.475  1.00 6.35  ? 97  ASP A N   1 
ATOM   811  C CA  . ASP A 1 96  ? -10.582 -18.729 -7.623  1.00 6.60  ? 97  ASP A CA  1 
ATOM   812  C C   . ASP A 1 96  ? -12.027 -18.362 -7.280  1.00 6.63  ? 97  ASP A C   1 
ATOM   813  O O   . ASP A 1 96  ? -12.967 -18.827 -7.925  1.00 7.70  ? 97  ASP A O   1 
ATOM   814  C CB  . ASP A 1 96  ? -10.547 -20.063 -8.376  1.00 6.79  ? 97  ASP A CB  1 
ATOM   815  C CG  . ASP A 1 96  ? -9.151  -20.421 -8.855  1.00 6.90  ? 97  ASP A CG  1 
ATOM   816  O OD1 . ASP A 1 96  ? -8.611  -21.447 -8.395  1.00 8.02  ? 97  ASP A OD1 1 
ATOM   817  O OD2 . ASP A 1 96  ? -8.592  -19.672 -9.687  1.00 7.28  ? 97  ASP A OD2 1 
ATOM   818  N N   . TYR A 1 97  ? -12.188 -17.519 -6.265  1.00 6.55  ? 98  TYR A N   1 
ATOM   819  C CA  . TYR A 1 97  ? -13.499 -17.050 -5.829  1.00 6.07  ? 98  TYR A CA  1 
ATOM   820  C C   . TYR A 1 97  ? -14.434 -18.173 -5.377  1.00 6.68  ? 98  TYR A C   1 
ATOM   821  O O   . TYR A 1 97  ? -15.643 -18.123 -5.612  1.00 5.51  ? 98  TYR A O   1 
ATOM   822  C CB  . TYR A 1 97  ? -14.168 -16.233 -6.943  1.00 7.09  ? 98  TYR A CB  1 
ATOM   823  C CG  . TYR A 1 97  ? -13.357 -15.051 -7.456  1.00 6.09  ? 98  TYR A CG  1 
ATOM   824  C CD1 . TYR A 1 97  ? -12.270 -14.546 -6.735  1.00 6.58  ? 98  TYR A CD1 1 
ATOM   825  C CD2 . TYR A 1 97  ? -13.708 -14.410 -8.646  1.00 7.70  ? 98  TYR A CD2 1 
ATOM   826  C CE1 . TYR A 1 97  ? -11.554 -13.434 -7.187  1.00 7.36  ? 98  TYR A CE1 1 
ATOM   827  C CE2 . TYR A 1 97  ? -12.998 -13.297 -9.105  1.00 7.05  ? 98  TYR A CE2 1 
ATOM   828  C CZ  . TYR A 1 97  ? -11.925 -12.816 -8.372  1.00 6.71  ? 98  TYR A CZ  1 
ATOM   829  O OH  . TYR A 1 97  ? -11.227 -11.717 -8.821  1.00 5.98  ? 98  TYR A OH  1 
ATOM   830  N N   . ARG A 1 98  ? -13.867 -19.181 -4.718  1.00 6.53  ? 99  ARG A N   1 
ATOM   831  C CA  . ARG A 1 98  ? -14.649 -20.306 -4.218  1.00 8.68  ? 99  ARG A CA  1 
ATOM   832  C C   . ARG A 1 98  ? -14.815 -20.238 -2.699  1.00 7.03  ? 99  ARG A C   1 
ATOM   833  O O   . ARG A 1 98  ? -14.155 -19.446 -2.027  1.00 7.83  ? 99  ARG A O   1 
ATOM   834  C CB  . ARG A 1 98  ? -13.976 -21.624 -4.620  1.00 9.67  ? 99  ARG A CB  1 
ATOM   835  C CG  . ARG A 1 98  ? -14.024 -21.898 -6.115  1.00 14.82 ? 99  ARG A CG  1 
ATOM   836  C CD  . ARG A 1 98  ? -15.463 -22.056 -6.578  1.00 19.67 ? 99  ARG A CD  1 
ATOM   837  N NE  . ARG A 1 98  ? -15.589 -22.091 -8.031  1.00 25.34 ? 99  ARG A NE  1 
ATOM   838  C CZ  . ARG A 1 98  ? -16.736 -22.285 -8.673  1.00 27.29 ? 99  ARG A CZ  1 
ATOM   839  N NH1 . ARG A 1 98  ? -17.856 -22.467 -7.987  1.00 28.90 ? 99  ARG A NH1 1 
ATOM   840  N NH2 . ARG A 1 98  ? -16.765 -22.293 -9.998  1.00 29.63 ? 99  ARG A NH2 1 
ATOM   841  N N   . GLY A 1 99  ? -15.714 -21.058 -2.165  1.00 8.24  ? 100 GLY A N   1 
ATOM   842  C CA  . GLY A 1 99  ? -15.947 -21.064 -0.730  1.00 8.17  ? 100 GLY A CA  1 
ATOM   843  C C   . GLY A 1 99  ? -16.827 -19.922 -0.255  1.00 8.66  ? 100 GLY A C   1 
ATOM   844  O O   . GLY A 1 99  ? -17.503 -19.275 -1.055  1.00 9.23  ? 100 GLY A O   1 
ATOM   845  N N   . GLN A 1 100 ? -16.829 -19.676 1.052   1.00 9.81  ? 101 GLN A N   1 
ATOM   846  C CA  . GLN A 1 100 ? -17.641 -18.602 1.614   1.00 9.39  ? 101 GLN A CA  1 
ATOM   847  C C   . GLN A 1 100 ? -17.131 -17.246 1.140   1.00 9.18  ? 101 GLN A C   1 
ATOM   848  O O   . GLN A 1 100 ? -15.950 -17.097 0.807   1.00 7.40  ? 101 GLN A O   1 
ATOM   849  C CB  . GLN A 1 100 ? -17.629 -18.671 3.143   1.00 12.09 ? 101 GLN A CB  1 
ATOM   850  C CG  . GLN A 1 100 ? -18.235 -19.952 3.701   1.00 15.17 ? 101 GLN A CG  1 
ATOM   851  C CD  . GLN A 1 100 ? -18.164 -20.031 5.215   1.00 18.28 ? 101 GLN A CD  1 
ATOM   852  O OE1 . GLN A 1 100 ? -18.786 -19.238 5.922   1.00 18.29 ? 101 GLN A OE1 1 
ATOM   853  N NE2 . GLN A 1 100 ? -17.396 -20.992 5.722   1.00 19.43 ? 101 GLN A NE2 1 
ATOM   854  N N   . MET A 1 101 ? -18.022 -16.258 1.113   1.00 8.89  ? 102 MET A N   1 
ATOM   855  C CA  . MET A 1 101 ? -17.660 -14.920 0.653   1.00 8.84  ? 102 MET A CA  1 
ATOM   856  C C   . MET A 1 101 ? -18.353 -13.795 1.410   1.00 8.95  ? 102 MET A C   1 
ATOM   857  O O   . MET A 1 101 ? -19.433 -13.974 1.973   1.00 7.78  ? 102 MET A O   1 
ATOM   858  C CB  . MET A 1 101 ? -17.984 -14.781 -0.844  1.00 10.72 ? 102 MET A CB  1 
ATOM   859  C CG  . MET A 1 101 ? -17.713 -13.394 -1.462  1.00 13.05 ? 102 MET A CG  1 
ATOM   860  S SD  . MET A 1 101 ? -19.091 -12.199 -1.348  1.00 15.54 ? 102 MET A SD  1 
ATOM   861  C CE  . MET A 1 101 ? -20.045 -12.655 -2.802  1.00 17.34 ? 102 MET A CE  1 
ATOM   862  N N   . VAL A 1 102 ? -17.701 -12.636 1.424   1.00 7.60  ? 103 VAL A N   1 
ATOM   863  C CA  . VAL A 1 102 ? -18.250 -11.432 2.038   1.00 7.71  ? 103 VAL A CA  1 
ATOM   864  C C   . VAL A 1 102 ? -17.876 -10.274 1.127   1.00 8.38  ? 103 VAL A C   1 
ATOM   865  O O   . VAL A 1 102 ? -16.781 -10.241 0.563   1.00 9.09  ? 103 VAL A O   1 
ATOM   866  C CB  . VAL A 1 102 ? -17.688 -11.165 3.467   1.00 10.10 ? 103 VAL A CB  1 
ATOM   867  C CG1 . VAL A 1 102 ? -18.187 -12.226 4.427   1.00 10.57 ? 103 VAL A CG1 1 
ATOM   868  C CG2 . VAL A 1 102 ? -16.170 -11.135 3.451   1.00 9.17  ? 103 VAL A CG2 1 
ATOM   869  N N   . GLU A 1 103 ? -18.806 -9.341  0.955   1.00 7.78  ? 104 GLU A N   1 
ATOM   870  C CA  . GLU A 1 103 ? -18.578 -8.172  0.118   1.00 7.58  ? 104 GLU A CA  1 
ATOM   871  C C   . GLU A 1 103 ? -18.492 -6.977  1.068   1.00 6.48  ? 104 GLU A C   1 
ATOM   872  O O   . GLU A 1 103 ? -19.441 -6.692  1.799   1.00 8.83  ? 104 GLU A O   1 
ATOM   873  C CB  . GLU A 1 103 ? -19.735 -8.023  -0.878  1.00 6.61  ? 104 GLU A CB  1 
ATOM   874  C CG  . GLU A 1 103 ? -19.641 -6.827  -1.814  1.00 9.19  ? 104 GLU A CG  1 
ATOM   875  C CD  . GLU A 1 103 ? -20.544 -6.972  -3.030  1.00 8.14  ? 104 GLU A CD  1 
ATOM   876  O OE1 . GLU A 1 103 ? -21.048 -5.946  -3.526  1.00 7.99  ? 104 GLU A OE1 1 
ATOM   877  O OE2 . GLU A 1 103 ? -20.742 -8.113  -3.500  1.00 8.22  ? 104 GLU A OE2 1 
ATOM   878  N N   . ILE A 1 104 ? -17.350 -6.292  1.069   1.00 6.41  ? 105 ILE A N   1 
ATOM   879  C CA  . ILE A 1 104 ? -17.150 -5.153  1.966   1.00 6.21  ? 105 ILE A CA  1 
ATOM   880  C C   . ILE A 1 104 ? -16.901 -3.826  1.255   1.00 6.65  ? 105 ILE A C   1 
ATOM   881  O O   . ILE A 1 104 ? -16.532 -3.796  0.081   1.00 6.79  ? 105 ILE A O   1 
ATOM   882  C CB  . ILE A 1 104 ? -15.966 -5.404  2.934   1.00 6.39  ? 105 ILE A CB  1 
ATOM   883  C CG1 . ILE A 1 104 ? -14.656 -5.510  2.148   1.00 7.64  ? 105 ILE A CG1 1 
ATOM   884  C CG2 . ILE A 1 104 ? -16.198 -6.689  3.721   1.00 7.18  ? 105 ILE A CG2 1 
ATOM   885  C CD1 . ILE A 1 104 ? -13.427 -5.636  3.024   1.00 7.33  ? 105 ILE A CD1 1 
ATOM   886  N N   . THR A 1 105 ? -17.101 -2.731  1.988   1.00 6.58  ? 106 THR A N   1 
ATOM   887  C CA  . THR A 1 105 ? -16.901 -1.388  1.452   1.00 7.01  ? 106 THR A CA  1 
ATOM   888  C C   . THR A 1 105 ? -16.197 -0.490  2.465   1.00 8.12  ? 106 THR A C   1 
ATOM   889  O O   . THR A 1 105 ? -16.183 0.730   2.314   1.00 9.14  ? 106 THR A O   1 
ATOM   890  C CB  . THR A 1 105 ? -18.249 -0.731  1.066   1.00 7.13  ? 106 THR A CB  1 
ATOM   891  O OG1 . THR A 1 105 ? -19.116 -0.705  2.208   1.00 7.64  ? 106 THR A OG1 1 
ATOM   892  C CG2 . THR A 1 105 ? -18.923 -1.513  -0.054  1.00 7.27  ? 106 THR A CG2 1 
ATOM   893  N N   . GLU A 1 106 ? -15.609 -1.099  3.495   1.00 8.67  ? 107 GLU A N   1 
ATOM   894  C CA  . GLU A 1 106 ? -14.909 -0.351  4.541   1.00 10.14 ? 107 GLU A CA  1 
ATOM   895  C C   . GLU A 1 106 ? -13.650 -1.106  4.973   1.00 7.75  ? 107 GLU A C   1 
ATOM   896  O O   . GLU A 1 106 ? -13.476 -2.276  4.637   1.00 8.65  ? 107 GLU A O   1 
ATOM   897  C CB  . GLU A 1 106 ? -15.832 -0.158  5.749   1.00 12.18 ? 107 GLU A CB  1 
ATOM   898  C CG  . GLU A 1 106 ? -17.199 0.454   5.428   1.00 19.87 ? 107 GLU A CG  1 
ATOM   899  C CD  . GLU A 1 106 ? -17.156 1.958   5.195   1.00 23.38 ? 107 GLU A CD  1 
ATOM   900  O OE1 . GLU A 1 106 ? -16.515 2.406   4.222   1.00 28.74 ? 107 GLU A OE1 1 
ATOM   901  O OE2 . GLU A 1 106 ? -17.774 2.698   5.990   1.00 27.49 ? 107 GLU A OE2 1 
ATOM   902  N N   . ASP A 1 107 ? -12.775 -0.440  5.722   1.00 8.02  ? 108 ASP A N   1 
ATOM   903  C CA  . ASP A 1 107 ? -11.537 -1.066  6.183   1.00 7.97  ? 108 ASP A CA  1 
ATOM   904  C C   . ASP A 1 107 ? -11.767 -2.262  7.108   1.00 9.03  ? 108 ASP A C   1 
ATOM   905  O O   . ASP A 1 107 ? -12.759 -2.314  7.836   1.00 8.99  ? 108 ASP A O   1 
ATOM   906  C CB  . ASP A 1 107 ? -10.660 -0.051  6.930   1.00 8.37  ? 108 ASP A CB  1 
ATOM   907  C CG  . ASP A 1 107 ? -10.286 1.151   6.082   1.00 9.14  ? 108 ASP A CG  1 
ATOM   908  O OD1 . ASP A 1 107 ? -10.365 1.066   4.841   1.00 7.31  ? 108 ASP A OD1 1 
ATOM   909  O OD2 . ASP A 1 107 ? -9.893  2.182   6.669   1.00 11.88 ? 108 ASP A OD2 1 
ATOM   910  N N   . CYS A 1 108 ? -10.841 -3.219  7.072   1.00 8.51  ? 109 CYS A N   1 
ATOM   911  C CA  . CYS A 1 108 ? -10.907 -4.402  7.932   1.00 9.59  ? 109 CYS A CA  1 
ATOM   912  C C   . CYS A 1 108 ? -9.559  -4.546  8.635   1.00 9.98  ? 109 CYS A C   1 
ATOM   913  O O   . CYS A 1 108 ? -8.534  -4.773  7.992   1.00 9.49  ? 109 CYS A O   1 
ATOM   914  C CB  . CYS A 1 108 ? -11.194 -5.664  7.116   1.00 10.01 ? 109 CYS A CB  1 
ATOM   915  S SG  . CYS A 1 108 ? -11.245 -7.178  8.121   1.00 11.51 ? 109 CYS A SG  1 
ATOM   916  N N   . SER A 1 109 ? -9.560  -4.419  9.957   1.00 8.89  ? 110 SER A N   1 
ATOM   917  C CA  . SER A 1 109 ? -8.325  -4.512  10.724  1.00 9.30  ? 110 SER A CA  1 
ATOM   918  C C   . SER A 1 109 ? -7.869  -5.928  11.074  1.00 5.98  ? 110 SER A C   1 
ATOM   919  O O   . SER A 1 109 ? -6.756  -6.113  11.562  1.00 6.58  ? 110 SER A O   1 
ATOM   920  C CB  . SER A 1 109 ? -8.443  -3.682  12.005  1.00 9.67  ? 110 SER A CB  1 
ATOM   921  O OG  . SER A 1 109 ? -9.535  -4.118  12.794  1.00 12.97 ? 110 SER A OG  1 
ATOM   922  N N   . SER A 1 110 ? -8.715  -6.926  10.840  1.00 6.92  ? 111 SER A N   1 
ATOM   923  C CA  . SER A 1 110 ? -8.333  -8.308  11.136  1.00 6.69  ? 111 SER A CA  1 
ATOM   924  C C   . SER A 1 110 ? -9.127  -9.284  10.268  1.00 7.86  ? 111 SER A C   1 
ATOM   925  O O   . SER A 1 110 ? -10.209 -9.732  10.645  1.00 8.45  ? 111 SER A O   1 
ATOM   926  C CB  . SER A 1 110 ? -8.554  -8.619  12.621  1.00 7.82  ? 111 SER A CB  1 
ATOM   927  O OG  . SER A 1 110 ? -7.946  -9.851  12.978  1.00 7.83  ? 111 SER A OG  1 
ATOM   928  N N   . LEU A 1 111 ? -8.569  -9.614  9.107   1.00 8.07  ? 112 LEU A N   1 
ATOM   929  C CA  . LEU A 1 111 ? -9.211  -10.509 8.143   1.00 8.07  ? 112 LEU A CA  1 
ATOM   930  C C   . LEU A 1 111 ? -9.610  -11.898 8.640   1.00 8.83  ? 112 LEU A C   1 
ATOM   931  O O   . LEU A 1 111 ? -10.613 -12.449 8.191   1.00 7.44  ? 112 LEU A O   1 
ATOM   932  C CB  . LEU A 1 111 ? -8.312  -10.673 6.912   1.00 8.31  ? 112 LEU A CB  1 
ATOM   933  C CG  . LEU A 1 111 ? -8.057  -9.437  6.044   1.00 8.54  ? 112 LEU A CG  1 
ATOM   934  C CD1 . LEU A 1 111 ? -7.024  -9.775  4.977   1.00 10.88 ? 112 LEU A CD1 1 
ATOM   935  C CD2 . LEU A 1 111 ? -9.361  -8.970  5.408   1.00 11.90 ? 112 LEU A CD2 1 
ATOM   936  N N   . HIS A 1 112 ? -8.834  -12.461 9.560   1.00 8.34  ? 113 HIS A N   1 
ATOM   937  C CA  . HIS A 1 112 ? -9.108  -13.802 10.069  1.00 9.32  ? 113 HIS A CA  1 
ATOM   938  C C   . HIS A 1 112 ? -10.064 -13.863 11.259  1.00 9.00  ? 113 HIS A C   1 
ATOM   939  O O   . HIS A 1 112 ? -10.439 -14.956 11.690  1.00 9.69  ? 113 HIS A O   1 
ATOM   940  C CB  . HIS A 1 112 ? -7.791  -14.483 10.463  1.00 8.05  ? 113 HIS A CB  1 
ATOM   941  C CG  . HIS A 1 112 ? -6.818  -14.631 9.333   1.00 7.96  ? 113 HIS A CG  1 
ATOM   942  N ND1 . HIS A 1 112 ? -6.965  -15.577 8.343   1.00 8.00  ? 113 HIS A ND1 1 
ATOM   943  C CD2 . HIS A 1 112 ? -5.680  -13.957 9.043   1.00 6.24  ? 113 HIS A CD2 1 
ATOM   944  C CE1 . HIS A 1 112 ? -5.958  -15.483 7.493   1.00 7.80  ? 113 HIS A CE1 1 
ATOM   945  N NE2 . HIS A 1 112 ? -5.164  -14.508 7.895   1.00 8.23  ? 113 HIS A NE2 1 
ATOM   946  N N   . GLU A 1 113 ? -10.466 -12.708 11.786  1.00 9.86  ? 114 GLU A N   1 
ATOM   947  C CA  . GLU A 1 113 ? -11.356 -12.681 12.951  1.00 10.41 ? 114 GLU A CA  1 
ATOM   948  C C   . GLU A 1 113 ? -12.721 -12.031 12.741  1.00 10.81 ? 114 GLU A C   1 
ATOM   949  O O   . GLU A 1 113 ? -13.662 -12.315 13.480  1.00 10.27 ? 114 GLU A O   1 
ATOM   950  C CB  . GLU A 1 113 ? -10.679 -11.950 14.119  1.00 10.83 ? 114 GLU A CB  1 
ATOM   951  C CG  . GLU A 1 113 ? -9.263  -12.386 14.431  1.00 13.45 ? 114 GLU A CG  1 
ATOM   952  C CD  . GLU A 1 113 ? -8.719  -11.706 15.671  1.00 17.44 ? 114 GLU A CD  1 
ATOM   953  O OE1 . GLU A 1 113 ? -9.075  -12.133 16.791  1.00 19.66 ? 114 GLU A OE1 1 
ATOM   954  O OE2 . GLU A 1 113 ? -7.947  -10.735 15.531  1.00 17.41 ? 114 GLU A OE2 1 
ATOM   955  N N   . ARG A 1 114 ? -12.833 -11.169 11.737  1.00 11.01 ? 115 ARG A N   1 
ATOM   956  C CA  . ARG A 1 114 ? -14.069 -10.433 11.479  1.00 11.49 ? 115 ARG A CA  1 
ATOM   957  C C   . ARG A 1 114 ? -15.225 -11.154 10.782  1.00 10.74 ? 115 ARG A C   1 
ATOM   958  O O   . ARG A 1 114 ? -16.373 -10.727 10.899  1.00 10.54 ? 115 ARG A O   1 
ATOM   959  C CB  . ARG A 1 114 ? -13.727 -9.158  10.696  1.00 13.08 ? 115 ARG A CB  1 
ATOM   960  C CG  . ARG A 1 114 ? -14.915 -8.289  10.274  1.00 18.83 ? 115 ARG A CG  1 
ATOM   961  C CD  . ARG A 1 114 ? -15.570 -7.553  11.441  1.00 21.99 ? 115 ARG A CD  1 
ATOM   962  N NE  . ARG A 1 114 ? -16.506 -8.386  12.193  1.00 25.86 ? 115 ARG A NE  1 
ATOM   963  C CZ  . ARG A 1 114 ? -17.332 -7.920  13.125  1.00 26.44 ? 115 ARG A CZ  1 
ATOM   964  N NH1 . ARG A 1 114 ? -17.341 -6.627  13.420  1.00 26.84 ? 115 ARG A NH1 1 
ATOM   965  N NH2 . ARG A 1 114 ? -18.157 -8.744  13.757  1.00 28.58 ? 115 ARG A NH2 1 
ATOM   966  N N   . PHE A 1 115 ? -14.944 -12.243 10.077  1.00 9.73  ? 116 PHE A N   1 
ATOM   967  C CA  . PHE A 1 115 ? -15.998 -12.947 9.349   1.00 10.18 ? 116 PHE A CA  1 
ATOM   968  C C   . PHE A 1 115 ? -16.300 -14.350 9.873   1.00 10.46 ? 116 PHE A C   1 
ATOM   969  O O   . PHE A 1 115 ? -15.662 -14.816 10.816  1.00 11.64 ? 116 PHE A O   1 
ATOM   970  C CB  . PHE A 1 115 ? -15.616 -12.973 7.869   1.00 9.20  ? 116 PHE A CB  1 
ATOM   971  C CG  . PHE A 1 115 ? -15.156 -11.635 7.359   1.00 8.76  ? 116 PHE A CG  1 
ATOM   972  C CD1 . PHE A 1 115 ? -16.040 -10.561 7.299   1.00 8.14  ? 116 PHE A CD1 1 
ATOM   973  C CD2 . PHE A 1 115 ? -13.825 -11.425 7.017   1.00 10.25 ? 116 PHE A CD2 1 
ATOM   974  C CE1 . PHE A 1 115 ? -15.605 -9.297  6.911   1.00 8.38  ? 116 PHE A CE1 1 
ATOM   975  C CE2 . PHE A 1 115 ? -13.377 -10.160 6.626   1.00 8.41  ? 116 PHE A CE2 1 
ATOM   976  C CZ  . PHE A 1 115 ? -14.269 -9.096  6.575   1.00 8.96  ? 116 PHE A CZ  1 
ATOM   977  N N   . HIS A 1 116 ? -17.283 -15.017 9.268   1.00 10.01 ? 117 HIS A N   1 
ATOM   978  C CA  . HIS A 1 116 ? -17.666 -16.354 9.705   1.00 10.56 ? 117 HIS A CA  1 
ATOM   979  C C   . HIS A 1 116 ? -16.763 -17.473 9.208   1.00 11.18 ? 117 HIS A C   1 
ATOM   980  O O   . HIS A 1 116 ? -16.956 -18.637 9.559   1.00 13.06 ? 117 HIS A O   1 
ATOM   981  C CB  . HIS A 1 116 ? -19.123 -16.645 9.336   1.00 12.01 ? 117 HIS A CB  1 
ATOM   982  C CG  . HIS A 1 116 ? -20.109 -15.888 10.169  1.00 13.30 ? 117 HIS A CG  1 
ATOM   983  N ND1 . HIS A 1 116 ? -20.519 -14.609 9.860   1.00 13.22 ? 117 HIS A ND1 1 
ATOM   984  C CD2 . HIS A 1 116 ? -20.729 -16.212 11.329  1.00 14.20 ? 117 HIS A CD2 1 
ATOM   985  C CE1 . HIS A 1 116 ? -21.346 -14.176 10.794  1.00 13.90 ? 117 HIS A CE1 1 
ATOM   986  N NE2 . HIS A 1 116 ? -21.491 -15.129 11.697  1.00 14.38 ? 117 HIS A NE2 1 
ATOM   987  N N   . PHE A 1 117 ? -15.788 -17.121 8.378   1.00 9.67  ? 118 PHE A N   1 
ATOM   988  C CA  . PHE A 1 117 ? -14.808 -18.084 7.895   1.00 8.33  ? 118 PHE A CA  1 
ATOM   989  C C   . PHE A 1 117 ? -13.456 -17.448 8.207   1.00 8.60  ? 118 PHE A C   1 
ATOM   990  O O   . PHE A 1 117 ? -13.333 -16.223 8.167   1.00 9.26  ? 118 PHE A O   1 
ATOM   991  C CB  . PHE A 1 117 ? -14.965 -18.364 6.390   1.00 8.62  ? 118 PHE A CB  1 
ATOM   992  C CG  . PHE A 1 117 ? -14.982 -17.135 5.525   1.00 7.85  ? 118 PHE A CG  1 
ATOM   993  C CD1 . PHE A 1 117 ? -16.151 -16.403 5.356   1.00 8.75  ? 118 PHE A CD1 1 
ATOM   994  C CD2 . PHE A 1 117 ? -13.829 -16.722 4.861   1.00 6.08  ? 118 PHE A CD2 1 
ATOM   995  C CE1 . PHE A 1 117 ? -16.176 -15.275 4.533   1.00 8.59  ? 118 PHE A CE1 1 
ATOM   996  C CE2 . PHE A 1 117 ? -13.841 -15.599 4.038   1.00 8.46  ? 118 PHE A CE2 1 
ATOM   997  C CZ  . PHE A 1 117 ? -15.017 -14.874 3.872   1.00 10.89 ? 118 PHE A CZ  1 
ATOM   998  N N   . SER A 1 118 ? -12.457 -18.265 8.544   1.00 7.93  ? 119 SER A N   1 
ATOM   999  C CA  . SER A 1 118 ? -11.135 -17.741 8.896   1.00 8.45  ? 119 SER A CA  1 
ATOM   1000 C C   . SER A 1 118 ? -10.059 -17.886 7.822   1.00 7.83  ? 119 SER A C   1 
ATOM   1001 O O   . SER A 1 118 ? -9.032  -17.213 7.883   1.00 10.10 ? 119 SER A O   1 
ATOM   1002 C CB  . SER A 1 118 ? -10.641 -18.388 10.193  1.00 8.91  ? 119 SER A CB  1 
ATOM   1003 O OG  . SER A 1 118 ? -10.600 -19.800 10.079  1.00 10.73 ? 119 SER A OG  1 
ATOM   1004 N N   . GLU A 1 119 ? -10.275 -18.776 6.859   1.00 7.61  ? 120 GLU A N   1 
ATOM   1005 C CA  . GLU A 1 119 ? -9.308  -18.951 5.776   1.00 5.51  ? 120 GLU A CA  1 
ATOM   1006 C C   . GLU A 1 119 ? -9.619  -17.888 4.722   1.00 6.22  ? 120 GLU A C   1 
ATOM   1007 O O   . GLU A 1 119 ? -10.783 -17.663 4.389   1.00 6.63  ? 120 GLU A O   1 
ATOM   1008 C CB  . GLU A 1 119 ? -9.440  -20.347 5.154   1.00 6.38  ? 120 GLU A CB  1 
ATOM   1009 C CG  . GLU A 1 119 ? -8.982  -21.517 6.033   1.00 8.77  ? 120 GLU A CG  1 
ATOM   1010 C CD  . GLU A 1 119 ? -7.475  -21.576 6.227   1.00 9.05  ? 120 GLU A CD  1 
ATOM   1011 O OE1 . GLU A 1 119 ? -6.735  -21.149 5.321   1.00 9.89  ? 120 GLU A OE1 1 
ATOM   1012 O OE2 . GLU A 1 119 ? -7.025  -22.070 7.283   1.00 11.27 ? 120 GLU A OE2 1 
ATOM   1013 N N   . ILE A 1 120 ? -8.585  -17.225 4.212   1.00 5.75  ? 121 ILE A N   1 
ATOM   1014 C CA  . ILE A 1 120 ? -8.766  -16.182 3.196   1.00 8.93  ? 121 ILE A CA  1 
ATOM   1015 C C   . ILE A 1 120 ? -7.765  -16.428 2.078   1.00 7.98  ? 121 ILE A C   1 
ATOM   1016 O O   . ILE A 1 120 ? -6.556  -16.353 2.307   1.00 8.64  ? 121 ILE A O   1 
ATOM   1017 C CB  . ILE A 1 120 ? -8.515  -14.765 3.777   1.00 10.44 ? 121 ILE A CB  1 
ATOM   1018 C CG1 . ILE A 1 120 ? -9.490  -14.474 4.918   1.00 14.24 ? 121 ILE A CG1 1 
ATOM   1019 C CG2 . ILE A 1 120 ? -8.704  -13.717 2.697   1.00 10.64 ? 121 ILE A CG2 1 
ATOM   1020 C CD1 . ILE A 1 120 ? -9.050  -15.017 6.230   1.00 18.91 ? 121 ILE A CD1 1 
ATOM   1021 N N   . HIS A 1 121 ? -8.254  -16.701 0.868   1.00 6.85  ? 122 HIS A N   1 
ATOM   1022 C CA  . HIS A 1 121 ? -7.344  -16.995 -0.234  1.00 6.88  ? 122 HIS A CA  1 
ATOM   1023 C C   . HIS A 1 121 ? -7.530  -16.330 -1.601  1.00 6.10  ? 122 HIS A C   1 
ATOM   1024 O O   . HIS A 1 121 ? -6.756  -16.593 -2.521  1.00 6.08  ? 122 HIS A O   1 
ATOM   1025 C CB  . HIS A 1 121 ? -7.246  -18.512 -0.402  1.00 5.40  ? 122 HIS A CB  1 
ATOM   1026 C CG  . HIS A 1 121 ? -6.631  -19.200 0.775   1.00 6.73  ? 122 HIS A CG  1 
ATOM   1027 N ND1 . HIS A 1 121 ? -7.377  -19.708 1.818   1.00 8.73  ? 122 HIS A ND1 1 
ATOM   1028 C CD2 . HIS A 1 121 ? -5.334  -19.392 1.113   1.00 6.41  ? 122 HIS A CD2 1 
ATOM   1029 C CE1 . HIS A 1 121 ? -6.566  -20.183 2.746   1.00 3.07  ? 122 HIS A CE1 1 
ATOM   1030 N NE2 . HIS A 1 121 ? -5.321  -20.001 2.343   1.00 8.85  ? 122 HIS A NE2 1 
ATOM   1031 N N   . SER A 1 122 ? -8.554  -15.498 -1.757  1.00 7.65  ? 123 SER A N   1 
ATOM   1032 C CA  . SER A 1 122 ? -8.740  -14.772 -3.012  1.00 5.01  ? 123 SER A CA  1 
ATOM   1033 C C   . SER A 1 122 ? -9.588  -13.526 -2.796  1.00 5.72  ? 123 SER A C   1 
ATOM   1034 O O   . SER A 1 122 ? -10.422 -13.471 -1.890  1.00 5.95  ? 123 SER A O   1 
ATOM   1035 C CB  . SER A 1 122 ? -9.325  -15.666 -4.126  1.00 6.64  ? 123 SER A CB  1 
ATOM   1036 O OG  . SER A 1 122 ? -10.616 -16.175 -3.843  1.00 7.24  ? 123 SER A OG  1 
ATOM   1037 N N   . PHE A 1 123 ? -9.340  -12.510 -3.615  1.00 3.81  ? 124 PHE A N   1 
ATOM   1038 C CA  . PHE A 1 123 ? -10.056 -11.248 -3.506  1.00 4.69  ? 124 PHE A CA  1 
ATOM   1039 C C   . PHE A 1 123 ? -10.507 -10.767 -4.865  1.00 5.01  ? 124 PHE A C   1 
ATOM   1040 O O   . PHE A 1 123 ? -9.838  -10.980 -5.876  1.00 5.67  ? 124 PHE A O   1 
ATOM   1041 C CB  . PHE A 1 123 ? -9.151  -10.152 -2.939  1.00 4.77  ? 124 PHE A CB  1 
ATOM   1042 C CG  . PHE A 1 123 ? -8.562  -10.461 -1.601  1.00 6.03  ? 124 PHE A CG  1 
ATOM   1043 C CD1 . PHE A 1 123 ? -9.301  -10.276 -0.441  1.00 5.74  ? 124 PHE A CD1 1 
ATOM   1044 C CD2 . PHE A 1 123 ? -7.254  -10.922 -1.498  1.00 5.28  ? 124 PHE A CD2 1 
ATOM   1045 C CE1 . PHE A 1 123 ? -8.746  -10.543 0.807   1.00 6.28  ? 124 PHE A CE1 1 
ATOM   1046 C CE2 . PHE A 1 123 ? -6.689  -11.192 -0.256  1.00 6.09  ? 124 PHE A CE2 1 
ATOM   1047 C CZ  . PHE A 1 123 ? -7.438  -11.001 0.901   1.00 5.14  ? 124 PHE A CZ  1 
ATOM   1048 N N   . HIS A 1 124 ? -11.645 -10.095 -4.882  1.00 5.50  ? 125 HIS A N   1 
ATOM   1049 C CA  . HIS A 1 124 ? -12.123 -9.521  -6.114  1.00 5.34  ? 125 HIS A CA  1 
ATOM   1050 C C   . HIS A 1 124 ? -12.331 -8.038  -5.836  1.00 6.13  ? 125 HIS A C   1 
ATOM   1051 O O   . HIS A 1 124 ? -13.284 -7.656  -5.162  1.00 7.17  ? 125 HIS A O   1 
ATOM   1052 C CB  . HIS A 1 124 ? -13.426 -10.172 -6.561  1.00 6.44  ? 125 HIS A CB  1 
ATOM   1053 C CG  . HIS A 1 124 ? -13.933 -9.630  -7.854  1.00 6.91  ? 125 HIS A CG  1 
ATOM   1054 N ND1 . HIS A 1 124 ? -14.887 -10.274 -8.612  1.00 7.60  ? 125 HIS A ND1 1 
ATOM   1055 C CD2 . HIS A 1 124 ? -13.622 -8.495  -8.523  1.00 4.20  ? 125 HIS A CD2 1 
ATOM   1056 C CE1 . HIS A 1 124 ? -15.141 -9.561  -9.692  1.00 11.38 ? 125 HIS A CE1 1 
ATOM   1057 N NE2 . HIS A 1 124 ? -14.389 -8.475  -9.663  1.00 15.10 ? 125 HIS A NE2 1 
ATOM   1058 N N   . VAL A 1 125 ? -11.412 -7.211  -6.328  1.00 5.48  ? 126 VAL A N   1 
ATOM   1059 C CA  . VAL A 1 125 ? -11.511 -5.773  -6.128  1.00 5.25  ? 126 VAL A CA  1 
ATOM   1060 C C   . VAL A 1 125 ? -12.359 -5.189  -7.247  1.00 4.82  ? 126 VAL A C   1 
ATOM   1061 O O   . VAL A 1 125 ? -11.890 -5.000  -8.367  1.00 4.39  ? 126 VAL A O   1 
ATOM   1062 C CB  . VAL A 1 125 ? -10.119 -5.099  -6.133  1.00 4.84  ? 126 VAL A CB  1 
ATOM   1063 C CG1 . VAL A 1 125 ? -10.260 -3.621  -5.815  1.00 4.55  ? 126 VAL A CG1 1 
ATOM   1064 C CG2 . VAL A 1 125 ? -9.207  -5.770  -5.113  1.00 6.26  ? 126 VAL A CG2 1 
ATOM   1065 N N   . LEU A 1 126 ? -13.621 -4.919  -6.928  1.00 6.22  ? 127 LEU A N   1 
ATOM   1066 C CA  . LEU A 1 126 ? -14.571 -4.367  -7.885  1.00 5.45  ? 127 LEU A CA  1 
ATOM   1067 C C   . LEU A 1 126 ? -14.437 -2.855  -8.076  1.00 6.40  ? 127 LEU A C   1 
ATOM   1068 O O   . LEU A 1 126 ? -14.513 -2.357  -9.204  1.00 5.46  ? 127 LEU A O   1 
ATOM   1069 C CB  . LEU A 1 126 ? -15.999 -4.698  -7.434  1.00 6.80  ? 127 LEU A CB  1 
ATOM   1070 C CG  . LEU A 1 126 ? -16.372 -6.184  -7.443  1.00 6.07  ? 127 LEU A CG  1 
ATOM   1071 C CD1 . LEU A 1 126 ? -17.665 -6.407  -6.681  1.00 7.83  ? 127 LEU A CD1 1 
ATOM   1072 C CD2 . LEU A 1 126 ? -16.505 -6.657  -8.877  1.00 6.19  ? 127 LEU A CD2 1 
ATOM   1073 N N   . GLU A 1 127 ? -14.244 -2.132  -6.974  1.00 5.37  ? 128 GLU A N   1 
ATOM   1074 C CA  . GLU A 1 127 ? -14.123 -0.675  -7.006  1.00 5.15  ? 128 GLU A CA  1 
ATOM   1075 C C   . GLU A 1 127 ? -13.044 -0.141  -6.058  1.00 5.37  ? 128 GLU A C   1 
ATOM   1076 O O   . GLU A 1 127 ? -12.882 -0.644  -4.945  1.00 4.54  ? 128 GLU A O   1 
ATOM   1077 C CB  . GLU A 1 127 ? -15.462 -0.038  -6.614  1.00 6.74  ? 128 GLU A CB  1 
ATOM   1078 C CG  . GLU A 1 127 ? -16.653 -0.451  -7.461  1.00 6.94  ? 128 GLU A CG  1 
ATOM   1079 C CD  . GLU A 1 127 ? -17.973 -0.169  -6.765  1.00 8.24  ? 128 GLU A CD  1 
ATOM   1080 O OE1 . GLU A 1 127 ? -18.074 0.870   -6.079  1.00 8.19  ? 128 GLU A OE1 1 
ATOM   1081 O OE2 . GLU A 1 127 ? -18.910 -0.980  -6.909  1.00 8.48  ? 128 GLU A OE2 1 
ATOM   1082 N N   . GLY A 1 128 ? -12.321 0.884   -6.511  1.00 4.11  ? 129 GLY A N   1 
ATOM   1083 C CA  . GLY A 1 128 ? -11.295 1.527   -5.701  1.00 4.63  ? 129 GLY A CA  1 
ATOM   1084 C C   . GLY A 1 128 ? -9.981  0.800   -5.489  1.00 4.57  ? 129 GLY A C   1 
ATOM   1085 O O   . GLY A 1 128 ? -9.873  -0.402  -5.734  1.00 4.04  ? 129 GLY A O   1 
ATOM   1086 N N   . TRP A 1 129 ? -8.973  1.548   -5.043  1.00 4.37  ? 130 TRP A N   1 
ATOM   1087 C CA  . TRP A 1 129 ? -7.655  0.987   -4.760  1.00 5.10  ? 130 TRP A CA  1 
ATOM   1088 C C   . TRP A 1 129 ? -7.566  0.704   -3.261  1.00 5.04  ? 130 TRP A C   1 
ATOM   1089 O O   . TRP A 1 129 ? -7.987  1.522   -2.440  1.00 5.03  ? 130 TRP A O   1 
ATOM   1090 C CB  . TRP A 1 129 ? -6.548  1.970   -5.164  1.00 4.14  ? 130 TRP A CB  1 
ATOM   1091 C CG  . TRP A 1 129 ? -6.412  2.188   -6.648  1.00 4.98  ? 130 TRP A CG  1 
ATOM   1092 C CD1 . TRP A 1 129 ? -7.364  2.683   -7.495  1.00 5.38  ? 130 TRP A CD1 1 
ATOM   1093 C CD2 . TRP A 1 129 ? -5.255  1.925   -7.455  1.00 4.22  ? 130 TRP A CD2 1 
ATOM   1094 N NE1 . TRP A 1 129 ? -6.873  2.743   -8.778  1.00 6.88  ? 130 TRP A NE1 1 
ATOM   1095 C CE2 . TRP A 1 129 ? -5.583  2.285   -8.782  1.00 6.26  ? 130 TRP A CE2 1 
ATOM   1096 C CE3 . TRP A 1 129 ? -3.973  1.420   -7.186  1.00 5.88  ? 130 TRP A CE3 1 
ATOM   1097 C CZ2 . TRP A 1 129 ? -4.675  2.156   -9.840  1.00 6.59  ? 130 TRP A CZ2 1 
ATOM   1098 C CZ3 . TRP A 1 129 ? -3.070  1.292   -8.241  1.00 4.42  ? 130 TRP A CZ3 1 
ATOM   1099 C CH2 . TRP A 1 129 ? -3.429  1.660   -9.550  1.00 5.53  ? 130 TRP A CH2 1 
ATOM   1100 N N   . TRP A 1 130 ? -7.015  -0.454  -2.913  1.00 3.95  ? 131 TRP A N   1 
ATOM   1101 C CA  . TRP A 1 130 ? -6.876  -0.855  -1.517  1.00 5.04  ? 131 TRP A CA  1 
ATOM   1102 C C   . TRP A 1 130 ? -5.455  -1.302  -1.225  1.00 5.36  ? 131 TRP A C   1 
ATOM   1103 O O   . TRP A 1 130 ? -4.683  -1.592  -2.141  1.00 5.13  ? 131 TRP A O   1 
ATOM   1104 C CB  . TRP A 1 130 ? -7.789  -2.042  -1.199  1.00 3.49  ? 131 TRP A CB  1 
ATOM   1105 C CG  . TRP A 1 130 ? -9.251  -1.854  -1.449  1.00 4.82  ? 131 TRP A CG  1 
ATOM   1106 C CD1 . TRP A 1 130 ? -9.865  -1.630  -2.651  1.00 2.50  ? 131 TRP A CD1 1 
ATOM   1107 C CD2 . TRP A 1 130 ? -10.297 -1.973  -0.480  1.00 4.70  ? 131 TRP A CD2 1 
ATOM   1108 N NE1 . TRP A 1 130 ? -11.234 -1.610  -2.486  1.00 5.20  ? 131 TRP A NE1 1 
ATOM   1109 C CE2 . TRP A 1 130 ? -11.524 -1.818  -1.163  1.00 4.19  ? 131 TRP A CE2 1 
ATOM   1110 C CE3 . TRP A 1 130 ? -10.318 -2.202  0.902   1.00 4.23  ? 131 TRP A CE3 1 
ATOM   1111 C CZ2 . TRP A 1 130 ? -12.762 -1.885  -0.509  1.00 5.84  ? 131 TRP A CZ2 1 
ATOM   1112 C CZ3 . TRP A 1 130 ? -11.548 -2.270  1.554   1.00 5.14  ? 131 TRP A CZ3 1 
ATOM   1113 C CH2 . TRP A 1 130 ? -12.752 -2.112  0.844   1.00 5.68  ? 131 TRP A CH2 1 
ATOM   1114 N N   . VAL A 1 131 ? -5.113  -1.357  0.058   1.00 4.76  ? 132 VAL A N   1 
ATOM   1115 C CA  . VAL A 1 131 ? -3.803  -1.847  0.466   1.00 3.50  ? 132 VAL A CA  1 
ATOM   1116 C C   . VAL A 1 131 ? -4.022  -3.080  1.343   1.00 3.38  ? 132 VAL A C   1 
ATOM   1117 O O   . VAL A 1 131 ? -4.726  -3.031  2.356   1.00 1.84  ? 132 VAL A O   1 
ATOM   1118 C CB  . VAL A 1 131 ? -2.982  -0.803  1.260   1.00 2.61  ? 132 VAL A CB  1 
ATOM   1119 C CG1 . VAL A 1 131 ? -1.663  -1.420  1.715   1.00 3.77  ? 132 VAL A CG1 1 
ATOM   1120 C CG2 . VAL A 1 131 ? -2.695  0.417   0.391   1.00 4.76  ? 132 VAL A CG2 1 
ATOM   1121 N N   . LEU A 1 132 ? -3.436  -4.194  0.921   1.00 3.43  ? 133 LEU A N   1 
ATOM   1122 C CA  . LEU A 1 132 ? -3.538  -5.453  1.644   1.00 2.68  ? 133 LEU A CA  1 
ATOM   1123 C C   . LEU A 1 132 ? -2.300  -5.583  2.526   1.00 4.42  ? 133 LEU A C   1 
ATOM   1124 O O   . LEU A 1 132 ? -1.176  -5.437  2.047   1.00 5.27  ? 133 LEU A O   1 
ATOM   1125 C CB  . LEU A 1 132 ? -3.604  -6.615  0.648   1.00 2.77  ? 133 LEU A CB  1 
ATOM   1126 C CG  . LEU A 1 132 ? -3.600  -8.055  1.182   1.00 2.93  ? 133 LEU A CG  1 
ATOM   1127 C CD1 . LEU A 1 132 ? -4.839  -8.316  2.027   1.00 3.99  ? 133 LEU A CD1 1 
ATOM   1128 C CD2 . LEU A 1 132 ? -3.551  -9.021  0.000   1.00 3.22  ? 133 LEU A CD2 1 
ATOM   1129 N N   . TYR A 1 133 ? -2.517  -5.831  3.815   1.00 5.19  ? 134 TYR A N   1 
ATOM   1130 C CA  . TYR A 1 133 ? -1.424  -5.980  4.768   1.00 4.90  ? 134 TYR A CA  1 
ATOM   1131 C C   . TYR A 1 133 ? -1.311  -7.424  5.232   1.00 5.50  ? 134 TYR A C   1 
ATOM   1132 O O   . TYR A 1 133 ? -2.310  -8.118  5.391   1.00 5.84  ? 134 TYR A O   1 
ATOM   1133 C CB  . TYR A 1 133 ? -1.648  -5.084  5.990   1.00 5.28  ? 134 TYR A CB  1 
ATOM   1134 C CG  . TYR A 1 133 ? -1.611  -3.602  5.707   1.00 4.86  ? 134 TYR A CG  1 
ATOM   1135 C CD1 . TYR A 1 133 ? -0.468  -2.842  5.984   1.00 4.94  ? 134 TYR A CD1 1 
ATOM   1136 C CD2 . TYR A 1 133 ? -2.722  -2.949  5.186   1.00 4.21  ? 134 TYR A CD2 1 
ATOM   1137 C CE1 . TYR A 1 133 ? -0.447  -1.465  5.747   1.00 5.06  ? 134 TYR A CE1 1 
ATOM   1138 C CE2 . TYR A 1 133 ? -2.710  -1.579  4.947   1.00 5.81  ? 134 TYR A CE2 1 
ATOM   1139 C CZ  . TYR A 1 133 ? -1.574  -0.845  5.229   1.00 6.24  ? 134 TYR A CZ  1 
ATOM   1140 O OH  . TYR A 1 133 ? -1.575  0.509   4.998   1.00 9.11  ? 134 TYR A OH  1 
ATOM   1141 N N   . GLU A 1 134 ? -0.077  -7.852  5.463   1.00 6.72  ? 135 GLU A N   1 
ATOM   1142 C CA  . GLU A 1 134 ? 0.229   -9.206  5.908   1.00 6.35  ? 135 GLU A CA  1 
ATOM   1143 C C   . GLU A 1 134 ? -0.305  -9.533  7.303   1.00 6.84  ? 135 GLU A C   1 
ATOM   1144 O O   . GLU A 1 134 ? -0.740  -10.658 7.562   1.00 4.52  ? 135 GLU A O   1 
ATOM   1145 C CB  . GLU A 1 134 ? 1.751   -9.396  5.884   1.00 6.65  ? 135 GLU A CB  1 
ATOM   1146 C CG  . GLU A 1 134 ? 2.259   -10.649 6.589   1.00 8.17  ? 135 GLU A CG  1 
ATOM   1147 C CD  . GLU A 1 134 ? 3.768   -10.641 6.770   1.00 7.88  ? 135 GLU A CD  1 
ATOM   1148 O OE1 . GLU A 1 134 ? 4.386   -9.570  6.590   1.00 11.47 ? 135 GLU A OE1 1 
ATOM   1149 O OE2 . GLU A 1 134 ? 4.338   -11.700 7.107   1.00 8.60  ? 135 GLU A OE2 1 
ATOM   1150 N N   . MET A 1 135 ? -0.272  -8.548  8.197   1.00 6.37  ? 136 MET A N   1 
ATOM   1151 C CA  . MET A 1 135 ? -0.710  -8.752  9.572   1.00 5.37  ? 136 MET A CA  1 
ATOM   1152 C C   . MET A 1 135 ? -1.863  -7.846  9.975   1.00 5.24  ? 136 MET A C   1 
ATOM   1153 O O   . MET A 1 135 ? -2.125  -6.828  9.335   1.00 5.44  ? 136 MET A O   1 
ATOM   1154 C CB  . MET A 1 135 ? 0.465   -8.503  10.523  1.00 6.78  ? 136 MET A CB  1 
ATOM   1155 C CG  . MET A 1 135 ? 1.753   -9.186  10.114  1.00 7.12  ? 136 MET A CG  1 
ATOM   1156 S SD  . MET A 1 135 ? 3.182   -8.637  11.083  1.00 8.27  ? 136 MET A SD  1 
ATOM   1157 C CE  . MET A 1 135 ? 4.330   -9.988  10.756  1.00 10.24 ? 136 MET A CE  1 
ATOM   1158 N N   . PRO A 1 136 ? -2.568  -8.205  11.058  1.00 5.85  ? 137 PRO A N   1 
ATOM   1159 C CA  . PRO A 1 136 ? -3.686  -7.367  11.498  1.00 6.00  ? 137 PRO A CA  1 
ATOM   1160 C C   . PRO A 1 136 ? -3.231  -5.974  11.949  1.00 6.93  ? 137 PRO A C   1 
ATOM   1161 O O   . PRO A 1 136 ? -2.054  -5.751  12.240  1.00 6.19  ? 137 PRO A O   1 
ATOM   1162 C CB  . PRO A 1 136 ? -4.324  -8.191  12.623  1.00 7.63  ? 137 PRO A CB  1 
ATOM   1163 C CG  . PRO A 1 136 ? -3.211  -9.076  13.108  1.00 12.08 ? 137 PRO A CG  1 
ATOM   1164 C CD  . PRO A 1 136 ? -2.474  -9.442  11.850  1.00 5.85  ? 137 PRO A CD  1 
ATOM   1165 N N   . ASN A 1 137 ? -4.172  -5.038  11.985  1.00 6.91  ? 138 ASN A N   1 
ATOM   1166 C CA  . ASN A 1 137 ? -3.890  -3.666  12.383  1.00 8.28  ? 138 ASN A CA  1 
ATOM   1167 C C   . ASN A 1 137 ? -2.939  -2.942  11.432  1.00 7.19  ? 138 ASN A C   1 
ATOM   1168 O O   . ASN A 1 137 ? -2.119  -2.116  11.848  1.00 7.47  ? 138 ASN A O   1 
ATOM   1169 C CB  . ASN A 1 137 ? -3.361  -3.629  13.821  1.00 10.54 ? 138 ASN A CB  1 
ATOM   1170 C CG  . ASN A 1 137 ? -4.410  -4.061  14.829  1.00 13.23 ? 138 ASN A CG  1 
ATOM   1171 O OD1 . ASN A 1 137 ? -4.258  -5.077  15.511  1.00 15.43 ? 138 ASN A OD1 1 
ATOM   1172 N ND2 . ASN A 1 137 ? -5.492  -3.295  14.917  1.00 13.71 ? 138 ASN A ND2 1 
ATOM   1173 N N   . TYR A 1 138 ? -3.054  -3.274  10.149  1.00 6.52  ? 139 TYR A N   1 
ATOM   1174 C CA  . TYR A 1 138 ? -2.277  -2.633  9.091   1.00 5.17  ? 139 TYR A CA  1 
ATOM   1175 C C   . TYR A 1 138 ? -0.765  -2.640  9.292   1.00 6.29  ? 139 TYR A C   1 
ATOM   1176 O O   . TYR A 1 138 ? -0.116  -1.589  9.300   1.00 6.10  ? 139 TYR A O   1 
ATOM   1177 C CB  . TYR A 1 138 ? -2.804  -1.205  8.923   1.00 5.92  ? 139 TYR A CB  1 
ATOM   1178 C CG  . TYR A 1 138 ? -4.320  -1.166  8.948   1.00 6.03  ? 139 TYR A CG  1 
ATOM   1179 C CD1 . TYR A 1 138 ? -5.069  -1.785  7.944   1.00 6.30  ? 139 TYR A CD1 1 
ATOM   1180 C CD2 . TYR A 1 138 ? -5.007  -0.583  10.015  1.00 5.63  ? 139 TYR A CD2 1 
ATOM   1181 C CE1 . TYR A 1 138 ? -6.462  -1.832  8.006   1.00 6.21  ? 139 TYR A CE1 1 
ATOM   1182 C CE2 . TYR A 1 138 ? -6.404  -0.625  10.085  1.00 9.00  ? 139 TYR A CE2 1 
ATOM   1183 C CZ  . TYR A 1 138 ? -7.121  -1.254  9.076   1.00 7.81  ? 139 TYR A CZ  1 
ATOM   1184 O OH  . TYR A 1 138 ? -8.496  -1.324  9.140   1.00 7.80  ? 139 TYR A OH  1 
ATOM   1185 N N   . ARG A 1 139 ? -0.210  -3.838  9.425   1.00 5.90  ? 140 ARG A N   1 
ATOM   1186 C CA  . ARG A 1 139 ? 1.222   -4.006  9.628   1.00 6.15  ? 140 ARG A CA  1 
ATOM   1187 C C   . ARG A 1 139 ? 1.776   -5.142  8.767   1.00 5.97  ? 140 ARG A C   1 
ATOM   1188 O O   . ARG A 1 139 ? 1.018   -5.886  8.140   1.00 5.41  ? 140 ARG A O   1 
ATOM   1189 C CB  . ARG A 1 139 ? 1.494   -4.261  11.117  1.00 7.35  ? 140 ARG A CB  1 
ATOM   1190 C CG  . ARG A 1 139 ? 1.152   -3.059  11.995  1.00 6.48  ? 140 ARG A CG  1 
ATOM   1191 C CD  . ARG A 1 139 ? 1.236   -3.367  13.484  1.00 6.92  ? 140 ARG A CD  1 
ATOM   1192 N NE  . ARG A 1 139 ? 1.001   -2.166  14.284  1.00 6.98  ? 140 ARG A NE  1 
ATOM   1193 C CZ  . ARG A 1 139 ? 0.795   -2.166  15.597  1.00 7.32  ? 140 ARG A CZ  1 
ATOM   1194 N NH1 . ARG A 1 139 ? 0.788   -3.310  16.262  1.00 5.60  ? 140 ARG A NH1 1 
ATOM   1195 N NH2 . ARG A 1 139 ? 0.607   -1.022  16.243  1.00 5.30  ? 140 ARG A NH2 1 
ATOM   1196 N N   . GLY A 1 140 ? 3.100   -5.261  8.727   1.00 5.42  ? 141 GLY A N   1 
ATOM   1197 C CA  . GLY A 1 140 ? 3.723   -6.305  7.931   1.00 6.74  ? 141 GLY A CA  1 
ATOM   1198 C C   . GLY A 1 140 ? 3.875   -5.894  6.478   1.00 6.31  ? 141 GLY A C   1 
ATOM   1199 O O   . GLY A 1 140 ? 3.719   -4.722  6.136   1.00 7.40  ? 141 GLY A O   1 
ATOM   1200 N N   . ARG A 1 141 ? 4.175   -6.856  5.614   1.00 6.87  ? 142 ARG A N   1 
ATOM   1201 C CA  . ARG A 1 141 ? 4.344   -6.563  4.196   1.00 5.71  ? 142 ARG A CA  1 
ATOM   1202 C C   . ARG A 1 141 ? 3.057   -6.046  3.564   1.00 5.22  ? 142 ARG A C   1 
ATOM   1203 O O   . ARG A 1 141 ? 1.960   -6.492  3.904   1.00 5.83  ? 142 ARG A O   1 
ATOM   1204 C CB  . ARG A 1 141 ? 4.845   -7.807  3.467   1.00 7.81  ? 142 ARG A CB  1 
ATOM   1205 C CG  . ARG A 1 141 ? 6.305   -8.106  3.770   1.00 10.45 ? 142 ARG A CG  1 
ATOM   1206 C CD  . ARG A 1 141 ? 6.706   -9.493  3.321   1.00 13.27 ? 142 ARG A CD  1 
ATOM   1207 N NE  . ARG A 1 141 ? 6.101   -10.522 4.158   1.00 15.34 ? 142 ARG A NE  1 
ATOM   1208 C CZ  . ARG A 1 141 ? 6.375   -11.818 4.058   1.00 18.00 ? 142 ARG A CZ  1 
ATOM   1209 N NH1 . ARG A 1 141 ? 7.246   -12.243 3.153   1.00 18.27 ? 142 ARG A NH1 1 
ATOM   1210 N NH2 . ARG A 1 141 ? 5.785   -12.688 4.867   1.00 18.17 ? 142 ARG A NH2 1 
ATOM   1211 N N   . GLN A 1 142 ? 3.204   -5.105  2.635   1.00 4.31  ? 143 GLN A N   1 
ATOM   1212 C CA  . GLN A 1 142 ? 2.059   -4.488  1.975   1.00 4.09  ? 143 GLN A CA  1 
ATOM   1213 C C   . GLN A 1 142 ? 1.963   -4.801  0.490   1.00 4.90  ? 143 GLN A C   1 
ATOM   1214 O O   . GLN A 1 142 ? 2.975   -4.991  -0.184  1.00 6.13  ? 143 GLN A O   1 
ATOM   1215 C CB  . GLN A 1 142 ? 2.120   -2.972  2.163   1.00 4.77  ? 143 GLN A CB  1 
ATOM   1216 C CG  . GLN A 1 142 ? 2.117   -2.529  3.616   1.00 5.21  ? 143 GLN A CG  1 
ATOM   1217 C CD  . GLN A 1 142 ? 2.360   -1.038  3.767   1.00 5.97  ? 143 GLN A CD  1 
ATOM   1218 O OE1 . GLN A 1 142 ? 1.751   -0.226  3.069   1.00 7.12  ? 143 GLN A OE1 1 
ATOM   1219 N NE2 . GLN A 1 142 ? 3.244   -0.670  4.688   1.00 7.38  ? 143 GLN A NE2 1 
ATOM   1220 N N   . TYR A 1 143 ? 0.733   -4.836  -0.014  1.00 4.89  ? 144 TYR A N   1 
ATOM   1221 C CA  . TYR A 1 143 ? 0.477   -5.118  -1.421  1.00 4.17  ? 144 TYR A CA  1 
ATOM   1222 C C   . TYR A 1 143 ? -0.660  -4.218  -1.895  1.00 4.90  ? 144 TYR A C   1 
ATOM   1223 O O   . TYR A 1 143 ? -1.787  -4.337  -1.420  1.00 3.94  ? 144 TYR A O   1 
ATOM   1224 C CB  . TYR A 1 143 ? 0.069   -6.584  -1.594  1.00 4.38  ? 144 TYR A CB  1 
ATOM   1225 C CG  . TYR A 1 143 ? 0.958   -7.559  -0.859  1.00 4.40  ? 144 TYR A CG  1 
ATOM   1226 C CD1 . TYR A 1 143 ? 2.227   -7.888  -1.346  1.00 4.35  ? 144 TYR A CD1 1 
ATOM   1227 C CD2 . TYR A 1 143 ? 0.535   -8.149  0.333   1.00 3.86  ? 144 TYR A CD2 1 
ATOM   1228 C CE1 . TYR A 1 143 ? 3.051   -8.781  -0.660  1.00 5.52  ? 144 TYR A CE1 1 
ATOM   1229 C CE2 . TYR A 1 143 ? 1.352   -9.042  1.026   1.00 5.17  ? 144 TYR A CE2 1 
ATOM   1230 C CZ  . TYR A 1 143 ? 2.606   -9.353  0.526   1.00 6.11  ? 144 TYR A CZ  1 
ATOM   1231 O OH  . TYR A 1 143 ? 3.420   -10.230 1.212   1.00 8.55  ? 144 TYR A OH  1 
ATOM   1232 N N   . LEU A 1 144 ? -0.361  -3.309  -2.820  1.00 4.76  ? 145 LEU A N   1 
ATOM   1233 C CA  . LEU A 1 144 ? -1.380  -2.411  -3.348  1.00 5.08  ? 145 LEU A CA  1 
ATOM   1234 C C   . LEU A 1 144 ? -2.287  -3.187  -4.306  1.00 4.98  ? 145 LEU A C   1 
ATOM   1235 O O   . LEU A 1 144 ? -1.806  -3.946  -5.152  1.00 5.73  ? 145 LEU A O   1 
ATOM   1236 C CB  . LEU A 1 144 ? -0.721  -1.236  -4.083  1.00 3.93  ? 145 LEU A CB  1 
ATOM   1237 C CG  . LEU A 1 144 ? -1.650  -0.177  -4.690  1.00 3.40  ? 145 LEU A CG  1 
ATOM   1238 C CD1 . LEU A 1 144 ? -2.416  0.559   -3.586  1.00 2.94  ? 145 LEU A CD1 1 
ATOM   1239 C CD2 . LEU A 1 144 ? -0.827  0.801   -5.513  1.00 4.29  ? 145 LEU A CD2 1 
ATOM   1240 N N   . LEU A 1 145 ? -3.597  -3.007  -4.164  1.00 3.39  ? 146 LEU A N   1 
ATOM   1241 C CA  . LEU A 1 145 ? -4.555  -3.695  -5.025  1.00 3.84  ? 146 LEU A CA  1 
ATOM   1242 C C   . LEU A 1 145 ? -5.429  -2.717  -5.806  1.00 3.61  ? 146 LEU A C   1 
ATOM   1243 O O   . LEU A 1 145 ? -6.244  -2.005  -5.221  1.00 6.13  ? 146 LEU A O   1 
ATOM   1244 C CB  . LEU A 1 145 ? -5.476  -4.600  -4.199  1.00 4.18  ? 146 LEU A CB  1 
ATOM   1245 C CG  . LEU A 1 145 ? -4.882  -5.613  -3.220  1.00 4.85  ? 146 LEU A CG  1 
ATOM   1246 C CD1 . LEU A 1 145 ? -6.024  -6.391  -2.581  1.00 5.24  ? 146 LEU A CD1 1 
ATOM   1247 C CD2 . LEU A 1 145 ? -3.928  -6.562  -3.935  1.00 6.37  ? 146 LEU A CD2 1 
ATOM   1248 N N   . ARG A 1 146 ? -5.259  -2.681  -7.124  1.00 5.67  ? 147 ARG A N   1 
ATOM   1249 C CA  . ARG A 1 146 ? -6.083  -1.818  -7.964  1.00 4.32  ? 147 ARG A CA  1 
ATOM   1250 C C   . ARG A 1 146 ? -7.278  -2.667  -8.410  1.00 4.94  ? 147 ARG A C   1 
ATOM   1251 O O   . ARG A 1 146 ? -7.270  -3.892  -8.254  1.00 3.77  ? 147 ARG A O   1 
ATOM   1252 C CB  . ARG A 1 146 ? -5.286  -1.331  -9.182  1.00 4.22  ? 147 ARG A CB  1 
ATOM   1253 C CG  . ARG A 1 146 ? -4.806  -2.442  -10.114 1.00 3.34  ? 147 ARG A CG  1 
ATOM   1254 C CD  . ARG A 1 146 ? -3.817  -1.906  -11.145 1.00 3.68  ? 147 ARG A CD  1 
ATOM   1255 N NE  . ARG A 1 146 ? -4.434  -0.942  -12.051 1.00 5.58  ? 147 ARG A NE  1 
ATOM   1256 C CZ  . ARG A 1 146 ? -3.755  -0.059  -12.777 1.00 6.33  ? 147 ARG A CZ  1 
ATOM   1257 N NH1 . ARG A 1 146 ? -2.430  -0.011  -12.700 1.00 7.85  ? 147 ARG A NH1 1 
ATOM   1258 N NH2 . ARG A 1 146 ? -4.401  0.779   -13.581 1.00 7.36  ? 147 ARG A NH2 1 
ATOM   1259 N N   . PRO A 1 147 ? -8.329  -2.036  -8.950  1.00 3.99  ? 148 PRO A N   1 
ATOM   1260 C CA  . PRO A 1 147 ? -9.480  -2.834  -9.389  1.00 4.95  ? 148 PRO A CA  1 
ATOM   1261 C C   . PRO A 1 147 ? -9.062  -3.931  -10.370 1.00 4.57  ? 148 PRO A C   1 
ATOM   1262 O O   . PRO A 1 147 ? -8.339  -3.671  -11.337 1.00 5.46  ? 148 PRO A O   1 
ATOM   1263 C CB  . PRO A 1 147 ? -10.396 -1.787  -10.015 1.00 5.09  ? 148 PRO A CB  1 
ATOM   1264 C CG  . PRO A 1 147 ? -10.141 -0.585  -9.151  1.00 5.13  ? 148 PRO A CG  1 
ATOM   1265 C CD  . PRO A 1 147 ? -8.627  -0.594  -9.034  1.00 5.19  ? 148 PRO A CD  1 
ATOM   1266 N N   . GLY A 1 148 ? -9.507  -5.157  -10.102 1.00 5.37  ? 149 GLY A N   1 
ATOM   1267 C CA  . GLY A 1 148 ? -9.164  -6.287  -10.954 1.00 4.56  ? 149 GLY A CA  1 
ATOM   1268 C C   . GLY A 1 148 ? -9.356  -7.592  -10.206 1.00 4.16  ? 149 GLY A C   1 
ATOM   1269 O O   . GLY A 1 148 ? -9.878  -7.594  -9.093  1.00 5.26  ? 149 GLY A O   1 
ATOM   1270 N N   . ASP A 1 149 ? -8.936  -8.701  -10.813 1.00 3.22  ? 150 ASP A N   1 
ATOM   1271 C CA  . ASP A 1 149 ? -9.064  -10.024 -10.205 1.00 5.03  ? 150 ASP A CA  1 
ATOM   1272 C C   . ASP A 1 149 ? -7.816  -10.477 -9.455  1.00 4.35  ? 150 ASP A C   1 
ATOM   1273 O O   . ASP A 1 149 ? -6.695  -10.248 -9.904  1.00 4.40  ? 150 ASP A O   1 
ATOM   1274 C CB  . ASP A 1 149 ? -9.369  -11.082 -11.274 1.00 5.99  ? 150 ASP A CB  1 
ATOM   1275 C CG  . ASP A 1 149 ? -10.707 -10.870 -11.956 1.00 6.60  ? 150 ASP A CG  1 
ATOM   1276 O OD1 . ASP A 1 149 ? -11.719 -10.696 -11.248 1.00 5.61  ? 150 ASP A OD1 1 
ATOM   1277 O OD2 . ASP A 1 149 ? -10.747 -10.896 -13.205 1.00 7.27  ? 150 ASP A OD2 1 
ATOM   1278 N N   . TYR A 1 150 ? -8.022  -11.127 -8.316  1.00 4.35  ? 151 TYR A N   1 
ATOM   1279 C CA  . TYR A 1 150 ? -6.923  -11.663 -7.522  1.00 4.94  ? 151 TYR A CA  1 
ATOM   1280 C C   . TYR A 1 150 ? -7.336  -13.056 -7.054  1.00 4.90  ? 151 TYR A C   1 
ATOM   1281 O O   . TYR A 1 150 ? -7.610  -13.274 -5.876  1.00 5.49  ? 151 TYR A O   1 
ATOM   1282 C CB  . TYR A 1 150 ? -6.610  -10.743 -6.334  1.00 5.58  ? 151 TYR A CB  1 
ATOM   1283 C CG  . TYR A 1 150 ? -6.212  -9.351  -6.773  1.00 5.89  ? 151 TYR A CG  1 
ATOM   1284 C CD1 . TYR A 1 150 ? -7.164  -8.340  -6.909  1.00 5.16  ? 151 TYR A CD1 1 
ATOM   1285 C CD2 . TYR A 1 150 ? -4.894  -9.065  -7.124  1.00 3.54  ? 151 TYR A CD2 1 
ATOM   1286 C CE1 . TYR A 1 150 ? -6.812  -7.078  -7.389  1.00 3.81  ? 151 TYR A CE1 1 
ATOM   1287 C CE2 . TYR A 1 150 ? -4.532  -7.812  -7.602  1.00 5.28  ? 151 TYR A CE2 1 
ATOM   1288 C CZ  . TYR A 1 150 ? -5.493  -6.823  -7.735  1.00 3.71  ? 151 TYR A CZ  1 
ATOM   1289 O OH  . TYR A 1 150 ? -5.136  -5.584  -8.225  1.00 5.32  ? 151 TYR A OH  1 
ATOM   1290 N N   . ARG A 1 151 ? -7.365  -13.996 -7.998  1.00 4.92  ? 152 ARG A N   1 
ATOM   1291 C CA  . ARG A 1 151 ? -7.779  -15.372 -7.726  1.00 6.00  ? 152 ARG A CA  1 
ATOM   1292 C C   . ARG A 1 151 ? -6.826  -16.200 -6.871  1.00 5.46  ? 152 ARG A C   1 
ATOM   1293 O O   . ARG A 1 151 ? -7.176  -17.291 -6.427  1.00 4.39  ? 152 ARG A O   1 
ATOM   1294 C CB  . ARG A 1 151 ? -8.061  -16.104 -9.043  1.00 6.24  ? 152 ARG A CB  1 
ATOM   1295 C CG  . ARG A 1 151 ? -9.212  -15.503 -9.843  1.00 9.11  ? 152 ARG A CG  1 
ATOM   1296 C CD  . ARG A 1 151 ? -9.472  -16.305 -11.114 1.00 11.55 ? 152 ARG A CD  1 
ATOM   1297 N NE  . ARG A 1 151 ? -10.373 -15.612 -12.031 1.00 18.54 ? 152 ARG A NE  1 
ATOM   1298 C CZ  . ARG A 1 151 ? -11.633 -15.314 -11.749 1.00 17.53 ? 152 ARG A CZ  1 
ATOM   1299 N NH1 . ARG A 1 151 ? -12.135 -15.656 -10.575 1.00 22.69 ? 152 ARG A NH1 1 
ATOM   1300 N NH2 . ARG A 1 151 ? -12.385 -14.665 -12.630 1.00 16.98 ? 152 ARG A NH2 1 
ATOM   1301 N N   . ARG A 1 152 ? -5.615  -15.694 -6.663  1.00 4.79  ? 153 ARG A N   1 
ATOM   1302 C CA  . ARG A 1 152 ? -4.629  -16.365 -5.819  1.00 5.08  ? 153 ARG A CA  1 
ATOM   1303 C C   . ARG A 1 152 ? -3.530  -15.371 -5.461  1.00 4.34  ? 153 ARG A C   1 
ATOM   1304 O O   . ARG A 1 152 ? -3.362  -14.361 -6.141  1.00 2.70  ? 153 ARG A O   1 
ATOM   1305 C CB  . ARG A 1 152 ? -4.054  -17.628 -6.488  1.00 4.49  ? 153 ARG A CB  1 
ATOM   1306 C CG  . ARG A 1 152 ? -3.646  -17.503 -7.942  1.00 3.98  ? 153 ARG A CG  1 
ATOM   1307 C CD  . ARG A 1 152 ? -3.082  -18.840 -8.440  1.00 4.89  ? 153 ARG A CD  1 
ATOM   1308 N NE  . ARG A 1 152 ? -3.919  -19.967 -8.022  1.00 6.81  ? 153 ARG A NE  1 
ATOM   1309 C CZ  . ARG A 1 152 ? -5.128  -20.236 -8.509  1.00 5.93  ? 153 ARG A CZ  1 
ATOM   1310 N NH1 . ARG A 1 152 ? -5.658  -19.471 -9.453  1.00 5.68  ? 153 ARG A NH1 1 
ATOM   1311 N NH2 . ARG A 1 152 ? -5.824  -21.260 -8.030  1.00 6.76  ? 153 ARG A NH2 1 
ATOM   1312 N N   . TYR A 1 153 ? -2.793  -15.656 -4.390  1.00 4.61  ? 154 TYR A N   1 
ATOM   1313 C CA  . TYR A 1 153 ? -1.762  -14.742 -3.899  1.00 5.75  ? 154 TYR A CA  1 
ATOM   1314 C C   . TYR A 1 153 ? -0.706  -14.263 -4.891  1.00 6.64  ? 154 TYR A C   1 
ATOM   1315 O O   . TYR A 1 153 ? -0.248  -13.127 -4.799  1.00 5.46  ? 154 TYR A O   1 
ATOM   1316 C CB  . TYR A 1 153 ? -1.100  -15.321 -2.636  1.00 6.46  ? 154 TYR A CB  1 
ATOM   1317 C CG  . TYR A 1 153 ? -0.205  -16.520 -2.849  1.00 6.32  ? 154 TYR A CG  1 
ATOM   1318 C CD1 . TYR A 1 153 ? 1.109   -16.363 -3.285  1.00 5.69  ? 154 TYR A CD1 1 
ATOM   1319 C CD2 . TYR A 1 153 ? -0.671  -17.811 -2.613  1.00 6.19  ? 154 TYR A CD2 1 
ATOM   1320 C CE1 . TYR A 1 153 ? 1.941   -17.463 -3.483  1.00 5.39  ? 154 TYR A CE1 1 
ATOM   1321 C CE2 . TYR A 1 153 ? 0.151   -18.920 -2.810  1.00 5.45  ? 154 TYR A CE2 1 
ATOM   1322 C CZ  . TYR A 1 153 ? 1.456   -18.736 -3.246  1.00 8.19  ? 154 TYR A CZ  1 
ATOM   1323 O OH  . TYR A 1 153 ? 2.271   -19.824 -3.460  1.00 6.77  ? 154 TYR A OH  1 
ATOM   1324 N N   . HIS A 1 154 ? -0.328  -15.108 -5.843  1.00 5.86  ? 155 HIS A N   1 
ATOM   1325 C CA  . HIS A 1 154 ? 0.667   -14.714 -6.834  1.00 6.31  ? 155 HIS A CA  1 
ATOM   1326 C C   . HIS A 1 154 ? 0.182   -13.470 -7.582  1.00 5.50  ? 155 HIS A C   1 
ATOM   1327 O O   . HIS A 1 154 ? 0.980   -12.621 -7.992  1.00 6.09  ? 155 HIS A O   1 
ATOM   1328 C CB  . HIS A 1 154 ? 0.897   -15.857 -7.825  1.00 7.68  ? 155 HIS A CB  1 
ATOM   1329 C CG  . HIS A 1 154 ? 1.856   -15.526 -8.927  1.00 8.42  ? 155 HIS A CG  1 
ATOM   1330 N ND1 . HIS A 1 154 ? 3.180   -15.224 -8.695  1.00 9.84  ? 155 HIS A ND1 1 
ATOM   1331 C CD2 . HIS A 1 154 ? 1.683   -15.453 -10.267 1.00 9.98  ? 155 HIS A CD2 1 
ATOM   1332 C CE1 . HIS A 1 154 ? 3.783   -14.982 -9.846  1.00 10.51 ? 155 HIS A CE1 1 
ATOM   1333 N NE2 . HIS A 1 154 ? 2.896   -15.112 -10.815 1.00 11.89 ? 155 HIS A NE2 1 
ATOM   1334 N N   . GLU A 1 155 ? -1.133  -13.371 -7.749  1.00 5.92  ? 156 GLU A N   1 
ATOM   1335 C CA  . GLU A 1 155 ? -1.744  -12.255 -8.460  1.00 6.66  ? 156 GLU A CA  1 
ATOM   1336 C C   . GLU A 1 155 ? -1.552  -10.894 -7.793  1.00 5.67  ? 156 GLU A C   1 
ATOM   1337 O O   . GLU A 1 155 ? -1.629  -9.868  -8.468  1.00 5.48  ? 156 GLU A O   1 
ATOM   1338 C CB  . GLU A 1 155 ? -3.239  -12.524 -8.673  1.00 7.24  ? 156 GLU A CB  1 
ATOM   1339 C CG  . GLU A 1 155 ? -3.527  -13.805 -9.455  1.00 10.88 ? 156 GLU A CG  1 
ATOM   1340 C CD  . GLU A 1 155 ? -3.157  -13.708 -10.925 1.00 13.76 ? 156 GLU A CD  1 
ATOM   1341 O OE1 . GLU A 1 155 ? -3.149  -14.759 -11.602 1.00 17.19 ? 156 GLU A OE1 1 
ATOM   1342 O OE2 . GLU A 1 155 ? -2.888  -12.589 -11.412 1.00 14.14 ? 156 GLU A OE2 1 
ATOM   1343 N N   . TRP A 1 156 ? -1.329  -10.861 -6.479  1.00 6.60  ? 157 TRP A N   1 
ATOM   1344 C CA  . TRP A 1 156 ? -1.108  -9.569  -5.838  1.00 6.54  ? 157 TRP A CA  1 
ATOM   1345 C C   . TRP A 1 156 ? 0.369   -9.327  -5.515  1.00 7.93  ? 157 TRP A C   1 
ATOM   1346 O O   . TRP A 1 156 ? 0.718   -8.444  -4.734  1.00 7.98  ? 157 TRP A O   1 
ATOM   1347 C CB  . TRP A 1 156 ? -2.022  -9.377  -4.602  1.00 6.95  ? 157 TRP A CB  1 
ATOM   1348 C CG  . TRP A 1 156 ? -1.891  -10.337 -3.449  1.00 4.28  ? 157 TRP A CG  1 
ATOM   1349 C CD1 . TRP A 1 156 ? -0.936  -10.326 -2.471  1.00 4.59  ? 157 TRP A CD1 1 
ATOM   1350 C CD2 . TRP A 1 156 ? -2.817  -11.371 -3.091  1.00 5.12  ? 157 TRP A CD2 1 
ATOM   1351 N NE1 . TRP A 1 156 ? -1.219  -11.279 -1.521  1.00 4.50  ? 157 TRP A NE1 1 
ATOM   1352 C CE2 . TRP A 1 156 ? -2.366  -11.936 -1.878  1.00 5.45  ? 157 TRP A CE2 1 
ATOM   1353 C CE3 . TRP A 1 156 ? -3.988  -11.872 -3.678  1.00 7.00  ? 157 TRP A CE3 1 
ATOM   1354 C CZ2 . TRP A 1 156 ? -3.045  -12.980 -1.237  1.00 5.85  ? 157 TRP A CZ2 1 
ATOM   1355 C CZ3 . TRP A 1 156 ? -4.664  -12.911 -3.042  1.00 5.01  ? 157 TRP A CZ3 1 
ATOM   1356 C CH2 . TRP A 1 156 ? -4.188  -13.453 -1.832  1.00 5.19  ? 157 TRP A CH2 1 
ATOM   1357 N N   . GLY A 1 157 ? 1.232   -10.114 -6.156  1.00 6.85  ? 158 GLY A N   1 
ATOM   1358 C CA  . GLY A 1 157 ? 2.670   -9.961  -5.998  1.00 8.26  ? 158 GLY A CA  1 
ATOM   1359 C C   . GLY A 1 157 ? 3.348   -10.532 -4.770  1.00 9.22  ? 158 GLY A C   1 
ATOM   1360 O O   . GLY A 1 157 ? 4.521   -10.243 -4.520  1.00 9.38  ? 158 GLY A O   1 
ATOM   1361 N N   . ALA A 1 158 ? 2.634   -11.352 -4.010  1.00 8.86  ? 159 ALA A N   1 
ATOM   1362 C CA  . ALA A 1 158 ? 3.201   -11.949 -2.809  1.00 9.69  ? 159 ALA A CA  1 
ATOM   1363 C C   . ALA A 1 158 ? 3.827   -13.312 -3.088  1.00 10.76 ? 159 ALA A C   1 
ATOM   1364 O O   . ALA A 1 158 ? 3.400   -14.027 -3.992  1.00 9.98  ? 159 ALA A O   1 
ATOM   1365 C CB  . ALA A 1 158 ? 2.123   -12.087 -1.745  1.00 10.08 ? 159 ALA A CB  1 
ATOM   1366 N N   . VAL A 1 159 ? 4.850   -13.656 -2.311  1.00 10.91 ? 160 VAL A N   1 
ATOM   1367 C CA  . VAL A 1 159 ? 5.516   -14.949 -2.433  1.00 12.76 ? 160 VAL A CA  1 
ATOM   1368 C C   . VAL A 1 159 ? 5.067   -15.758 -1.226  1.00 15.35 ? 160 VAL A C   1 
ATOM   1369 O O   . VAL A 1 159 ? 5.389   -16.939 -1.080  1.00 14.19 ? 160 VAL A O   1 
ATOM   1370 C CB  . VAL A 1 159 ? 7.056   -14.814 -2.414  1.00 12.62 ? 160 VAL A CB  1 
ATOM   1371 C CG1 . VAL A 1 159 ? 7.530   -14.134 -3.685  1.00 14.24 ? 160 VAL A CG1 1 
ATOM   1372 C CG2 . VAL A 1 159 ? 7.499   -14.028 -1.191  1.00 12.02 ? 160 VAL A CG2 1 
ATOM   1373 N N   . ASP A 1 160 ? 4.310   -15.082 -0.368  1.00 17.54 ? 161 ASP A N   1 
ATOM   1374 C CA  . ASP A 1 160 ? 3.759   -15.655 0.851   1.00 20.41 ? 161 ASP A CA  1 
ATOM   1375 C C   . ASP A 1 160 ? 2.241   -15.498 0.714   1.00 20.51 ? 161 ASP A C   1 
ATOM   1376 O O   . ASP A 1 160 ? 1.767   -14.626 -0.016  1.00 21.35 ? 161 ASP A O   1 
ATOM   1377 C CB  . ASP A 1 160 ? 4.268   -14.863 2.062   1.00 22.57 ? 161 ASP A CB  1 
ATOM   1378 C CG  . ASP A 1 160 ? 4.013   -15.569 3.379   1.00 24.73 ? 161 ASP A CG  1 
ATOM   1379 O OD1 . ASP A 1 160 ? 2.862   -15.981 3.628   1.00 26.44 ? 161 ASP A OD1 1 
ATOM   1380 O OD2 . ASP A 1 160 ? 4.968   -15.699 4.175   1.00 27.54 ? 161 ASP A OD2 1 
ATOM   1381 N N   . ALA A 1 161 ? 1.475   -16.337 1.400   1.00 18.60 ? 162 ALA A N   1 
ATOM   1382 C CA  . ALA A 1 161 ? 0.021   -16.250 1.319   1.00 16.53 ? 162 ALA A CA  1 
ATOM   1383 C C   . ALA A 1 161 ? -0.568  -15.581 2.557   1.00 15.05 ? 162 ALA A C   1 
ATOM   1384 O O   . ALA A 1 161 ? -1.785  -15.436 2.674   1.00 15.18 ? 162 ALA A O   1 
ATOM   1385 C CB  . ALA A 1 161 ? -0.574  -17.636 1.146   1.00 17.56 ? 162 ALA A CB  1 
ATOM   1386 N N   . ARG A 1 162 ? 0.297   -15.166 3.475   1.00 13.94 ? 163 ARG A N   1 
ATOM   1387 C CA  . ARG A 1 162 ? -0.148  -14.531 4.710   1.00 11.90 ? 163 ARG A CA  1 
ATOM   1388 C C   . ARG A 1 162 ? -0.798  -13.163 4.500   1.00 9.97  ? 163 ARG A C   1 
ATOM   1389 O O   . ARG A 1 162 ? -0.230  -12.285 3.848   1.00 9.56  ? 163 ARG A O   1 
ATOM   1390 C CB  . ARG A 1 162 ? 1.030   -14.393 5.676   1.00 14.40 ? 163 ARG A CB  1 
ATOM   1391 C CG  . ARG A 1 162 ? 0.657   -13.863 7.051   1.00 18.56 ? 163 ARG A CG  1 
ATOM   1392 C CD  . ARG A 1 162 ? 1.896   -13.697 7.918   1.00 23.20 ? 163 ARG A CD  1 
ATOM   1393 N NE  . ARG A 1 162 ? 1.598   -13.056 9.194   1.00 27.41 ? 163 ARG A NE  1 
ATOM   1394 C CZ  . ARG A 1 162 ? 0.919   -13.630 10.180  1.00 29.54 ? 163 ARG A CZ  1 
ATOM   1395 N NH1 . ARG A 1 162 ? 0.464   -14.867 10.038  1.00 31.45 ? 163 ARG A NH1 1 
ATOM   1396 N NH2 . ARG A 1 162 ? 0.694   -12.967 11.307  1.00 30.52 ? 163 ARG A NH2 1 
ATOM   1397 N N   . VAL A 1 163 ? -1.994  -13.001 5.060   1.00 7.73  ? 164 VAL A N   1 
ATOM   1398 C CA  . VAL A 1 163 ? -2.744  -11.748 4.982   1.00 6.20  ? 164 VAL A CA  1 
ATOM   1399 C C   . VAL A 1 163 ? -3.295  -11.441 6.378   1.00 6.75  ? 164 VAL A C   1 
ATOM   1400 O O   . VAL A 1 163 ? -3.447  -12.351 7.198   1.00 5.51  ? 164 VAL A O   1 
ATOM   1401 C CB  . VAL A 1 163 ? -3.912  -11.836 3.969   1.00 5.27  ? 164 VAL A CB  1 
ATOM   1402 C CG1 . VAL A 1 163 ? -3.367  -11.999 2.557   1.00 8.75  ? 164 VAL A CG1 1 
ATOM   1403 C CG2 . VAL A 1 163 ? -4.826  -12.991 4.322   1.00 8.21  ? 164 VAL A CG2 1 
ATOM   1404 N N   . GLY A 1 164 ? -3.587  -10.170 6.649   1.00 5.56  ? 165 GLY A N   1 
ATOM   1405 C CA  . GLY A 1 164 ? -4.085  -9.797  7.964   1.00 5.92  ? 165 GLY A CA  1 
ATOM   1406 C C   . GLY A 1 164 ? -5.057  -8.630  8.031   1.00 6.00  ? 165 GLY A C   1 
ATOM   1407 O O   . GLY A 1 164 ? -5.951  -8.619  8.876   1.00 5.19  ? 165 GLY A O   1 
ATOM   1408 N N   . SER A 1 165 ? -4.886  -7.637  7.167   1.00 5.31  ? 166 SER A N   1 
ATOM   1409 C CA  . SER A 1 165 ? -5.795  -6.496  7.169   1.00 6.50  ? 166 SER A CA  1 
ATOM   1410 C C   . SER A 1 165 ? -5.938  -5.854  5.791   1.00 7.03  ? 166 SER A C   1 
ATOM   1411 O O   . SER A 1 165 ? -5.133  -6.093  4.887   1.00 6.25  ? 166 SER A O   1 
ATOM   1412 C CB  . SER A 1 165 ? -5.370  -5.460  8.221   1.00 6.52  ? 166 SER A CB  1 
ATOM   1413 O OG  . SER A 1 165 ? -3.994  -5.144  8.138   1.00 7.03  ? 166 SER A OG  1 
ATOM   1414 N N   . LEU A 1 166 ? -6.971  -5.036  5.638   1.00 6.86  ? 167 LEU A N   1 
ATOM   1415 C CA  . LEU A 1 166 ? -7.252  -4.406  4.359   1.00 7.92  ? 167 LEU A CA  1 
ATOM   1416 C C   . LEU A 1 166 ? -7.787  -2.987  4.556   1.00 10.01 ? 167 LEU A C   1 
ATOM   1417 O O   . LEU A 1 166 ? -8.752  -2.777  5.292   1.00 11.18 ? 167 LEU A O   1 
ATOM   1418 C CB  . LEU A 1 166 ? -8.278  -5.287  3.628   1.00 9.90  ? 167 LEU A CB  1 
ATOM   1419 C CG  . LEU A 1 166 ? -8.550  -5.294  2.125   1.00 11.09 ? 167 LEU A CG  1 
ATOM   1420 C CD1 . LEU A 1 166 ? -7.262  -5.339  1.326   1.00 9.95  ? 167 LEU A CD1 1 
ATOM   1421 C CD2 . LEU A 1 166 ? -9.406  -6.522  1.816   1.00 9.00  ? 167 LEU A CD2 1 
ATOM   1422 N N   . ARG A 1 167 ? -7.160  -2.008  3.910   1.00 8.86  ? 168 ARG A N   1 
ATOM   1423 C CA  . ARG A 1 167 ? -7.618  -0.627  4.038   1.00 11.19 ? 168 ARG A CA  1 
ATOM   1424 C C   . ARG A 1 167 ? -7.768  0.064   2.686   1.00 9.96  ? 168 ARG A C   1 
ATOM   1425 O O   . ARG A 1 167 ? -6.993  -0.175  1.764   1.00 8.88  ? 168 ARG A O   1 
ATOM   1426 C CB  . ARG A 1 167 ? -6.670  0.191   4.922   1.00 14.11 ? 168 ARG A CB  1 
ATOM   1427 C CG  . ARG A 1 167 ? -5.288  0.412   4.346   1.00 17.55 ? 168 ARG A CG  1 
ATOM   1428 C CD  . ARG A 1 167 ? -4.591  1.607   4.997   1.00 21.79 ? 168 ARG A CD  1 
ATOM   1429 N NE  . ARG A 1 167 ? -4.741  1.625   6.450   1.00 25.50 ? 168 ARG A NE  1 
ATOM   1430 C CZ  . ARG A 1 167 ? -3.959  2.316   7.273   1.00 26.43 ? 168 ARG A CZ  1 
ATOM   1431 N NH1 . ARG A 1 167 ? -2.964  3.045   6.786   1.00 29.25 ? 168 ARG A NH1 1 
ATOM   1432 N NH2 . ARG A 1 167 ? -4.171  2.285   8.582   1.00 27.41 ? 168 ARG A NH2 1 
ATOM   1433 N N   . ARG A 1 168 ? -8.780  0.919   2.581   1.00 8.83  ? 169 ARG A N   1 
ATOM   1434 C CA  . ARG A 1 168 ? -9.041  1.654   1.351   1.00 8.38  ? 169 ARG A CA  1 
ATOM   1435 C C   . ARG A 1 168 ? -8.079  2.829   1.247   1.00 8.02  ? 169 ARG A C   1 
ATOM   1436 O O   . ARG A 1 168 ? -7.793  3.484   2.246   1.00 8.71  ? 169 ARG A O   1 
ATOM   1437 C CB  . ARG A 1 168 ? -10.467 2.203   1.357   1.00 8.07  ? 169 ARG A CB  1 
ATOM   1438 C CG  . ARG A 1 168 ? -11.551 1.176   1.616   1.00 6.80  ? 169 ARG A CG  1 
ATOM   1439 C CD  . ARG A 1 168 ? -12.802 1.881   2.108   1.00 8.54  ? 169 ARG A CD  1 
ATOM   1440 N NE  . ARG A 1 168 ? -12.519 2.597   3.348   1.00 9.39  ? 169 ARG A NE  1 
ATOM   1441 C CZ  . ARG A 1 168 ? -12.970 3.814   3.636   1.00 12.03 ? 169 ARG A CZ  1 
ATOM   1442 N NH1 . ARG A 1 168 ? -13.741 4.464   2.774   1.00 12.36 ? 169 ARG A NH1 1 
ATOM   1443 N NH2 . ARG A 1 168 ? -12.624 4.391   4.778   1.00 14.63 ? 169 ARG A NH2 1 
ATOM   1444 N N   . ALA A 1 169 ? -7.571  3.090   0.046   1.00 10.26 ? 170 ALA A N   1 
ATOM   1445 C CA  . ALA A 1 169 ? -6.679  4.228   -0.151  1.00 11.32 ? 170 ALA A CA  1 
ATOM   1446 C C   . ALA A 1 169 ? -7.583  5.426   -0.426  1.00 13.95 ? 170 ALA A C   1 
ATOM   1447 O O   . ALA A 1 169 ? -8.112  5.571   -1.529  1.00 14.11 ? 170 ALA A O   1 
ATOM   1448 C CB  . ALA A 1 169 ? -5.747  3.982   -1.336  1.00 12.42 ? 170 ALA A CB  1 
ATOM   1449 N N   . VAL A 1 170 ? -7.777  6.274   0.580   1.00 13.83 ? 171 VAL A N   1 
ATOM   1450 C CA  . VAL A 1 170 ? -8.639  7.441   0.423   1.00 17.40 ? 171 VAL A CA  1 
ATOM   1451 C C   . VAL A 1 170 ? -8.034  8.715   1.007   1.00 20.46 ? 171 VAL A C   1 
ATOM   1452 O O   . VAL A 1 170 ? -7.405  8.688   2.062   1.00 21.34 ? 171 VAL A O   1 
ATOM   1453 C CB  . VAL A 1 170 ? -10.011 7.213   1.092   1.00 16.51 ? 171 VAL A CB  1 
ATOM   1454 C CG1 . VAL A 1 170 ? -10.755 6.103   0.379   1.00 16.87 ? 171 VAL A CG1 1 
ATOM   1455 C CG2 . VAL A 1 170 ? -9.824  6.858   2.555   1.00 15.88 ? 171 VAL A CG2 1 
ATOM   1456 N N   . ASP A 1 171 ? -8.227  9.828   0.307   1.00 23.71 ? 172 ASP A N   1 
ATOM   1457 C CA  . ASP A 1 171 ? -7.721  11.120  0.758   1.00 27.57 ? 172 ASP A CA  1 
ATOM   1458 C C   . ASP A 1 171 ? -8.876  12.115  0.698   1.00 29.89 ? 172 ASP A C   1 
ATOM   1459 O O   . ASP A 1 171 ? -9.837  11.907  -0.041  1.00 30.56 ? 172 ASP A O   1 
ATOM   1460 C CB  . ASP A 1 171 ? -6.566  11.586  -0.137  1.00 27.79 ? 172 ASP A CB  1 
ATOM   1461 C CG  . ASP A 1 171 ? -5.820  12.778  0.444   1.00 28.42 ? 172 ASP A CG  1 
ATOM   1462 O OD1 . ASP A 1 171 ? -5.398  12.700  1.616   1.00 28.79 ? 172 ASP A OD1 1 
ATOM   1463 O OD2 . ASP A 1 171 ? -5.650  13.791  -0.269  1.00 27.52 ? 172 ASP A OD2 1 
ATOM   1464 N N   . PHE A 1 172 ? -8.781  13.190  1.475   1.00 32.54 ? 173 PHE A N   1 
ATOM   1465 C CA  . PHE A 1 172 ? -9.833  14.205  1.513   1.00 34.63 ? 173 PHE A CA  1 
ATOM   1466 C C   . PHE A 1 172 ? -9.930  14.955  0.185   1.00 35.63 ? 173 PHE A C   1 
ATOM   1467 O O   . PHE A 1 172 ? -9.035  14.865  -0.656  1.00 34.93 ? 173 PHE A O   1 
ATOM   1468 C CB  . PHE A 1 172 ? -9.557  15.215  2.633   1.00 36.13 ? 173 PHE A CB  1 
ATOM   1469 C CG  . PHE A 1 172 ? -8.657  14.695  3.718   1.00 37.51 ? 173 PHE A CG  1 
ATOM   1470 C CD1 . PHE A 1 172 ? -9.032  13.603  4.494   1.00 38.45 ? 173 PHE A CD1 1 
ATOM   1471 C CD2 . PHE A 1 172 ? -7.427  15.297  3.958   1.00 38.10 ? 173 PHE A CD2 1 
ATOM   1472 C CE1 . PHE A 1 172 ? -8.190  13.117  5.495   1.00 38.96 ? 173 PHE A CE1 1 
ATOM   1473 C CE2 . PHE A 1 172 ? -6.581  14.820  4.953   1.00 38.03 ? 173 PHE A CE2 1 
ATOM   1474 C CZ  . PHE A 1 172 ? -6.962  13.728  5.724   1.00 38.68 ? 173 PHE A CZ  1 
ATOM   1475 N N   . TYR A 1 173 ? -11.020 15.696  0.003   1.00 36.77 ? 174 TYR A N   1 
ATOM   1476 C CA  . TYR A 1 173 ? -11.221 16.477  -1.212  1.00 38.65 ? 174 TYR A CA  1 
ATOM   1477 C C   . TYR A 1 173 ? -10.292 17.682  -1.214  1.00 39.35 ? 174 TYR A C   1 
ATOM   1478 O O   . TYR A 1 173 ? -9.485  17.797  -0.268  1.00 39.80 ? 174 TYR A O   1 
ATOM   1479 C CB  . TYR A 1 173 ? -12.670 16.962  -1.318  1.00 38.20 ? 174 TYR A CB  1 
ATOM   1480 C CG  . TYR A 1 173 ? -13.655 15.909  -1.770  1.00 38.54 ? 174 TYR A CG  1 
ATOM   1481 C CD1 . TYR A 1 173 ? -13.502 15.267  -2.999  1.00 38.85 ? 174 TYR A CD1 1 
ATOM   1482 C CD2 . TYR A 1 173 ? -14.747 15.562  -0.976  1.00 38.31 ? 174 TYR A CD2 1 
ATOM   1483 C CE1 . TYR A 1 173 ? -14.414 14.308  -3.429  1.00 39.00 ? 174 TYR A CE1 1 
ATOM   1484 C CE2 . TYR A 1 173 ? -15.667 14.603  -1.398  1.00 39.12 ? 174 TYR A CE2 1 
ATOM   1485 C CZ  . TYR A 1 173 ? -15.493 13.981  -2.626  1.00 39.13 ? 174 TYR A CZ  1 
ATOM   1486 O OH  . TYR A 1 173 ? -16.395 13.035  -3.056  1.00 39.24 ? 174 TYR A OH  1 
ATOM   1487 O OXT . TYR A 1 173 ? -10.389 18.490  -2.159  1.00 41.00 ? 174 TYR A OXT 1 
HETATM 1488 O O   . HOH B 2 .   ? 5.314   17.375  0.555   1.00 7.82  ? 175 HOH A O   1 
HETATM 1489 O O   . HOH B 2 .   ? 3.340   2.190   5.426   1.00 4.93  ? 176 HOH A O   1 
HETATM 1490 O O   . HOH B 2 .   ? -0.191  -7.187  13.835  1.00 7.45  ? 177 HOH A O   1 
HETATM 1491 O O   . HOH B 2 .   ? 0.553   1.958   6.157   1.00 8.03  ? 178 HOH A O   1 
HETATM 1492 O O   . HOH B 2 .   ? -2.343  -3.542  -7.939  1.00 7.17  ? 179 HOH A O   1 
HETATM 1493 O O   . HOH B 2 .   ? 11.826  1.747   3.336   1.00 7.09  ? 180 HOH A O   1 
HETATM 1494 O O   . HOH B 2 .   ? -0.088  -12.550 0.961   1.00 6.67  ? 181 HOH A O   1 
HETATM 1495 O O   . HOH B 2 .   ? -5.793  -17.657 5.173   1.00 8.28  ? 182 HOH A O   1 
HETATM 1496 O O   . HOH B 2 .   ? -16.667 -12.257 -7.803  1.00 7.61  ? 183 HOH A O   1 
HETATM 1497 O O   . HOH B 2 .   ? 1.230   5.306   6.289   1.00 9.28  ? 184 HOH A O   1 
HETATM 1498 O O   . HOH B 2 .   ? 1.899   -1.852  -6.358  1.00 7.01  ? 185 HOH A O   1 
HETATM 1499 O O   . HOH B 2 .   ? -13.163 2.127   -8.940  1.00 7.67  ? 186 HOH A O   1 
HETATM 1500 O O   . HOH B 2 .   ? 5.079   -4.028  10.565  1.00 8.26  ? 187 HOH A O   1 
HETATM 1501 O O   . HOH B 2 .   ? -12.534 -13.828 9.572   1.00 8.56  ? 188 HOH A O   1 
HETATM 1502 O O   . HOH B 2 .   ? 7.728   8.826   14.287  1.00 10.37 ? 189 HOH A O   1 
HETATM 1503 O O   . HOH B 2 .   ? 16.628  6.794   -4.864  1.00 9.68  ? 190 HOH A O   1 
HETATM 1504 O O   . HOH B 2 .   ? -3.069  -15.576 6.294   1.00 8.73  ? 191 HOH A O   1 
HETATM 1505 O O   . HOH B 2 .   ? -4.373  9.857   -3.884  1.00 6.96  ? 192 HOH A O   1 
HETATM 1506 O O   . HOH B 2 .   ? -7.306  -8.465  -13.151 1.00 9.09  ? 193 HOH A O   1 
HETATM 1507 O O   . HOH B 2 .   ? -7.449  -1.172  -12.466 1.00 7.48  ? 194 HOH A O   1 
HETATM 1508 O O   . HOH B 2 .   ? -4.371  -6.200  -10.827 1.00 14.68 ? 195 HOH A O   1 
HETATM 1509 O O   . HOH B 2 .   ? -5.048  -8.751  -11.347 1.00 7.19  ? 196 HOH A O   1 
HETATM 1510 O O   . HOH B 2 .   ? 5.478   2.776   12.298  1.00 11.30 ? 197 HOH A O   1 
HETATM 1511 O O   . HOH B 2 .   ? -4.176  -17.543 -2.717  1.00 13.49 ? 198 HOH A O   1 
HETATM 1512 O O   . HOH B 2 .   ? 2.472   -11.857 3.137   1.00 9.13  ? 199 HOH A O   1 
HETATM 1513 O O   . HOH B 2 .   ? -17.721 -18.561 -3.726  1.00 10.76 ? 200 HOH A O   1 
HETATM 1514 O O   . HOH B 2 .   ? 3.952   21.436  4.396   1.00 10.24 ? 201 HOH A O   1 
HETATM 1515 O O   . HOH B 2 .   ? -23.110 -9.608  -4.310  1.00 12.83 ? 202 HOH A O   1 
HETATM 1516 O O   . HOH B 2 .   ? 12.270  -2.031  1.320   1.00 14.14 ? 203 HOH A O   1 
HETATM 1517 O O   . HOH B 2 .   ? -15.318 3.782   -8.133  1.00 14.21 ? 204 HOH A O   1 
HETATM 1518 O O   . HOH B 2 .   ? 8.183   20.562  -0.302  1.00 9.54  ? 205 HOH A O   1 
HETATM 1519 O O   . HOH B 2 .   ? -21.486 -4.991  1.570   1.00 14.27 ? 206 HOH A O   1 
HETATM 1520 O O   . HOH B 2 .   ? -6.523  -11.450 11.098  1.00 8.83  ? 207 HOH A O   1 
HETATM 1521 O O   . HOH B 2 .   ? 13.220  0.610   1.195   1.00 10.13 ? 208 HOH A O   1 
HETATM 1522 O O   . HOH B 2 .   ? 6.918   -9.279  7.591   1.00 14.17 ? 209 HOH A O   1 
HETATM 1523 O O   . HOH B 2 .   ? 15.163  6.943   8.644   1.00 6.52  ? 210 HOH A O   1 
HETATM 1524 O O   . HOH B 2 .   ? -20.187 1.313   -4.515  1.00 8.96  ? 211 HOH A O   1 
HETATM 1525 O O   . HOH B 2 .   ? 19.540  10.439  8.842   1.00 11.57 ? 212 HOH A O   1 
HETATM 1526 O O   . HOH B 2 .   ? -6.625  -13.296 -10.673 1.00 7.52  ? 213 HOH A O   1 
HETATM 1527 O O   . HOH B 2 .   ? -0.597  6.648   -10.331 1.00 9.26  ? 214 HOH A O   1 
HETATM 1528 O O   . HOH B 2 .   ? -14.407 5.510   -1.449  1.00 14.78 ? 215 HOH A O   1 
HETATM 1529 O O   . HOH B 2 .   ? 3.708   -2.097  -8.572  1.00 10.24 ? 216 HOH A O   1 
HETATM 1530 O O   . HOH B 2 .   ? 7.818   19.276  3.636   1.00 12.69 ? 217 HOH A O   1 
HETATM 1531 O O   . HOH B 2 .   ? 12.455  -1.929  10.787  1.00 34.87 ? 218 HOH A O   1 
HETATM 1532 O O   . HOH B 2 .   ? 5.324   -11.900 0.060   1.00 13.36 ? 219 HOH A O   1 
HETATM 1533 O O   . HOH B 2 .   ? -12.487 -20.973 6.898   1.00 10.99 ? 220 HOH A O   1 
HETATM 1534 O O   . HOH B 2 .   ? 6.106   -4.018  -6.182  1.00 9.44  ? 221 HOH A O   1 
HETATM 1535 O O   . HOH B 2 .   ? 0.597   -5.536  -5.320  1.00 13.00 ? 222 HOH A O   1 
HETATM 1536 O O   . HOH B 2 .   ? -9.074  4.557   -5.091  1.00 10.27 ? 223 HOH A O   1 
HETATM 1537 O O   . HOH B 2 .   ? 15.692  5.636   11.107  1.00 11.60 ? 224 HOH A O   1 
HETATM 1538 O O   . HOH B 2 .   ? 0.504   9.883   7.689   1.00 10.16 ? 225 HOH A O   1 
HETATM 1539 O O   . HOH B 2 .   ? -8.740  -4.336  -13.970 1.00 11.67 ? 226 HOH A O   1 
HETATM 1540 O O   . HOH B 2 .   ? -18.835 -13.672 7.250   1.00 11.60 ? 227 HOH A O   1 
HETATM 1541 O O   . HOH B 2 .   ? -6.917  10.095  -9.574  1.00 12.51 ? 228 HOH A O   1 
HETATM 1542 O O   . HOH B 2 .   ? 16.621  6.338   -1.740  1.00 17.17 ? 229 HOH A O   1 
HETATM 1543 O O   . HOH B 2 .   ? -17.601 3.490   -1.383  1.00 11.99 ? 230 HOH A O   1 
HETATM 1544 O O   . HOH B 2 .   ? -13.371 2.114   6.871   1.00 13.09 ? 231 HOH A O   1 
HETATM 1545 O O   . HOH B 2 .   ? 1.807   14.559  10.730  1.00 8.74  ? 232 HOH A O   1 
HETATM 1546 O O   . HOH B 2 .   ? 18.875  1.900   -12.300 1.00 16.64 ? 233 HOH A O   1 
HETATM 1547 O O   . HOH B 2 .   ? -3.250  -17.146 4.010   1.00 17.86 ? 234 HOH A O   1 
HETATM 1548 O O   . HOH B 2 .   ? -12.961 -17.990 -10.661 1.00 13.51 ? 235 HOH A O   1 
HETATM 1549 O O   . HOH B 2 .   ? -15.005 -15.936 -11.889 1.00 11.46 ? 236 HOH A O   1 
HETATM 1550 O O   . HOH B 2 .   ? -19.135 1.397   -1.985  1.00 18.91 ? 237 HOH A O   1 
HETATM 1551 O O   . HOH B 2 .   ? -2.462  9.563   -9.689  1.00 10.38 ? 238 HOH A O   1 
HETATM 1552 O O   . HOH B 2 .   ? -0.745  15.885  -8.390  1.00 15.24 ? 239 HOH A O   1 
HETATM 1553 O O   . HOH B 2 .   ? -8.493  3.601   -11.189 1.00 11.80 ? 240 HOH A O   1 
HETATM 1554 O O   . HOH B 2 .   ? 5.622   -5.494  -0.322  1.00 9.20  ? 241 HOH A O   1 
HETATM 1555 O O   . HOH B 2 .   ? -16.155 3.095   1.043   1.00 16.04 ? 242 HOH A O   1 
HETATM 1556 O O   . HOH B 2 .   ? -13.920 -0.162  9.186   1.00 17.85 ? 243 HOH A O   1 
HETATM 1557 O O   . HOH B 2 .   ? -10.225 7.296   -3.499  1.00 9.57  ? 244 HOH A O   1 
HETATM 1558 O O   . HOH B 2 .   ? 8.387   -4.779  3.264   1.00 14.46 ? 245 HOH A O   1 
HETATM 1559 O O   . HOH B 2 .   ? -18.330 6.083   -1.955  1.00 14.02 ? 246 HOH A O   1 
HETATM 1560 O O   . HOH B 2 .   ? 13.042  -2.505  -11.230 1.00 16.65 ? 247 HOH A O   1 
HETATM 1561 O O   . HOH B 2 .   ? 3.922   5.462   15.130  1.00 14.71 ? 248 HOH A O   1 
HETATM 1562 O O   . HOH B 2 .   ? -13.239 -15.764 11.762  1.00 13.15 ? 249 HOH A O   1 
HETATM 1563 O O   . HOH B 2 .   ? 2.347   9.871   9.726   1.00 11.64 ? 250 HOH A O   1 
HETATM 1564 O O   . HOH B 2 .   ? -1.026  4.036   -10.599 1.00 14.00 ? 251 HOH A O   1 
HETATM 1565 O O   . HOH B 2 .   ? -3.436  11.135  2.283   1.00 16.86 ? 252 HOH A O   1 
HETATM 1566 O O   . HOH B 2 .   ? -3.154  19.017  2.622   1.00 28.17 ? 253 HOH A O   1 
HETATM 1567 O O   . HOH B 2 .   ? 2.454   4.408   8.765   1.00 16.03 ? 254 HOH A O   1 
HETATM 1568 O O   . HOH B 2 .   ? -7.629  18.918  1.830   1.00 21.17 ? 255 HOH A O   1 
HETATM 1569 O O   . HOH B 2 .   ? -14.304 6.508   -9.745  1.00 15.54 ? 256 HOH A O   1 
HETATM 1570 O O   . HOH B 2 .   ? -20.143 -14.643 4.654   1.00 15.72 ? 257 HOH A O   1 
HETATM 1571 O O   . HOH B 2 .   ? -0.428  -1.518  -11.331 1.00 11.63 ? 258 HOH A O   1 
HETATM 1572 O O   . HOH B 2 .   ? -9.429  -23.707 -6.941  1.00 18.21 ? 259 HOH A O   1 
HETATM 1573 O O   . HOH B 2 .   ? -16.634 -23.549 2.508   1.00 20.00 ? 260 HOH A O   1 
HETATM 1574 O O   . HOH B 2 .   ? -3.047  -15.544 -14.187 1.00 18.97 ? 261 HOH A O   1 
HETATM 1575 O O   . HOH B 2 .   ? -9.816  -22.592 2.602   1.00 14.44 ? 262 HOH A O   1 
HETATM 1576 O O   . HOH B 2 .   ? -9.742  0.142   11.035  1.00 17.76 ? 263 HOH A O   1 
HETATM 1577 O O   . HOH B 2 .   ? -6.602  -6.436  16.981  1.00 20.50 ? 264 HOH A O   1 
HETATM 1578 O O   . HOH B 2 .   ? 5.740   -3.770  2.580   1.00 10.73 ? 265 HOH A O   1 
HETATM 1579 O O   . HOH B 2 .   ? 22.236  5.325   4.482   1.00 18.46 ? 266 HOH A O   1 
HETATM 1580 O O   . HOH B 2 .   ? -21.969 -6.081  -6.212  1.00 12.59 ? 267 HOH A O   1 
HETATM 1581 O O   . HOH B 2 .   ? 4.519   -15.630 -5.969  1.00 13.32 ? 268 HOH A O   1 
HETATM 1582 O O   . HOH B 2 .   ? 20.722  7.459   -6.322  1.00 12.01 ? 269 HOH A O   1 
HETATM 1583 O O   . HOH B 2 .   ? 16.548  14.213  -0.853  1.00 19.75 ? 270 HOH A O   1 
HETATM 1584 O O   . HOH B 2 .   ? -12.062 -3.996  11.225  1.00 24.67 ? 271 HOH A O   1 
HETATM 1585 O O   . HOH B 2 .   ? -18.972 -2.999  -8.749  1.00 14.89 ? 272 HOH A O   1 
HETATM 1586 O O   . HOH B 2 .   ? -2.389  -9.952  -11.119 1.00 18.95 ? 273 HOH A O   1 
HETATM 1587 O O   . HOH B 2 .   ? -0.009  1.446   14.787  1.00 24.56 ? 274 HOH A O   1 
HETATM 1588 O O   . HOH B 2 .   ? -6.953  7.418   -3.489  1.00 18.25 ? 275 HOH A O   1 
HETATM 1589 O O   . HOH B 2 .   ? -6.754  -24.025 -5.383  1.00 18.44 ? 276 HOH A O   1 
HETATM 1590 O O   . HOH B 2 .   ? 17.858  -1.808  -2.266  1.00 15.50 ? 277 HOH A O   1 
HETATM 1591 O O   . HOH B 2 .   ? -14.071 -0.122  -10.703 1.00 17.31 ? 278 HOH A O   1 
HETATM 1592 O O   . HOH B 2 .   ? -14.505 -4.619  6.578   1.00 19.27 ? 279 HOH A O   1 
HETATM 1593 O O   . HOH B 2 .   ? 23.085  15.690  4.656   1.00 27.79 ? 280 HOH A O   1 
HETATM 1594 O O   . HOH B 2 .   ? 5.684   -2.648  5.504   1.00 12.98 ? 281 HOH A O   1 
HETATM 1595 O O   . HOH B 2 .   ? 20.382  3.278   -6.047  1.00 20.55 ? 282 HOH A O   1 
HETATM 1596 O O   . HOH B 2 .   ? -9.130  4.206   4.699   1.00 21.27 ? 283 HOH A O   1 
HETATM 1597 O O   . HOH B 2 .   ? -9.477  -16.449 13.787  1.00 21.01 ? 284 HOH A O   1 
HETATM 1598 O O   . HOH B 2 .   ? 11.908  -3.378  -13.652 1.00 20.98 ? 285 HOH A O   1 
HETATM 1599 O O   . HOH B 2 .   ? 19.824  0.456   -8.754  1.00 18.10 ? 286 HOH A O   1 
HETATM 1600 O O   . HOH B 2 .   ? -16.501 -21.187 8.526   1.00 18.76 ? 287 HOH A O   1 
HETATM 1601 O O   . HOH B 2 .   ? 18.886  14.527  10.825  1.00 24.41 ? 288 HOH A O   1 
HETATM 1602 O O   . HOH B 2 .   ? -8.027  -22.505 -1.721  1.00 17.45 ? 289 HOH A O   1 
HETATM 1603 O O   . HOH B 2 .   ? 6.181   -18.717 -2.951  1.00 28.98 ? 290 HOH A O   1 
HETATM 1604 O O   . HOH B 2 .   ? -1.829  -12.410 9.815   1.00 15.66 ? 291 HOH A O   1 
HETATM 1605 O O   . HOH B 2 .   ? -10.778 -23.116 -4.817  1.00 15.67 ? 292 HOH A O   1 
HETATM 1606 O O   . HOH B 2 .   ? 8.612   8.224   -14.460 1.00 17.07 ? 293 HOH A O   1 
HETATM 1607 O O   . HOH B 2 .   ? 12.380  19.821  -4.982  1.00 19.18 ? 294 HOH A O   1 
HETATM 1608 O O   . HOH B 2 .   ? 18.914  2.111   5.664   1.00 17.36 ? 295 HOH A O   1 
HETATM 1609 O O   . HOH B 2 .   ? -17.216 9.715   -3.831  1.00 20.25 ? 296 HOH A O   1 
HETATM 1610 O O   . HOH B 2 .   ? -20.789 -17.145 1.321   1.00 21.50 ? 297 HOH A O   1 
HETATM 1611 O O   . HOH B 2 .   ? -7.458  -2.793  16.919  1.00 25.91 ? 298 HOH A O   1 
HETATM 1612 O O   . HOH B 2 .   ? 0.306   0.681   10.711  1.00 14.76 ? 299 HOH A O   1 
HETATM 1613 O O   . HOH B 2 .   ? 1.762   0.418   13.020  1.00 15.70 ? 300 HOH A O   1 
HETATM 1614 O O   . HOH B 2 .   ? -3.984  -15.418 1.116   1.00 14.17 ? 301 HOH A O   1 
HETATM 1615 O O   . HOH B 2 .   ? 13.965  9.517   -13.608 1.00 21.86 ? 302 HOH A O   1 
HETATM 1616 O O   . HOH B 2 .   ? 3.002   -17.993 5.153   1.00 28.89 ? 303 HOH A O   1 
HETATM 1617 O O   . HOH B 2 .   ? 10.795  21.177  6.418   1.00 27.47 ? 304 HOH A O   1 
HETATM 1618 O O   . HOH B 2 .   ? -17.265 -4.525  7.015   1.00 33.45 ? 305 HOH A O   1 
HETATM 1619 O O   . HOH B 2 .   ? 4.169   -20.183 -1.521  1.00 17.57 ? 306 HOH A O   1 
HETATM 1620 O O   . HOH B 2 .   ? 5.966   -6.065  -3.164  1.00 16.80 ? 307 HOH A O   1 
HETATM 1621 O O   . HOH B 2 .   ? -24.298 -0.870  -2.512  1.00 19.79 ? 308 HOH A O   1 
HETATM 1622 O O   . HOH B 2 .   ? 19.194  5.007   7.554   1.00 21.99 ? 309 HOH A O   1 
HETATM 1623 O O   . HOH B 2 .   ? 10.882  20.415  9.554   1.00 15.65 ? 310 HOH A O   1 
HETATM 1624 O O   . HOH B 2 .   ? -17.480 -17.445 -7.429  1.00 25.70 ? 311 HOH A O   1 
HETATM 1625 O O   . HOH B 2 .   ? 6.032   23.557  -1.939  1.00 25.28 ? 312 HOH A O   1 
HETATM 1626 O O   . HOH B 2 .   ? -19.247 -14.568 -5.414  1.00 19.92 ? 313 HOH A O   1 
HETATM 1627 O O   . HOH B 2 .   ? -3.953  14.416  -5.333  1.00 19.00 ? 314 HOH A O   1 
HETATM 1628 O O   . HOH B 2 .   ? 0.121   21.601  -4.630  1.00 31.19 ? 315 HOH A O   1 
HETATM 1629 O O   . HOH B 2 .   ? -9.484  6.302   -10.796 1.00 26.31 ? 316 HOH A O   1 
HETATM 1630 O O   . HOH B 2 .   ? -15.379 -11.504 -11.752 1.00 17.20 ? 317 HOH A O   1 
HETATM 1631 O O   . HOH B 2 .   ? 15.695  20.382  5.361   1.00 16.57 ? 318 HOH A O   1 
HETATM 1632 O O   . HOH B 2 .   ? -2.116  -12.768 13.042  1.00 18.72 ? 319 HOH A O   1 
HETATM 1633 O O   . HOH B 2 .   ? -17.567 -22.554 -3.563  1.00 19.71 ? 320 HOH A O   1 
HETATM 1634 O O   . HOH B 2 .   ? 17.405  20.239  -1.252  1.00 20.76 ? 321 HOH A O   1 
HETATM 1635 O O   . HOH B 2 .   ? 8.753   -6.942  -7.405  1.00 24.04 ? 322 HOH A O   1 
HETATM 1636 O O   . HOH B 2 .   ? 6.309   20.959  1.910   1.00 17.38 ? 323 HOH A O   1 
HETATM 1637 O O   . HOH B 2 .   ? -17.810 -3.084  4.787   1.00 20.38 ? 324 HOH A O   1 
HETATM 1638 O O   . HOH B 2 .   ? -2.439  2.158   11.262  1.00 22.97 ? 325 HOH A O   1 
HETATM 1639 O O   . HOH B 2 .   ? 19.807  -0.815  -0.717  1.00 25.37 ? 326 HOH A O   1 
HETATM 1640 O O   . HOH B 2 .   ? 18.496  -0.394  7.409   1.00 28.65 ? 327 HOH A O   1 
HETATM 1641 O O   . HOH B 2 .   ? -0.052  -7.570  -9.014  1.00 21.34 ? 328 HOH A O   1 
HETATM 1642 O O   . HOH B 2 .   ? 6.451   15.651  -9.955  1.00 24.99 ? 329 HOH A O   1 
HETATM 1643 O O   . HOH B 2 .   ? 7.981   -10.931 0.618   1.00 30.50 ? 330 HOH A O   1 
HETATM 1644 O O   . HOH B 2 .   ? -20.754 -17.249 5.688   1.00 22.85 ? 331 HOH A O   1 
HETATM 1645 O O   . HOH B 2 .   ? 23.690  8.383   0.252   1.00 21.07 ? 332 HOH A O   1 
HETATM 1646 O O   . HOH B 2 .   ? -2.086  0.303   13.226  1.00 22.96 ? 333 HOH A O   1 
HETATM 1647 O O   . HOH B 2 .   ? 11.274  8.861   -12.862 1.00 19.92 ? 334 HOH A O   1 
HETATM 1648 O O   . HOH B 2 .   ? -14.156 9.931   -8.780  1.00 21.50 ? 335 HOH A O   1 
HETATM 1649 O O   . HOH B 2 .   ? -13.415 -13.866 15.722  1.00 26.33 ? 336 HOH A O   1 
HETATM 1650 O O   . HOH B 2 .   ? -14.370 -18.231 11.877  1.00 25.47 ? 337 HOH A O   1 
HETATM 1651 O O   . HOH B 2 .   ? 4.232   11.016  12.502  1.00 18.55 ? 338 HOH A O   1 
HETATM 1652 O O   . HOH B 2 .   ? 4.097   22.509  -0.749  1.00 47.42 ? 339 HOH A O   1 
HETATM 1653 O O   . HOH B 2 .   ? 11.049  19.499  -7.244  1.00 23.67 ? 340 HOH A O   1 
HETATM 1654 O O   . HOH B 2 .   ? 20.839  9.764   6.609   1.00 36.05 ? 341 HOH A O   1 
HETATM 1655 O O   . HOH B 2 .   ? -1.257  20.362  -1.732  1.00 25.14 ? 342 HOH A O   1 
HETATM 1656 O O   . HOH B 2 .   ? 2.540   -19.046 0.985   1.00 26.47 ? 343 HOH A O   1 
HETATM 1657 O O   . HOH B 2 .   ? 22.895  11.504  -3.525  1.00 33.26 ? 344 HOH A O   1 
HETATM 1658 O O   . HOH B 2 .   ? 10.292  -0.710  10.061  1.00 12.04 ? 345 HOH A O   1 
HETATM 1659 O O   . HOH B 2 .   ? -16.414 -11.095 14.765  1.00 28.15 ? 346 HOH A O   1 
HETATM 1660 O O   . HOH B 2 .   ? 11.446  16.636  -11.169 1.00 24.09 ? 347 HOH A O   1 
HETATM 1661 O O   . HOH B 2 .   ? 18.294  7.867   10.509  1.00 32.88 ? 348 HOH A O   1 
HETATM 1662 O O   . HOH B 2 .   ? 1.942   -0.291  -12.367 1.00 23.63 ? 349 HOH A O   1 
HETATM 1663 O O   . HOH B 2 .   ? -4.059  -11.823 -13.987 1.00 28.05 ? 350 HOH A O   1 
HETATM 1664 O O   . HOH B 2 .   ? -20.423 -18.807 -1.080  1.00 25.97 ? 351 HOH A O   1 
HETATM 1665 O O   . HOH B 2 .   ? 5.891   -3.904  -14.302 1.00 33.74 ? 352 HOH A O   1 
HETATM 1666 O O   . HOH B 2 .   ? -17.108 -3.003  -10.570 1.00 27.99 ? 353 HOH A O   1 
HETATM 1667 O O   . HOH B 2 .   ? -0.049  2.779   8.688   1.00 25.48 ? 354 HOH A O   1 
HETATM 1668 O O   . HOH B 2 .   ? 19.756  3.956   0.169   1.00 14.10 ? 355 HOH A O   1 
HETATM 1669 O O   . HOH B 2 .   ? 19.474  18.125  -4.594  1.00 36.54 ? 356 HOH A O   1 
HETATM 1670 O O   . HOH B 2 .   ? 1.431   19.886  -6.647  1.00 29.80 ? 357 HOH A O   1 
HETATM 1671 O O   . HOH B 2 .   ? -7.151  16.346  -1.691  1.00 47.95 ? 358 HOH A O   1 
HETATM 1672 O O   . HOH B 2 .   ? -11.449 -25.486 2.283   1.00 45.49 ? 359 HOH A O   1 
HETATM 1673 O O   . HOH B 2 .   ? 5.726   15.120  13.888  1.00 23.25 ? 360 HOH A O   1 
HETATM 1674 O O   . HOH B 2 .   ? -2.112  -20.614 -5.774  1.00 7.89  ? 361 HOH A O   1 
HETATM 1675 O O   . HOH B 2 .   ? 10.160  6.536   11.903  1.00 16.97 ? 362 HOH A O   1 
HETATM 1676 O O   . HOH B 2 .   ? 10.440  8.774   14.813  1.00 8.33  ? 363 HOH A O   1 
HETATM 1677 O O   . HOH B 2 .   ? -8.410  -10.421 -14.668 1.00 11.82 ? 364 HOH A O   1 
HETATM 1678 O O   . HOH B 2 .   ? -0.605  -18.178 -6.017  1.00 7.31  ? 365 HOH A O   1 
HETATM 1679 O O   . HOH B 2 .   ? -2.036  6.735   -12.480 1.00 11.55 ? 366 HOH A O   1 
HETATM 1680 O O   . HOH B 2 .   ? -1.772  -5.705  -9.837  1.00 7.52  ? 367 HOH A O   1 
HETATM 1681 O O   . HOH B 2 .   ? -0.423  -1.614  -8.502  1.00 7.33  ? 368 HOH A O   1 
HETATM 1682 O O   . HOH B 2 .   ? -7.407  -6.450  -15.049 1.00 12.71 ? 369 HOH A O   1 
HETATM 1683 O O   . HOH B 2 .   ? -17.009 -13.605 -10.618 1.00 14.37 ? 370 HOH A O   1 
HETATM 1684 O O   . HOH B 2 .   ? -3.509  8.832   -11.914 1.00 11.65 ? 371 HOH A O   1 
HETATM 1685 O O   . HOH B 2 .   ? -3.541  -17.621 -0.173  1.00 13.56 ? 372 HOH A O   1 
HETATM 1686 O O   . HOH B 2 .   ? -4.872  11.796  -5.888  1.00 14.43 ? 373 HOH A O   1 
HETATM 1687 O O   . HOH B 2 .   ? 4.617   -6.209  -6.961  1.00 14.54 ? 374 HOH A O   1 
HETATM 1688 O O   . HOH B 2 .   ? -3.934  -4.889  -13.284 1.00 13.82 ? 375 HOH A O   1 
HETATM 1689 O O   . HOH B 2 .   ? -23.921 -7.886  -6.722  1.00 21.21 ? 376 HOH A O   1 
HETATM 1690 O O   . HOH B 2 .   ? 2.183   6.946   10.206  1.00 13.10 ? 377 HOH A O   1 
HETATM 1691 O O   . HOH B 2 .   ? -4.523  11.128  -8.773  1.00 18.24 ? 378 HOH A O   1 
HETATM 1692 O O   . HOH B 2 .   ? -7.447  -14.411 -12.865 1.00 17.34 ? 379 HOH A O   1 
HETATM 1693 O O   . HOH B 2 .   ? -20.070 -16.780 -4.184  1.00 20.59 ? 380 HOH A O   1 
HETATM 1694 O O   . HOH B 2 .   ? 13.453  12.160  13.271  1.00 20.08 ? 381 HOH A O   1 
HETATM 1695 O O   . HOH B 2 .   ? -20.648 -5.040  -8.263  1.00 16.78 ? 382 HOH A O   1 
HETATM 1696 O O   . HOH B 2 .   ? -19.766 -11.418 8.483   1.00 18.19 ? 383 HOH A O   1 
HETATM 1697 O O   . HOH B 2 .   ? -2.150  -19.797 4.360   1.00 17.67 ? 384 HOH A O   1 
HETATM 1698 O O   . HOH B 2 .   ? 19.313  20.299  7.038   1.00 22.52 ? 385 HOH A O   1 
HETATM 1699 O O   . HOH B 2 .   ? 19.219  5.534   -4.887  1.00 21.04 ? 386 HOH A O   1 
HETATM 1700 O O   . HOH B 2 .   ? 13.521  -4.790  -9.773  1.00 21.49 ? 387 HOH A O   1 
HETATM 1701 O O   . HOH B 2 .   ? 21.383  15.511  2.054   1.00 19.69 ? 388 HOH A O   1 
HETATM 1702 O O   . HOH B 2 .   ? -0.509  -4.264  -11.708 1.00 24.61 ? 389 HOH A O   1 
HETATM 1703 O O   . HOH B 2 .   ? 7.121   13.482  15.391  1.00 17.49 ? 390 HOH A O   1 
HETATM 1704 O O   . HOH B 2 .   ? 5.886   10.922  14.516  1.00 17.94 ? 391 HOH A O   1 
HETATM 1705 O O   . HOH B 2 .   ? -12.798 -24.829 -4.392  1.00 25.85 ? 392 HOH A O   1 
HETATM 1706 O O   . HOH B 2 .   ? -8.670  0.109   13.511  1.00 19.79 ? 393 HOH A O   1 
HETATM 1707 O O   . HOH B 2 .   ? -6.643  -12.462 -14.556 1.00 15.89 ? 394 HOH A O   1 
HETATM 1708 O O   . HOH B 2 .   ? -11.471 -23.269 8.139   1.00 17.29 ? 395 HOH A O   1 
HETATM 1709 O O   . HOH B 2 .   ? 5.935   -22.849 -1.455  1.00 19.80 ? 396 HOH A O   1 
HETATM 1710 O O   . HOH B 2 .   ? -19.165 -19.654 -7.682  1.00 25.46 ? 397 HOH A O   1 
HETATM 1711 O O   . HOH B 2 .   ? 7.106   -4.809  9.158   1.00 24.69 ? 398 HOH A O   1 
HETATM 1712 O O   . HOH B 2 .   ? 13.065  20.808  7.872   1.00 22.42 ? 399 HOH A O   1 
HETATM 1713 O O   . HOH B 2 .   ? 3.443   13.571  13.815  1.00 23.96 ? 400 HOH A O   1 
HETATM 1714 O O   . HOH B 2 .   ? -1.721  -16.919 8.146   1.00 25.37 ? 401 HOH A O   1 
HETATM 1715 O O   . HOH B 2 .   ? 0.375   20.839  3.712   1.00 17.35 ? 402 HOH A O   1 
HETATM 1716 O O   . HOH B 2 .   ? 6.148   -13.809 -7.324  1.00 23.01 ? 403 HOH A O   1 
HETATM 1717 O O   . HOH B 2 .   ? -8.570  10.287  4.098   1.00 27.03 ? 404 HOH A O   1 
HETATM 1718 O O   . HOH B 2 .   ? 15.314  -1.770  -12.343 1.00 22.39 ? 405 HOH A O   1 
HETATM 1719 O O   . HOH B 2 .   ? -18.947 -22.611 1.128   1.00 26.74 ? 406 HOH A O   1 
HETATM 1720 O O   . HOH B 2 .   ? 19.799  4.142   -13.801 1.00 21.46 ? 407 HOH A O   1 
HETATM 1721 O O   . HOH B 2 .   ? -1.881  8.616   9.180   1.00 23.35 ? 408 HOH A O   1 
HETATM 1722 O O   . HOH B 2 .   ? -24.828 -1.446  -5.035  1.00 29.72 ? 409 HOH A O   1 
HETATM 1723 O O   . HOH B 2 .   ? -21.337 -18.733 3.251   1.00 26.76 ? 410 HOH A O   1 
HETATM 1724 O O   . HOH B 2 .   ? 0.581   -20.824 0.676   1.00 25.68 ? 411 HOH A O   1 
HETATM 1725 O O   . HOH B 2 .   ? 8.807   17.583  -9.187  1.00 18.93 ? 412 HOH A O   1 
HETATM 1726 O O   . HOH B 2 .   ? -11.447 3.068   -11.427 1.00 32.12 ? 413 HOH A O   1 
HETATM 1727 O O   . HOH B 2 .   ? 14.172  -0.632  13.076  1.00 21.17 ? 414 HOH A O   1 
HETATM 1728 O O   . HOH B 2 .   ? -12.333 -0.132  11.348  1.00 28.20 ? 415 HOH A O   1 
HETATM 1729 O O   . HOH B 2 .   ? -0.963  -8.702  -12.927 1.00 28.10 ? 416 HOH A O   1 
HETATM 1730 O O   . HOH B 2 .   ? -3.420  11.647  7.219   1.00 23.08 ? 417 HOH A O   1 
HETATM 1731 O O   . HOH B 2 .   ? -21.576 1.832   -0.540  1.00 33.56 ? 418 HOH A O   1 
HETATM 1732 O O   . HOH B 2 .   ? 2.403   -4.332  -9.676  1.00 23.56 ? 419 HOH A O   1 
HETATM 1733 O O   . HOH B 2 .   ? -21.539 -0.264  -7.862  1.00 23.08 ? 420 HOH A O   1 
HETATM 1734 O O   . HOH B 2 .   ? 10.410  -12.789 0.719   1.00 30.23 ? 421 HOH A O   1 
HETATM 1735 O O   . HOH B 2 .   ? 7.640   -5.269  5.687   1.00 26.49 ? 422 HOH A O   1 
HETATM 1736 O O   . HOH B 2 .   ? 11.590  21.543  3.333   1.00 26.71 ? 423 HOH A O   1 
HETATM 1737 O O   . HOH B 2 .   ? -15.855 9.877   -10.894 1.00 27.88 ? 424 HOH A O   1 
HETATM 1738 O O   . HOH B 2 .   ? -13.285 7.790   -2.514  1.00 31.86 ? 425 HOH A O   1 
HETATM 1739 O O   . HOH B 2 .   ? 6.201   19.031  -8.724  1.00 25.42 ? 426 HOH A O   1 
HETATM 1740 O O   . HOH B 2 .   ? 1.629   -5.901  -7.714  1.00 21.23 ? 427 HOH A O   1 
HETATM 1741 O O   . HOH B 2 .   ? -1.344  5.426   7.154   1.00 27.28 ? 428 HOH A O   1 
HETATM 1742 O O   . HOH B 2 .   ? 12.907  3.493   -14.631 1.00 32.45 ? 429 HOH A O   1 
HETATM 1743 O O   . HOH B 2 .   ? 3.707   -2.168  6.985   1.00 21.42 ? 430 HOH A O   1 
HETATM 1744 O O   . HOH B 2 .   ? 17.539  -0.503  -8.289  1.00 32.46 ? 431 HOH A O   1 
HETATM 1745 O O   . HOH B 2 .   ? -21.457 3.933   -4.784  1.00 30.47 ? 432 HOH A O   1 
HETATM 1746 O O   . HOH B 2 .   ? 4.175   -19.867 2.837   1.00 25.50 ? 433 HOH A O   1 
HETATM 1747 O O   . HOH B 2 .   ? 21.132  15.619  9.427   1.00 24.64 ? 434 HOH A O   1 
HETATM 1748 O O   . HOH B 2 .   ? 1.817   18.123  -11.159 1.00 35.71 ? 435 HOH A O   1 
HETATM 1749 O O   . HOH B 2 .   ? -16.474 7.257   -11.119 1.00 33.26 ? 436 HOH A O   1 
HETATM 1750 O O   . HOH B 2 .   ? -16.579 -0.243  9.497   1.00 27.49 ? 437 HOH A O   1 
HETATM 1751 O O   . HOH B 2 .   ? 17.440  -3.657  3.988   1.00 30.05 ? 438 HOH A O   1 
HETATM 1752 O O   . HOH B 2 .   ? -14.341 -9.419  15.231  1.00 34.06 ? 439 HOH A O   1 
HETATM 1753 O O   . HOH B 2 .   ? 15.375  11.819  -0.168  1.00 17.90 ? 440 HOH A O   1 
HETATM 1754 O O   . HOH B 2 .   ? 8.842   -7.810  6.573   1.00 27.13 ? 441 HOH A O   1 
HETATM 1755 O O   . HOH B 2 .   ? 9.244   -3.660  7.921   1.00 24.98 ? 442 HOH A O   1 
HETATM 1756 O O   . HOH B 2 .   ? 7.913   -14.983 3.096   1.00 24.17 ? 443 HOH A O   1 
HETATM 1757 O O   . HOH B 2 .   ? 23.495  14.324  -0.990  1.00 29.93 ? 444 HOH A O   1 
HETATM 1758 O O   . HOH B 2 .   ? 16.389  0.889   -13.512 1.00 25.49 ? 445 HOH A O   1 
HETATM 1759 O O   . HOH B 2 .   ? 20.093  -2.732  1.156   1.00 26.93 ? 446 HOH A O   1 
HETATM 1760 O O   . HOH B 2 .   ? -4.349  -19.625 6.206   1.00 28.37 ? 447 HOH A O   1 
HETATM 1761 O O   . HOH B 2 .   ? 14.906  20.277  -4.158  1.00 46.32 ? 448 HOH A O   1 
HETATM 1762 O O   . HOH B 2 .   ? -11.273 -1.969  14.108  1.00 34.55 ? 449 HOH A O   1 
HETATM 1763 O O   . HOH B 2 .   ? 25.504  14.630  4.372   1.00 36.97 ? 450 HOH A O   1 
HETATM 1764 O O   . HOH B 2 .   ? -0.561  10.950  -10.892 1.00 29.43 ? 451 HOH A O   1 
HETATM 1765 O O   . HOH B 2 .   ? -18.823 -20.971 -5.234  1.00 34.32 ? 452 HOH A O   1 
HETATM 1766 O O   . HOH B 2 .   ? 18.124  4.883   10.134  1.00 31.13 ? 453 HOH A O   1 
HETATM 1767 O O   . HOH B 2 .   ? -23.553 -3.409  -6.345  1.00 27.30 ? 454 HOH A O   1 
HETATM 1768 O O   . HOH B 2 .   ? 0.309   12.107  10.957  1.00 30.56 ? 455 HOH A O   1 
HETATM 1769 O O   . HOH B 2 .   ? -17.493 -2.904  9.656   1.00 32.63 ? 456 HOH A O   1 
HETATM 1770 O O   . HOH B 2 .   ? -7.220  2.868   6.162   1.00 65.38 ? 457 HOH A O   1 
HETATM 1771 O O   . HOH B 2 .   ? -3.159  17.929  -4.869  1.00 21.76 ? 458 HOH A O   1 
HETATM 1772 O O   . HOH B 2 .   ? -20.752 -13.535 -7.270  1.00 25.92 ? 459 HOH A O   1 
HETATM 1773 O O   . HOH B 2 .   ? -10.993 -15.653 16.283  1.00 30.23 ? 460 HOH A O   1 
HETATM 1774 O O   . HOH B 2 .   ? 16.510  20.666  2.961   1.00 41.19 ? 461 HOH A O   1 
HETATM 1775 O O   . HOH B 2 .   ? 15.683  -3.404  8.262   1.00 36.41 ? 462 HOH A O   1 
HETATM 1776 O O   . HOH B 2 .   ? -4.574  -0.502  14.190  1.00 35.83 ? 463 HOH A O   1 
HETATM 1777 O O   . HOH B 2 .   ? 3.249   3.368   11.137  1.00 34.61 ? 464 HOH A O   1 
HETATM 1778 O O   . HOH B 2 .   ? 7.357   11.491  -13.931 1.00 33.59 ? 465 HOH A O   1 
HETATM 1779 O O   . HOH B 2 .   ? -1.877  14.456  -10.689 1.00 29.48 ? 466 HOH A O   1 
HETATM 1780 O O   . HOH B 2 .   ? 12.236  11.751  -14.064 1.00 36.88 ? 467 HOH A O   1 
HETATM 1781 O O   . HOH B 2 .   ? -7.349  12.893  -4.616  1.00 28.16 ? 468 HOH A O   1 
HETATM 1782 O O   . HOH B 2 .   ? 9.540   -4.347  -14.581 1.00 35.30 ? 469 HOH A O   1 
HETATM 1783 O O   . HOH B 2 .   ? -6.959  9.971   -3.232  1.00 25.39 ? 470 HOH A O   1 
HETATM 1784 O O   . HOH B 2 .   ? -1.702  21.142  1.784   1.00 27.96 ? 471 HOH A O   1 
HETATM 1785 O O   . HOH B 2 .   ? 17.239  -2.205  -10.554 1.00 19.53 ? 472 HOH A O   1 
HETATM 1786 O O   . HOH B 2 .   ? -8.704  -11.334 19.307  1.00 35.82 ? 473 HOH A O   1 
HETATM 1787 O O   . HOH B 2 .   ? -7.952  3.778   -3.209  1.00 46.52 ? 474 HOH A O   1 
HETATM 1788 O O   . HOH B 2 .   ? 12.560  -7.363  1.730   1.00 30.23 ? 475 HOH A O   1 
HETATM 1789 O O   . HOH B 2 .   ? 14.772  17.974  -10.841 1.00 29.54 ? 476 HOH A O   1 
HETATM 1790 O O   . HOH B 2 .   ? 14.315  -5.592  0.803   1.00 42.95 ? 477 HOH A O   1 
HETATM 1791 O O   . HOH B 2 .   ? 14.304  6.965   -15.615 1.00 35.91 ? 478 HOH A O   1 
HETATM 1792 O O   . HOH B 2 .   ? -13.551 -20.967 9.653   1.00 38.36 ? 479 HOH A O   1 
HETATM 1793 O O   . HOH B 2 .   ? 20.865  6.910   12.008  1.00 34.93 ? 480 HOH A O   1 
HETATM 1794 O O   . HOH B 2 .   ? 15.332  -1.772  10.334  1.00 39.56 ? 481 HOH A O   1 
HETATM 1795 O O   . HOH B 2 .   ? 17.383  21.928  7.138   1.00 36.31 ? 482 HOH A O   1 
HETATM 1796 O O   . HOH B 2 .   ? 17.252  -4.532  0.078   1.00 33.84 ? 483 HOH A O   1 
HETATM 1797 O O   . HOH B 2 .   ? 9.716   22.353  1.287   1.00 24.68 ? 484 HOH A O   1 
HETATM 1798 O O   . HOH B 2 .   ? -1.694  4.802   11.651  1.00 33.19 ? 485 HOH A O   1 
HETATM 1799 O O   . HOH B 2 .   ? 19.181  1.315   9.815   1.00 34.66 ? 486 HOH A O   1 
HETATM 1800 O O   . HOH B 2 .   ? -15.106 -25.109 -3.127  1.00 42.53 ? 487 HOH A O   1 
HETATM 1801 O O   . HOH B 2 .   ? 16.491  -4.532  -9.376  1.00 39.28 ? 488 HOH A O   1 
HETATM 1802 O O   . HOH B 2 .   ? -15.774 -4.160  12.915  1.00 34.22 ? 489 HOH A O   1 
# 
